data_3MIN
#
_entry.id   3MIN
#
_cell.length_a   108.000
_cell.length_b   131.300
_cell.length_c   81.000
_cell.angle_alpha   90.00
_cell.angle_beta   110.70
_cell.angle_gamma   90.00
#
_symmetry.space_group_name_H-M   'P 1 21 1'
#
loop_
_entity.id
_entity.type
_entity.pdbx_description
1 polymer 'NITROGENASE MOLYBDENUM IRON PROTEIN'
2 polymer 'NITROGENASE MOLYBDENUM IRON PROTEIN'
3 non-polymer '3-HYDROXY-3-CARBOXY-ADIPIC ACID'
4 non-polymer 'FE-MO-S CLUSTER'
5 non-polymer 'CALCIUM ION'
6 non-polymer 'FE(8)-S(7) CLUSTER'
7 water water
#
loop_
_entity_poly.entity_id
_entity_poly.type
_entity_poly.pdbx_seq_one_letter_code
_entity_poly.pdbx_strand_id
1 'polypeptide(L)'
;TGMSREEVESLIQEVLEVYPEKARKDRNKHLAVNDPAVTQSKKCIISNKKSQPGLMTIRGCAYAGSKGVVWGPIKDMIHI
SHGPVGCGQYSRAGRRNYYIGTTGVNAFVTMNFTSDFQEKDIVFGGDKKLAKLIDEVETLFPLNKGISVQSECPIGLIGD
DIESVSKVKGAELSKTIVPVRCEGFRGVSQSLGHHIANDAVRDWVLGKRDEDTTFASTPYDVAIIGDYNIGGDAWSSRIL
LEEMGLRCVAQWSGDGSISEIELTPKVKLNLVHCYRSMNYISRHMEEKYGIPWMEYNFFGPTKTIESLRAIAAKFDESIQ
KKCEEVIAKYKPEWEAVVAKYRPRLEGKRVMLYIGGLRPRHVIGAYEDLGMEVVGTGYEFAHNDDYDRTMKEMGDSTLLY
DDVTGYEFEEFVKRIKPDLIGSGIKEKFIFQKMGIPFREMHSWDYSGPYHGFDGFAIFARDMDMTLNNPCWKKLQAPWEA
SEGAEKVAASA
;
A,C
2 'polypeptide(L)'
;SQQVDKIKASYPLFLDQDYKDMLAKKRDGFEEKYPQDKIDEVFQWTTTKEYQELNFQREALTVNPAKACQPLGAVLCALG
FEKTMPYVHGSQGCVAYFRSYFNRHFREPVSCVSDSMTEDAAVFGGQQNMKDGLQNCKATYKPDMIAVSTTCMAEVIGDD
LNAFINNSKKEGFIPDEFPVPFAHTPSFVGSHVTGWDNMFEGIARYFTLKSMDDKVVGSNKKINIVPGFETYLGNFRVIK
RMLSEMGVGYSLLSDPEEVLDTPADGQFRMYAGGTTQEEMKDAPNALNTVLLQPWHLEKTKKFVEGTWKHEVPKLNIPMG
LDWTDEFLMKVSEISGQPIPASLTKERGRLVDMMTDSHTWLHGKRFALWGDPDFVMGLVKFLLELGCEPVHILCHNGNKR
WKKAVDAILAASPYGKNATVYIGKDLWHLRSLVFTDKPDFMIGNSYGKFIQRDTLHKGKEFEVPLIRIGFPIFDRHHLHR
STTLGYEGAMQILTTLVNSILERLDEETRGMQATDYNHDLVR
;
B,D
#
loop_
_chem_comp.id
_chem_comp.type
_chem_comp.name
_chem_comp.formula
CA non-polymer 'CALCIUM ION' 'Ca 2'
CFM non-polymer 'FE-MO-S CLUSTER' 'Fe7 Mo S9'
CLF non-polymer 'FE(8)-S(7) CLUSTER' 'Fe8 S7'
HCA non-polymer '3-HYDROXY-3-CARBOXY-ADIPIC ACID' 'C7 H10 O7'
#
# COMPACT_ATOMS: atom_id res chain seq x y z
N SER A 4 12.09 24.26 -43.23
CA SER A 4 11.05 25.19 -42.88
C SER A 4 10.50 25.76 -44.19
N ARG A 5 9.80 26.90 -44.20
CA ARG A 5 9.22 27.55 -45.38
C ARG A 5 8.26 26.60 -46.07
N GLU A 6 8.40 26.23 -47.35
CA GLU A 6 7.45 25.34 -47.99
C GLU A 6 7.49 23.89 -47.50
N GLU A 7 8.38 23.43 -46.59
CA GLU A 7 8.25 22.07 -46.04
C GLU A 7 6.99 22.06 -45.19
N VAL A 8 6.74 23.17 -44.48
CA VAL A 8 5.61 23.28 -43.58
C VAL A 8 4.36 23.36 -44.44
N GLU A 9 4.41 24.15 -45.52
CA GLU A 9 3.30 24.27 -46.43
C GLU A 9 2.93 22.95 -47.09
N SER A 10 3.89 22.14 -47.56
CA SER A 10 3.56 20.87 -48.17
C SER A 10 3.06 19.90 -47.10
N LEU A 11 3.67 19.89 -45.91
CA LEU A 11 3.19 19.10 -44.78
C LEU A 11 1.70 19.38 -44.56
N ILE A 12 1.25 20.64 -44.50
CA ILE A 12 -0.16 20.95 -44.30
C ILE A 12 -1.00 20.35 -45.42
N GLN A 13 -0.70 20.53 -46.70
CA GLN A 13 -1.57 19.91 -47.70
C GLN A 13 -1.46 18.38 -47.65
N GLU A 14 -0.35 17.79 -47.24
CA GLU A 14 -0.21 16.34 -47.10
C GLU A 14 -1.23 15.80 -46.12
N VAL A 15 -1.28 16.41 -44.95
CA VAL A 15 -2.19 16.03 -43.89
C VAL A 15 -3.63 16.22 -44.35
N LEU A 16 -3.95 17.35 -44.97
CA LEU A 16 -5.33 17.60 -45.37
C LEU A 16 -5.85 16.65 -46.43
N GLU A 17 -4.97 15.94 -47.14
CA GLU A 17 -5.39 14.98 -48.16
C GLU A 17 -6.32 13.89 -47.72
N VAL A 18 -6.32 13.55 -46.42
CA VAL A 18 -7.18 12.49 -45.93
C VAL A 18 -8.64 12.92 -45.80
N TYR A 19 -8.91 14.22 -45.76
CA TYR A 19 -10.25 14.70 -45.46
C TYR A 19 -11.21 14.63 -46.63
N PRO A 20 -12.49 14.33 -46.41
CA PRO A 20 -13.59 14.72 -47.29
C PRO A 20 -13.48 16.20 -47.58
N GLU A 21 -13.75 16.58 -48.83
CA GLU A 21 -13.62 17.95 -49.32
C GLU A 21 -14.15 19.09 -48.45
N LYS A 22 -15.33 18.99 -47.85
CA LYS A 22 -15.85 20.04 -46.98
C LYS A 22 -14.88 20.26 -45.82
N ALA A 23 -14.50 19.17 -45.14
CA ALA A 23 -13.60 19.23 -44.02
C ALA A 23 -12.24 19.75 -44.45
N ARG A 24 -11.73 19.28 -45.60
CA ARG A 24 -10.46 19.73 -46.16
C ARG A 24 -10.46 21.26 -46.37
N LYS A 25 -11.47 21.80 -47.05
CA LYS A 25 -11.58 23.25 -47.30
C LYS A 25 -11.61 24.07 -46.02
N ASP A 26 -12.38 23.62 -45.03
CA ASP A 26 -12.45 24.34 -43.78
C ASP A 26 -11.14 24.30 -43.01
N ARG A 27 -10.60 23.09 -42.81
CA ARG A 27 -9.41 22.92 -42.02
C ARG A 27 -8.22 23.65 -42.60
N ASN A 28 -8.17 23.75 -43.92
CA ASN A 28 -7.14 24.48 -44.63
C ASN A 28 -7.01 25.92 -44.15
N LYS A 29 -8.15 26.56 -43.83
CA LYS A 29 -8.17 27.94 -43.33
C LYS A 29 -7.72 28.09 -41.87
N HIS A 30 -7.54 26.98 -41.18
CA HIS A 30 -7.24 26.95 -39.77
C HIS A 30 -5.82 26.53 -39.45
N LEU A 31 -5.03 26.34 -40.50
CA LEU A 31 -3.65 25.91 -40.39
C LEU A 31 -2.82 26.95 -41.14
N ALA A 32 -1.81 27.58 -40.53
CA ALA A 32 -1.04 28.57 -41.25
C ALA A 32 0.42 28.45 -40.87
N VAL A 33 1.27 29.09 -41.64
CA VAL A 33 2.70 29.12 -41.43
C VAL A 33 2.91 30.59 -41.08
N ASN A 34 3.70 30.91 -40.06
CA ASN A 34 3.93 32.28 -39.68
C ASN A 34 4.95 32.95 -40.59
N CYS A 44 -3.80 35.61 -42.27
CA CYS A 44 -3.46 34.26 -42.69
C CYS A 44 -4.13 33.10 -41.95
N ILE A 45 -4.94 33.26 -40.90
CA ILE A 45 -5.60 32.14 -40.24
C ILE A 45 -6.94 32.69 -39.78
N ILE A 46 -7.94 31.82 -39.82
CA ILE A 46 -9.29 32.14 -39.41
C ILE A 46 -9.51 31.33 -38.13
N SER A 47 -10.12 31.93 -37.13
CA SER A 47 -10.36 31.25 -35.88
C SER A 47 -11.80 31.44 -35.43
N ASN A 48 -12.12 30.79 -34.30
CA ASN A 48 -13.41 30.88 -33.59
C ASN A 48 -14.63 30.63 -34.46
N LYS A 49 -14.44 29.57 -35.24
CA LYS A 49 -15.47 29.02 -36.10
C LYS A 49 -15.82 27.69 -35.43
N LYS A 50 -16.91 27.06 -35.87
CA LYS A 50 -17.31 25.76 -35.34
C LYS A 50 -16.32 24.65 -35.73
N SER A 51 -16.37 23.54 -35.02
CA SER A 51 -15.55 22.39 -35.33
C SER A 51 -16.32 21.54 -36.32
N GLN A 52 -15.58 20.89 -37.22
CA GLN A 52 -16.16 19.99 -38.20
C GLN A 52 -16.47 18.69 -37.47
N PRO A 53 -17.66 18.09 -37.64
CA PRO A 53 -18.08 16.89 -36.95
C PRO A 53 -17.14 15.73 -37.18
N GLY A 54 -16.95 14.91 -36.15
CA GLY A 54 -16.22 13.67 -36.26
C GLY A 54 -14.73 13.79 -36.40
N LEU A 55 -14.10 14.94 -36.19
CA LEU A 55 -12.66 15.01 -36.40
C LEU A 55 -11.82 15.05 -35.12
N MET A 56 -12.43 14.74 -33.97
CA MET A 56 -11.80 14.69 -32.66
C MET A 56 -11.11 16.00 -32.29
N THR A 57 -11.92 17.05 -32.18
CA THR A 57 -11.46 18.31 -31.65
C THR A 57 -11.14 18.06 -30.16
N ILE A 58 -10.28 18.91 -29.66
CA ILE A 58 -9.81 18.87 -28.27
C ILE A 58 -10.66 19.83 -27.45
N ARG A 59 -11.50 20.61 -28.11
CA ARG A 59 -12.35 21.59 -27.46
C ARG A 59 -13.36 21.03 -26.47
N GLY A 60 -13.75 21.95 -25.58
CA GLY A 60 -14.75 21.72 -24.57
C GLY A 60 -15.94 22.61 -24.89
N CYS A 61 -16.84 22.82 -23.93
CA CYS A 61 -18.06 23.58 -24.16
C CYS A 61 -18.19 24.86 -23.33
N ALA A 62 -19.23 25.66 -23.59
CA ALA A 62 -19.49 26.88 -22.84
C ALA A 62 -19.63 26.68 -21.35
N TYR A 63 -20.12 25.51 -20.89
CA TYR A 63 -20.20 25.18 -19.46
C TYR A 63 -18.79 25.11 -18.87
N ALA A 64 -17.86 24.51 -19.60
CA ALA A 64 -16.49 24.38 -19.15
C ALA A 64 -15.94 25.78 -18.94
N GLY A 65 -16.16 26.69 -19.89
CA GLY A 65 -15.71 28.06 -19.79
C GLY A 65 -16.41 28.86 -18.69
N SER A 66 -17.68 28.61 -18.39
CA SER A 66 -18.33 29.39 -17.35
C SER A 66 -18.10 28.77 -15.98
N LYS A 67 -18.52 27.52 -15.80
CA LYS A 67 -18.40 26.87 -14.51
C LYS A 67 -16.97 26.46 -14.27
N GLY A 68 -16.38 25.73 -15.21
CA GLY A 68 -15.05 25.19 -15.00
C GLY A 68 -13.99 26.26 -14.77
N VAL A 69 -14.01 27.30 -15.61
CA VAL A 69 -12.98 28.30 -15.48
C VAL A 69 -13.33 29.62 -14.80
N VAL A 70 -14.46 30.31 -15.02
CA VAL A 70 -14.65 31.62 -14.38
C VAL A 70 -15.31 31.52 -13.00
N TRP A 71 -16.48 30.92 -12.88
CA TRP A 71 -17.15 30.90 -11.60
C TRP A 71 -16.65 29.88 -10.61
N GLY A 72 -16.38 28.64 -11.03
CA GLY A 72 -15.86 27.58 -10.15
C GLY A 72 -14.77 28.01 -9.18
N PRO A 73 -13.75 28.79 -9.54
CA PRO A 73 -12.72 29.22 -8.61
C PRO A 73 -13.19 30.09 -7.44
N ILE A 74 -14.35 30.75 -7.55
CA ILE A 74 -14.79 31.65 -6.50
C ILE A 74 -15.19 30.80 -5.31
N LYS A 75 -14.29 31.04 -4.37
CA LYS A 75 -14.15 30.35 -3.10
C LYS A 75 -15.38 30.22 -2.21
N ASP A 76 -15.98 31.33 -1.84
CA ASP A 76 -17.06 31.34 -0.86
C ASP A 76 -18.50 31.33 -1.35
N MET A 77 -18.70 31.06 -2.62
CA MET A 77 -20.03 30.99 -3.19
C MET A 77 -20.22 29.54 -3.50
N ILE A 78 -21.46 29.10 -3.67
CA ILE A 78 -21.74 27.75 -4.09
C ILE A 78 -22.19 27.85 -5.55
N HIS A 79 -21.73 26.93 -6.39
CA HIS A 79 -22.04 26.94 -7.82
C HIS A 79 -22.77 25.63 -8.10
N ILE A 80 -23.93 25.71 -8.74
CA ILE A 80 -24.79 24.58 -8.97
C ILE A 80 -24.65 24.14 -10.42
N SER A 81 -24.17 22.94 -10.69
CA SER A 81 -24.17 22.43 -12.05
C SER A 81 -25.61 21.95 -12.20
N HIS A 82 -26.40 22.78 -12.88
CA HIS A 82 -27.82 22.59 -12.99
C HIS A 82 -28.20 21.82 -14.24
N GLY A 83 -28.68 20.61 -14.05
CA GLY A 83 -29.03 19.74 -15.14
C GLY A 83 -28.61 18.34 -14.73
N PRO A 84 -28.36 17.39 -15.65
CA PRO A 84 -27.96 16.02 -15.33
C PRO A 84 -26.63 15.88 -14.57
N VAL A 85 -26.32 14.68 -14.10
CA VAL A 85 -25.15 14.48 -13.27
C VAL A 85 -23.79 14.51 -13.97
N GLY A 86 -23.68 14.24 -15.26
CA GLY A 86 -22.38 14.15 -15.92
C GLY A 86 -21.47 15.35 -15.83
N CYS A 87 -21.97 16.48 -16.33
CA CYS A 87 -21.19 17.69 -16.46
C CYS A 87 -20.41 18.09 -15.22
N GLY A 88 -21.09 18.10 -14.09
CA GLY A 88 -20.46 18.54 -12.85
C GLY A 88 -19.60 17.47 -12.20
N GLN A 89 -19.81 16.19 -12.55
CA GLN A 89 -19.01 15.10 -12.00
C GLN A 89 -17.65 15.12 -12.66
N TYR A 90 -17.60 15.18 -14.00
CA TYR A 90 -16.34 15.16 -14.72
C TYR A 90 -15.54 16.43 -14.52
N SER A 91 -16.17 17.56 -14.17
CA SER A 91 -15.43 18.76 -13.86
C SER A 91 -15.05 18.85 -12.39
N ARG A 92 -15.47 17.92 -11.54
CA ARG A 92 -15.20 18.02 -10.10
C ARG A 92 -13.71 17.90 -9.82
N ALA A 93 -13.15 18.98 -9.29
CA ALA A 93 -11.75 19.15 -8.91
C ALA A 93 -10.73 18.80 -9.99
N GLY A 94 -11.09 19.02 -11.24
CA GLY A 94 -10.25 18.73 -12.39
C GLY A 94 -9.28 19.86 -12.68
N ARG A 95 -9.65 21.12 -12.41
CA ARG A 95 -8.75 22.26 -12.65
C ARG A 95 -8.19 22.68 -11.31
N ARG A 96 -6.90 22.96 -11.27
CA ARG A 96 -6.25 23.29 -10.01
C ARG A 96 -6.20 24.76 -9.68
N ASN A 97 -7.39 25.31 -9.50
CA ASN A 97 -7.58 26.72 -9.12
C ASN A 97 -7.61 26.82 -7.60
N TYR A 98 -6.40 27.04 -7.12
CA TYR A 98 -6.12 26.96 -5.71
C TYR A 98 -6.73 28.02 -4.81
N TYR A 99 -7.06 27.62 -3.58
CA TYR A 99 -7.67 28.52 -2.63
C TYR A 99 -7.36 28.17 -1.17
N ILE A 100 -7.47 29.18 -0.32
CA ILE A 100 -7.32 29.06 1.12
C ILE A 100 -8.75 29.05 1.65
N GLY A 101 -9.17 28.03 2.40
CA GLY A 101 -10.53 27.98 2.95
C GLY A 101 -10.78 26.68 3.70
N THR A 102 -11.93 26.59 4.34
CA THR A 102 -12.38 25.39 5.04
C THR A 102 -13.51 24.85 4.14
N THR A 103 -13.22 23.84 3.34
CA THR A 103 -14.17 23.31 2.38
C THR A 103 -15.30 22.53 3.03
N GLY A 104 -16.49 22.97 2.62
CA GLY A 104 -17.73 22.44 3.15
C GLY A 104 -18.27 23.32 4.28
N VAL A 105 -17.54 24.34 4.70
CA VAL A 105 -17.99 25.21 5.77
C VAL A 105 -18.03 26.63 5.19
N ASN A 106 -16.89 27.27 4.91
CA ASN A 106 -16.90 28.61 4.35
C ASN A 106 -16.42 28.65 2.90
N ALA A 107 -15.78 27.60 2.39
CA ALA A 107 -15.31 27.59 1.02
C ALA A 107 -15.83 26.30 0.39
N PHE A 108 -16.07 26.24 -0.93
CA PHE A 108 -16.77 25.09 -1.49
C PHE A 108 -16.22 24.61 -2.83
N VAL A 109 -15.08 25.14 -3.27
CA VAL A 109 -14.55 24.94 -4.62
C VAL A 109 -14.40 23.51 -5.10
N THR A 110 -13.94 22.54 -4.30
CA THR A 110 -13.76 21.19 -4.78
C THR A 110 -15.04 20.37 -4.69
N MET A 111 -16.16 20.90 -4.22
CA MET A 111 -17.38 20.11 -4.07
C MET A 111 -18.17 20.14 -5.36
N ASN A 112 -19.02 19.13 -5.57
CA ASN A 112 -19.85 19.08 -6.75
C ASN A 112 -21.30 19.21 -6.32
N PHE A 113 -21.89 20.38 -6.48
CA PHE A 113 -23.30 20.61 -6.15
C PHE A 113 -24.07 20.47 -7.47
N THR A 114 -25.12 19.68 -7.53
CA THR A 114 -25.86 19.53 -8.77
C THR A 114 -27.35 19.36 -8.48
N SER A 115 -28.15 19.63 -9.52
CA SER A 115 -29.57 19.41 -9.41
C SER A 115 -29.94 18.04 -9.91
N ASP A 116 -28.94 17.27 -10.41
CA ASP A 116 -29.10 15.89 -10.87
C ASP A 116 -30.40 15.56 -11.60
N PHE A 117 -30.66 16.27 -12.68
CA PHE A 117 -31.87 16.08 -13.48
C PHE A 117 -32.14 14.64 -13.88
N GLN A 118 -33.34 14.22 -13.55
CA GLN A 118 -33.86 12.93 -13.92
C GLN A 118 -34.98 13.23 -14.90
N GLU A 119 -35.54 12.23 -15.58
CA GLU A 119 -36.56 12.45 -16.59
C GLU A 119 -37.78 13.27 -16.19
N LYS A 120 -38.29 13.27 -14.96
CA LYS A 120 -39.44 14.12 -14.65
C LYS A 120 -39.07 15.60 -14.73
N ASP A 121 -37.83 15.96 -14.41
CA ASP A 121 -37.38 17.33 -14.51
C ASP A 121 -37.24 17.74 -15.97
N ILE A 122 -36.84 16.84 -16.86
CA ILE A 122 -36.75 17.15 -18.28
C ILE A 122 -38.15 17.38 -18.85
N VAL A 123 -39.08 16.49 -18.50
CA VAL A 123 -40.44 16.57 -19.00
C VAL A 123 -41.23 17.73 -18.38
N PHE A 124 -41.02 18.13 -17.13
CA PHE A 124 -41.81 19.21 -16.53
C PHE A 124 -41.01 20.41 -16.05
N GLY A 125 -39.70 20.44 -16.25
CA GLY A 125 -38.90 21.58 -15.86
C GLY A 125 -38.31 21.52 -14.45
N GLY A 126 -37.08 21.99 -14.33
CA GLY A 126 -36.40 21.98 -13.05
C GLY A 126 -36.50 23.27 -12.25
N ASP A 127 -37.36 24.27 -12.51
CA ASP A 127 -37.36 25.52 -11.72
C ASP A 127 -37.84 25.38 -10.28
N LYS A 128 -38.78 24.46 -10.11
CA LYS A 128 -39.34 24.13 -8.80
C LYS A 128 -38.24 23.42 -7.99
N LYS A 129 -37.58 22.46 -8.63
CA LYS A 129 -36.45 21.76 -8.05
C LYS A 129 -35.33 22.73 -7.70
N LEU A 130 -35.06 23.75 -8.53
CA LEU A 130 -34.05 24.77 -8.25
C LEU A 130 -34.37 25.57 -6.99
N ALA A 131 -35.63 25.97 -6.82
CA ALA A 131 -36.04 26.70 -5.63
C ALA A 131 -35.85 25.83 -4.39
N LYS A 132 -36.29 24.56 -4.43
CA LYS A 132 -36.09 23.64 -3.32
C LYS A 132 -34.62 23.46 -2.96
N LEU A 133 -33.75 23.22 -3.95
CA LEU A 133 -32.36 23.01 -3.61
C LEU A 133 -31.73 24.30 -3.11
N ILE A 134 -32.17 25.52 -3.51
CA ILE A 134 -31.60 26.75 -2.96
C ILE A 134 -31.89 26.81 -1.45
N ASP A 135 -33.08 26.38 -1.01
CA ASP A 135 -33.38 26.33 0.41
C ASP A 135 -32.52 25.31 1.12
N GLU A 136 -32.38 24.12 0.52
CA GLU A 136 -31.48 23.09 1.05
C GLU A 136 -30.04 23.58 1.17
N VAL A 137 -29.56 24.34 0.19
CA VAL A 137 -28.21 24.89 0.24
C VAL A 137 -28.12 25.88 1.39
N GLU A 138 -29.22 26.58 1.63
CA GLU A 138 -29.22 27.57 2.68
C GLU A 138 -29.29 26.89 4.04
N THR A 139 -30.03 25.81 4.26
CA THR A 139 -30.03 25.18 5.58
C THR A 139 -28.68 24.52 5.86
N LEU A 140 -28.22 23.72 4.90
CA LEU A 140 -27.00 22.96 5.05
C LEU A 140 -25.70 23.69 4.86
N PHE A 141 -25.67 24.86 4.21
CA PHE A 141 -24.40 25.57 4.05
C PHE A 141 -24.53 27.06 4.39
N PRO A 142 -24.89 27.40 5.64
CA PRO A 142 -25.22 28.75 6.04
C PRO A 142 -24.13 29.79 5.85
N LEU A 143 -22.85 29.41 5.73
CA LEU A 143 -21.79 30.38 5.55
C LEU A 143 -21.49 30.71 4.11
N ASN A 144 -22.26 30.18 3.16
CA ASN A 144 -22.06 30.53 1.75
C ASN A 144 -22.45 32.00 1.59
N LYS A 145 -21.75 32.71 0.73
CA LYS A 145 -22.00 34.13 0.51
C LYS A 145 -22.63 34.46 -0.84
N GLY A 146 -23.31 33.51 -1.46
CA GLY A 146 -23.91 33.70 -2.76
C GLY A 146 -23.98 32.35 -3.47
N ILE A 147 -24.80 32.23 -4.50
CA ILE A 147 -25.00 31.00 -5.26
C ILE A 147 -24.95 31.36 -6.74
N SER A 148 -24.50 30.45 -7.61
CA SER A 148 -24.58 30.68 -9.03
C SER A 148 -25.11 29.40 -9.61
N VAL A 149 -26.00 29.44 -10.59
CA VAL A 149 -26.51 28.22 -11.18
C VAL A 149 -25.96 28.28 -12.60
N GLN A 150 -25.21 27.24 -12.92
CA GLN A 150 -24.50 27.07 -14.19
C GLN A 150 -25.39 26.17 -15.00
N SER A 151 -26.03 26.66 -16.04
CA SER A 151 -26.93 25.84 -16.82
C SER A 151 -26.25 24.83 -17.72
N GLU A 152 -26.62 23.56 -17.63
CA GLU A 152 -26.13 22.53 -18.52
C GLU A 152 -27.03 22.47 -19.75
N CYS A 153 -26.67 21.76 -20.84
CA CYS A 153 -27.45 21.78 -22.09
C CYS A 153 -28.97 21.74 -21.97
N PRO A 154 -29.63 20.81 -21.24
CA PRO A 154 -31.09 20.75 -21.18
C PRO A 154 -31.80 22.01 -20.70
N ILE A 155 -31.27 22.82 -19.77
CA ILE A 155 -31.98 23.98 -19.18
C ILE A 155 -32.57 24.99 -20.19
N GLY A 156 -31.83 25.32 -21.24
CA GLY A 156 -32.32 26.24 -22.26
C GLY A 156 -33.24 25.51 -23.21
N LEU A 157 -32.81 24.29 -23.59
CA LEU A 157 -33.59 23.48 -24.51
C LEU A 157 -34.96 23.18 -23.94
N ILE A 158 -35.07 23.07 -22.62
CA ILE A 158 -36.29 22.69 -21.91
C ILE A 158 -37.22 23.90 -21.74
N GLY A 159 -36.68 25.12 -21.77
CA GLY A 159 -37.45 26.31 -21.54
C GLY A 159 -37.59 26.69 -20.08
N ASP A 160 -36.57 26.48 -19.24
CA ASP A 160 -36.69 26.88 -17.84
C ASP A 160 -36.38 28.36 -17.70
N ASP A 161 -36.79 29.00 -16.62
CA ASP A 161 -36.44 30.39 -16.44
C ASP A 161 -35.72 30.56 -15.11
N ILE A 162 -34.43 30.22 -15.16
CA ILE A 162 -33.60 30.31 -13.98
C ILE A 162 -33.46 31.75 -13.51
N GLU A 163 -33.69 32.75 -14.38
CA GLU A 163 -33.62 34.15 -13.99
C GLU A 163 -34.75 34.44 -13.01
N SER A 164 -36.01 34.07 -13.31
CA SER A 164 -37.14 34.31 -12.44
C SER A 164 -36.84 33.74 -11.07
N VAL A 165 -36.46 32.45 -11.04
CA VAL A 165 -36.15 31.78 -9.78
C VAL A 165 -35.01 32.52 -9.07
N SER A 166 -33.96 32.96 -9.76
CA SER A 166 -32.88 33.68 -9.12
C SER A 166 -33.35 35.00 -8.51
N LYS A 167 -34.20 35.78 -9.19
CA LYS A 167 -34.67 37.05 -8.64
C LYS A 167 -35.53 36.80 -7.40
N VAL A 168 -36.48 35.87 -7.50
CA VAL A 168 -37.42 35.56 -6.44
C VAL A 168 -36.71 35.08 -5.18
N LYS A 169 -35.92 34.03 -5.33
CA LYS A 169 -35.18 33.47 -4.23
C LYS A 169 -34.14 34.44 -3.69
N GLY A 170 -33.45 35.18 -4.55
CA GLY A 170 -32.49 36.18 -4.14
C GLY A 170 -33.17 37.22 -3.24
N ALA A 171 -34.34 37.67 -3.71
CA ALA A 171 -35.18 38.63 -3.01
C ALA A 171 -35.53 38.11 -1.63
N GLU A 172 -36.23 36.97 -1.62
CA GLU A 172 -36.68 36.30 -0.42
C GLU A 172 -35.57 36.16 0.61
N LEU A 173 -34.49 35.51 0.18
CA LEU A 173 -33.39 35.19 1.08
C LEU A 173 -32.35 36.27 1.23
N SER A 174 -32.45 37.42 0.56
CA SER A 174 -31.44 38.48 0.60
C SER A 174 -30.05 37.95 0.23
N LYS A 175 -30.07 37.12 -0.82
CA LYS A 175 -28.92 36.34 -1.24
C LYS A 175 -28.59 36.68 -2.68
N THR A 176 -27.31 36.76 -3.05
CA THR A 176 -26.90 37.06 -4.40
C THR A 176 -26.97 35.71 -5.12
N ILE A 177 -27.93 35.55 -6.02
CA ILE A 177 -28.07 34.32 -6.77
C ILE A 177 -27.92 34.71 -8.24
N VAL A 178 -26.89 34.17 -8.88
CA VAL A 178 -26.56 34.48 -10.25
C VAL A 178 -27.08 33.39 -11.18
N PRO A 179 -27.99 33.63 -12.12
CA PRO A 179 -28.32 32.70 -13.19
C PRO A 179 -27.31 32.78 -14.32
N VAL A 180 -26.74 31.65 -14.76
CA VAL A 180 -25.76 31.70 -15.85
C VAL A 180 -26.23 30.76 -16.95
N ARG A 181 -26.58 31.25 -18.13
CA ARG A 181 -27.04 30.38 -19.19
C ARG A 181 -25.87 30.04 -20.08
N CYS A 182 -25.05 29.11 -19.59
CA CYS A 182 -23.84 28.65 -20.27
C CYS A 182 -23.96 27.23 -20.80
N GLU A 183 -25.13 26.92 -21.34
CA GLU A 183 -25.41 25.58 -21.84
C GLU A 183 -24.40 25.22 -22.91
N GLY A 184 -23.87 24.01 -22.83
CA GLY A 184 -22.85 23.54 -23.75
C GLY A 184 -23.15 23.67 -25.23
N PHE A 185 -24.39 23.79 -25.70
CA PHE A 185 -24.64 23.92 -27.14
C PHE A 185 -24.39 25.36 -27.63
N ARG A 186 -24.21 26.31 -26.72
CA ARG A 186 -23.99 27.69 -27.10
C ARG A 186 -22.54 27.91 -27.48
N GLY A 187 -22.36 28.69 -28.55
CA GLY A 187 -21.05 29.01 -29.07
C GLY A 187 -20.41 27.78 -29.66
N VAL A 188 -19.10 27.84 -29.87
CA VAL A 188 -18.40 26.74 -30.52
C VAL A 188 -17.33 26.10 -29.66
N SER A 189 -17.17 26.58 -28.42
CA SER A 189 -16.08 26.15 -27.55
C SER A 189 -16.35 26.77 -26.20
N GLN A 190 -15.46 26.52 -25.24
CA GLN A 190 -15.57 27.17 -23.96
C GLN A 190 -15.35 28.67 -24.03
N SER A 191 -14.91 29.29 -25.15
CA SER A 191 -14.77 30.74 -25.23
C SER A 191 -16.07 31.52 -24.97
N LEU A 192 -17.21 31.16 -25.58
CA LEU A 192 -18.44 31.90 -25.32
C LEU A 192 -18.85 31.77 -23.86
N GLY A 193 -18.49 30.69 -23.17
CA GLY A 193 -18.74 30.54 -21.75
C GLY A 193 -18.06 31.63 -20.92
N HIS A 194 -16.87 32.08 -21.33
CA HIS A 194 -16.16 33.16 -20.65
C HIS A 194 -16.97 34.43 -20.79
N HIS A 195 -17.48 34.68 -21.99
CA HIS A 195 -18.27 35.87 -22.26
C HIS A 195 -19.58 35.88 -21.50
N ILE A 196 -20.29 34.74 -21.44
CA ILE A 196 -21.54 34.62 -20.72
C ILE A 196 -21.27 34.85 -19.24
N ALA A 197 -20.21 34.25 -18.72
CA ALA A 197 -19.81 34.39 -17.34
C ALA A 197 -19.44 35.81 -16.98
N ASN A 198 -18.69 36.52 -17.84
CA ASN A 198 -18.36 37.92 -17.61
C ASN A 198 -19.64 38.73 -17.57
N ASP A 199 -20.55 38.55 -18.52
CA ASP A 199 -21.83 39.28 -18.50
C ASP A 199 -22.67 38.92 -17.30
N ALA A 200 -22.68 37.68 -16.80
CA ALA A 200 -23.42 37.36 -15.58
C ALA A 200 -22.77 38.05 -14.37
N VAL A 201 -21.44 38.17 -14.26
CA VAL A 201 -20.81 38.94 -13.19
C VAL A 201 -21.31 40.40 -13.25
N ARG A 202 -21.24 40.94 -14.47
CA ARG A 202 -21.66 42.31 -14.74
C ARG A 202 -23.07 42.56 -14.24
N ASP A 203 -24.01 41.78 -14.75
CA ASP A 203 -25.40 42.00 -14.44
C ASP A 203 -25.79 41.69 -13.01
N TRP A 204 -25.16 40.76 -12.30
CA TRP A 204 -25.66 40.36 -10.99
C TRP A 204 -24.75 40.57 -9.81
N VAL A 205 -23.47 40.92 -9.96
CA VAL A 205 -22.59 41.02 -8.81
C VAL A 205 -21.81 42.32 -8.77
N LEU A 206 -21.21 42.69 -9.91
CA LEU A 206 -20.27 43.80 -9.95
C LEU A 206 -20.84 45.16 -9.56
N GLY A 207 -22.13 45.39 -9.70
CA GLY A 207 -22.69 46.68 -9.36
C GLY A 207 -23.08 46.84 -7.90
N LYS A 208 -23.07 45.78 -7.09
CA LYS A 208 -23.62 45.83 -5.74
C LYS A 208 -23.09 46.92 -4.82
N ARG A 209 -21.84 47.38 -4.95
CA ARG A 209 -21.34 48.41 -4.05
C ARG A 209 -21.21 49.79 -4.69
N ASP A 210 -21.97 50.06 -5.76
CA ASP A 210 -21.89 51.34 -6.46
C ASP A 210 -22.14 52.60 -5.65
N GLU A 211 -22.99 52.56 -4.62
CA GLU A 211 -23.20 53.73 -3.80
C GLU A 211 -22.23 53.78 -2.62
N ASP A 212 -21.43 52.72 -2.39
CA ASP A 212 -20.55 52.65 -1.24
C ASP A 212 -19.27 53.44 -1.38
N THR A 213 -19.37 54.52 -0.65
CA THR A 213 -18.31 55.48 -0.46
C THR A 213 -17.28 54.94 0.53
N THR A 214 -17.74 54.01 1.36
CA THR A 214 -17.01 53.40 2.44
C THR A 214 -15.64 52.73 2.23
N PHE A 215 -15.20 52.39 1.01
CA PHE A 215 -13.94 51.69 0.87
C PHE A 215 -12.81 52.71 0.84
N ALA A 216 -11.83 52.61 1.73
CA ALA A 216 -10.75 53.56 1.70
C ALA A 216 -9.72 53.14 0.65
N SER A 217 -9.94 53.68 -0.53
CA SER A 217 -9.04 53.47 -1.65
C SER A 217 -7.70 54.20 -1.44
N THR A 218 -6.66 53.77 -2.13
CA THR A 218 -5.40 54.48 -2.10
C THR A 218 -5.05 54.67 -3.57
N PRO A 219 -4.10 55.50 -3.97
CA PRO A 219 -3.67 55.58 -5.35
C PRO A 219 -3.06 54.31 -5.92
N TYR A 220 -2.79 53.28 -5.11
CA TYR A 220 -2.04 52.15 -5.60
C TYR A 220 -2.86 50.87 -5.70
N ASP A 221 -4.18 50.98 -5.65
CA ASP A 221 -5.04 49.81 -5.71
C ASP A 221 -5.16 49.29 -7.12
N VAL A 222 -4.97 47.99 -7.23
CA VAL A 222 -4.87 47.31 -8.49
C VAL A 222 -5.70 46.04 -8.32
N ALA A 223 -6.10 45.35 -9.38
CA ALA A 223 -6.82 44.08 -9.27
C ALA A 223 -6.22 43.16 -10.31
N ILE A 224 -6.01 41.87 -10.00
CA ILE A 224 -5.44 40.93 -10.95
C ILE A 224 -6.65 40.33 -11.67
N ILE A 225 -6.75 40.56 -12.97
CA ILE A 225 -7.88 40.13 -13.76
C ILE A 225 -7.41 38.93 -14.58
N GLY A 226 -8.14 37.81 -14.56
CA GLY A 226 -7.81 36.66 -15.39
C GLY A 226 -6.64 35.82 -14.91
N ASP A 227 -6.51 35.53 -13.61
CA ASP A 227 -5.48 34.60 -13.17
C ASP A 227 -6.32 33.75 -12.24
N TYR A 228 -6.31 32.48 -12.60
CA TYR A 228 -7.15 31.47 -11.95
C TYR A 228 -6.38 30.65 -10.95
N ASN A 229 -5.19 31.14 -10.61
CA ASN A 229 -4.32 30.58 -9.59
C ASN A 229 -3.98 29.09 -9.75
N ILE A 230 -3.62 28.66 -10.96
CA ILE A 230 -3.35 27.24 -11.17
C ILE A 230 -2.06 26.84 -10.45
N GLY A 231 -2.16 25.96 -9.48
CA GLY A 231 -1.00 25.57 -8.71
C GLY A 231 -0.47 26.73 -7.84
N GLY A 232 -1.24 27.81 -7.65
CA GLY A 232 -0.75 28.92 -6.85
C GLY A 232 -0.19 30.08 -7.69
N ASP A 233 -0.34 30.02 -9.01
CA ASP A 233 0.11 31.05 -9.93
C ASP A 233 -0.23 32.49 -9.59
N ALA A 234 -1.40 32.74 -9.00
CA ALA A 234 -1.79 34.10 -8.68
C ALA A 234 -1.07 34.54 -7.43
N TRP A 235 -0.79 33.60 -6.52
CA TRP A 235 -0.08 33.93 -5.30
C TRP A 235 1.35 34.31 -5.60
N SER A 236 2.05 33.66 -6.52
CA SER A 236 3.39 34.09 -6.86
C SER A 236 3.42 35.32 -7.76
N SER A 237 2.25 35.80 -8.22
CA SER A 237 2.16 37.03 -8.97
C SER A 237 1.91 38.19 -8.01
N ARG A 238 0.93 37.99 -7.12
CA ARG A 238 0.51 38.91 -6.10
C ARG A 238 1.66 39.43 -5.26
N ILE A 239 2.47 38.50 -4.74
CA ILE A 239 3.62 38.86 -3.92
C ILE A 239 4.54 39.85 -4.61
N LEU A 240 4.78 39.73 -5.93
CA LEU A 240 5.68 40.64 -6.61
C LEU A 240 5.08 42.06 -6.70
N LEU A 241 3.80 42.17 -7.03
CA LEU A 241 3.15 43.47 -7.14
C LEU A 241 3.09 44.13 -5.78
N GLU A 242 2.77 43.38 -4.72
CA GLU A 242 2.72 43.87 -3.35
C GLU A 242 4.10 44.40 -2.94
N GLU A 243 5.19 43.67 -3.24
CA GLU A 243 6.56 44.10 -2.92
C GLU A 243 6.87 45.41 -3.65
N MET A 244 6.30 45.57 -4.84
CA MET A 244 6.39 46.81 -5.58
C MET A 244 5.37 47.84 -5.04
N GLY A 245 4.96 47.83 -3.77
CA GLY A 245 4.08 48.84 -3.20
C GLY A 245 2.62 48.85 -3.65
N LEU A 246 2.19 48.10 -4.67
CA LEU A 246 0.77 48.14 -5.03
C LEU A 246 -0.08 47.33 -4.07
N ARG A 247 -1.38 47.56 -4.05
CA ARG A 247 -2.27 46.83 -3.16
C ARG A 247 -3.21 46.07 -4.08
N CYS A 248 -3.36 44.74 -3.98
CA CYS A 248 -4.29 44.05 -4.85
C CYS A 248 -5.57 43.87 -4.08
N VAL A 249 -6.57 44.61 -4.53
CA VAL A 249 -7.89 44.54 -3.92
C VAL A 249 -8.55 43.23 -4.31
N ALA A 250 -8.33 42.76 -5.53
CA ALA A 250 -9.03 41.59 -6.02
C ALA A 250 -8.18 40.66 -6.86
N GLN A 251 -8.60 39.41 -6.88
CA GLN A 251 -7.95 38.35 -7.62
C GLN A 251 -9.10 37.72 -8.36
N TRP A 252 -9.17 37.87 -9.69
CA TRP A 252 -10.30 37.37 -10.42
C TRP A 252 -10.19 35.95 -10.95
N SER A 253 -10.91 35.33 -10.01
CA SER A 253 -11.36 33.98 -9.82
C SER A 253 -10.45 33.14 -8.98
N GLY A 254 -9.16 32.99 -9.27
CA GLY A 254 -8.31 32.12 -8.48
C GLY A 254 -8.18 32.67 -7.07
N ASP A 255 -8.66 31.86 -6.12
CA ASP A 255 -8.72 32.17 -4.70
C ASP A 255 -9.59 33.41 -4.45
N GLY A 256 -10.49 33.70 -5.36
CA GLY A 256 -11.32 34.88 -5.29
C GLY A 256 -12.51 34.69 -4.38
N SER A 257 -12.92 35.77 -3.73
CA SER A 257 -14.09 35.80 -2.89
C SER A 257 -15.09 36.73 -3.59
N ILE A 258 -16.38 36.67 -3.27
CA ILE A 258 -17.37 37.53 -3.91
C ILE A 258 -17.16 39.00 -3.50
N SER A 259 -16.74 39.30 -2.26
CA SER A 259 -16.51 40.66 -1.84
C SER A 259 -15.38 41.31 -2.63
N GLU A 260 -14.28 40.60 -2.91
CA GLU A 260 -13.19 41.09 -3.75
C GLU A 260 -13.70 41.55 -5.10
N ILE A 261 -14.61 40.76 -5.68
CA ILE A 261 -15.22 41.15 -6.95
C ILE A 261 -16.08 42.40 -6.76
N GLU A 262 -17.00 42.44 -5.79
CA GLU A 262 -17.81 43.63 -5.53
C GLU A 262 -16.96 44.86 -5.19
N LEU A 263 -15.72 44.69 -4.71
CA LEU A 263 -14.84 45.79 -4.44
C LEU A 263 -13.99 46.19 -5.64
N THR A 264 -13.82 45.35 -6.68
CA THR A 264 -13.00 45.72 -7.84
C THR A 264 -13.36 47.06 -8.52
N PRO A 265 -14.62 47.57 -8.64
CA PRO A 265 -14.91 48.94 -9.06
C PRO A 265 -14.16 50.09 -8.37
N LYS A 266 -13.48 49.88 -7.24
CA LYS A 266 -12.79 50.97 -6.56
C LYS A 266 -11.32 51.07 -6.94
N VAL A 267 -10.75 50.20 -7.78
CA VAL A 267 -9.32 50.26 -8.02
C VAL A 267 -8.90 51.28 -9.06
N LYS A 268 -7.60 51.52 -9.08
CA LYS A 268 -6.97 52.44 -10.00
C LYS A 268 -6.56 51.81 -11.32
N LEU A 269 -6.28 50.50 -11.39
CA LEU A 269 -5.86 49.84 -12.62
C LEU A 269 -6.19 48.35 -12.57
N ASN A 270 -6.67 47.87 -13.71
CA ASN A 270 -6.98 46.46 -13.88
C ASN A 270 -5.84 45.86 -14.67
N LEU A 271 -5.19 44.88 -14.06
CA LEU A 271 -4.06 44.21 -14.67
C LEU A 271 -4.56 42.91 -15.29
N VAL A 272 -4.59 42.81 -16.62
CA VAL A 272 -5.13 41.64 -17.29
C VAL A 272 -4.06 40.64 -17.72
N HIS A 273 -4.10 39.45 -17.12
CA HIS A 273 -3.19 38.40 -17.54
C HIS A 273 -3.93 37.68 -18.68
N CYS A 274 -5.05 37.02 -18.39
CA CYS A 274 -5.81 36.32 -19.42
C CYS A 274 -6.77 37.24 -20.16
N TYR A 275 -6.26 37.71 -21.29
CA TYR A 275 -6.99 38.59 -22.17
C TYR A 275 -8.26 37.90 -22.67
N ARG A 276 -8.13 36.75 -23.29
CA ARG A 276 -9.27 36.00 -23.82
C ARG A 276 -10.42 35.81 -22.85
N SER A 277 -10.23 35.28 -21.65
CA SER A 277 -11.33 35.02 -20.77
C SER A 277 -11.93 36.24 -20.08
N MET A 278 -11.17 37.33 -19.93
CA MET A 278 -11.68 38.49 -19.22
C MET A 278 -11.57 39.88 -19.82
N ASN A 279 -11.20 40.05 -21.09
CA ASN A 279 -11.18 41.38 -21.70
C ASN A 279 -12.56 42.02 -21.71
N TYR A 280 -13.63 41.21 -21.72
CA TYR A 280 -15.00 41.66 -21.75
C TYR A 280 -15.35 42.48 -20.52
N ILE A 281 -14.99 41.97 -19.33
CA ILE A 281 -15.32 42.67 -18.12
C ILE A 281 -14.38 43.88 -17.97
N SER A 282 -13.11 43.80 -18.34
CA SER A 282 -12.22 44.95 -18.33
C SER A 282 -12.76 46.12 -19.17
N ARG A 283 -13.20 45.89 -20.42
CA ARG A 283 -13.83 46.90 -21.28
C ARG A 283 -15.03 47.55 -20.63
N HIS A 284 -15.83 46.74 -19.95
CA HIS A 284 -16.95 47.26 -19.17
C HIS A 284 -16.53 48.11 -17.97
N MET A 285 -15.53 47.75 -17.17
CA MET A 285 -15.18 48.60 -16.03
C MET A 285 -14.55 49.89 -16.51
N GLU A 286 -13.96 49.84 -17.68
CA GLU A 286 -13.42 51.01 -18.35
C GLU A 286 -14.59 51.93 -18.72
N GLU A 287 -15.59 51.43 -19.44
CA GLU A 287 -16.72 52.26 -19.83
C GLU A 287 -17.52 52.83 -18.68
N LYS A 288 -17.85 51.97 -17.71
CA LYS A 288 -18.69 52.40 -16.61
C LYS A 288 -17.94 53.10 -15.48
N TYR A 289 -16.86 52.56 -14.94
CA TYR A 289 -16.20 53.20 -13.79
C TYR A 289 -14.98 54.02 -14.18
N GLY A 290 -14.62 54.05 -15.47
CA GLY A 290 -13.46 54.79 -15.91
C GLY A 290 -12.16 54.07 -15.62
N ILE A 291 -12.17 52.85 -15.08
CA ILE A 291 -10.93 52.17 -14.70
C ILE A 291 -10.16 51.73 -15.95
N PRO A 292 -8.90 52.12 -16.14
CA PRO A 292 -8.08 51.61 -17.23
C PRO A 292 -7.57 50.19 -17.00
N TRP A 293 -7.33 49.46 -18.07
CA TRP A 293 -6.76 48.13 -17.98
C TRP A 293 -5.52 48.00 -18.84
N MET A 294 -4.59 47.11 -18.49
CA MET A 294 -3.42 46.87 -19.30
C MET A 294 -3.06 45.39 -19.29
N GLU A 295 -2.49 44.86 -20.37
CA GLU A 295 -2.16 43.45 -20.47
C GLU A 295 -0.78 43.25 -19.90
N TYR A 296 -0.47 42.10 -19.30
CA TYR A 296 0.89 41.85 -18.84
C TYR A 296 1.24 40.36 -18.93
N ASN A 297 2.51 40.03 -18.80
CA ASN A 297 2.95 38.67 -18.90
C ASN A 297 3.90 38.35 -17.75
N PHE A 298 3.63 37.26 -17.05
CA PHE A 298 4.42 36.89 -15.88
C PHE A 298 4.94 35.48 -16.03
N PHE A 299 5.32 35.13 -17.25
CA PHE A 299 5.92 33.84 -17.52
C PHE A 299 7.38 34.09 -17.90
N GLY A 300 8.30 33.73 -17.02
CA GLY A 300 9.73 33.84 -17.27
C GLY A 300 10.28 35.18 -16.84
N PRO A 301 11.58 35.32 -16.51
CA PRO A 301 12.18 36.56 -16.03
C PRO A 301 12.01 37.74 -16.97
N THR A 302 12.38 37.64 -18.24
CA THR A 302 12.23 38.72 -19.21
C THR A 302 10.84 39.33 -19.22
N LYS A 303 9.81 38.51 -19.38
CA LYS A 303 8.46 39.04 -19.44
C LYS A 303 8.05 39.58 -18.08
N THR A 304 8.38 38.91 -16.97
CA THR A 304 7.98 39.41 -15.67
C THR A 304 8.63 40.78 -15.41
N ILE A 305 9.90 40.95 -15.80
CA ILE A 305 10.62 42.20 -15.59
C ILE A 305 9.98 43.31 -16.41
N GLU A 306 9.76 43.17 -17.72
CA GLU A 306 9.13 44.24 -18.47
C GLU A 306 7.69 44.47 -18.00
N SER A 307 6.94 43.48 -17.52
CA SER A 307 5.60 43.73 -17.00
C SER A 307 5.66 44.55 -15.71
N LEU A 308 6.55 44.24 -14.77
CA LEU A 308 6.70 45.03 -13.56
C LEU A 308 7.08 46.47 -13.90
N ARG A 309 7.99 46.65 -14.85
CA ARG A 309 8.39 47.94 -15.38
C ARG A 309 7.19 48.70 -15.95
N ALA A 310 6.39 48.08 -16.81
CA ALA A 310 5.23 48.71 -17.44
C ALA A 310 4.13 49.07 -16.46
N ILE A 311 3.89 48.21 -15.47
CA ILE A 311 2.88 48.46 -14.45
C ILE A 311 3.36 49.60 -13.56
N ALA A 312 4.66 49.62 -13.19
CA ALA A 312 5.25 50.65 -12.34
C ALA A 312 5.19 52.03 -12.98
N ALA A 313 5.48 52.11 -14.28
CA ALA A 313 5.38 53.34 -15.05
C ALA A 313 3.98 53.94 -15.02
N LYS A 314 2.95 53.16 -14.69
CA LYS A 314 1.60 53.67 -14.57
C LYS A 314 1.40 54.37 -13.24
N PHE A 315 2.41 54.49 -12.36
CA PHE A 315 2.23 55.11 -11.05
C PHE A 315 3.29 56.20 -10.78
N ASP A 316 3.55 56.55 -9.52
CA ASP A 316 4.47 57.63 -9.21
C ASP A 316 5.80 57.12 -8.68
N GLU A 317 6.82 57.92 -8.91
CA GLU A 317 8.22 57.70 -8.53
C GLU A 317 8.59 56.65 -7.49
N SER A 318 7.82 56.53 -6.40
CA SER A 318 8.11 55.56 -5.37
C SER A 318 8.00 54.16 -5.95
N ILE A 319 6.87 53.90 -6.62
CA ILE A 319 6.55 52.60 -7.20
C ILE A 319 7.57 52.24 -8.27
N GLN A 320 8.06 53.19 -9.07
CA GLN A 320 9.12 52.91 -10.03
C GLN A 320 10.37 52.42 -9.32
N LYS A 321 10.68 52.99 -8.15
CA LYS A 321 11.87 52.58 -7.41
C LYS A 321 11.69 51.26 -6.70
N LYS A 322 10.54 51.00 -6.08
CA LYS A 322 10.26 49.70 -5.47
C LYS A 322 10.32 48.63 -6.55
N CYS A 323 9.83 48.91 -7.77
CA CYS A 323 9.96 48.02 -8.91
C CYS A 323 11.43 47.67 -9.14
N GLU A 324 12.32 48.67 -9.24
CA GLU A 324 13.73 48.40 -9.45
C GLU A 324 14.38 47.60 -8.34
N GLU A 325 13.91 47.79 -7.11
CA GLU A 325 14.40 47.02 -5.97
C GLU A 325 13.99 45.56 -6.14
N VAL A 326 12.70 45.28 -6.36
CA VAL A 326 12.16 43.93 -6.57
C VAL A 326 12.96 43.23 -7.66
N ILE A 327 13.19 43.89 -8.80
CA ILE A 327 13.94 43.30 -9.90
C ILE A 327 15.36 42.94 -9.46
N ALA A 328 16.00 43.84 -8.71
CA ALA A 328 17.35 43.60 -8.23
C ALA A 328 17.40 42.45 -7.24
N LYS A 329 16.38 42.29 -6.38
CA LYS A 329 16.30 41.21 -5.41
C LYS A 329 16.26 39.82 -6.04
N TYR A 330 15.41 39.63 -7.06
CA TYR A 330 15.27 38.34 -7.69
C TYR A 330 16.34 38.03 -8.74
N LYS A 331 17.05 39.04 -9.27
CA LYS A 331 18.15 38.84 -10.20
C LYS A 331 19.07 37.67 -9.84
N PRO A 332 19.68 37.50 -8.65
CA PRO A 332 20.53 36.36 -8.36
C PRO A 332 19.81 35.03 -8.46
N GLU A 333 18.55 35.02 -7.99
CA GLU A 333 17.72 33.83 -7.98
C GLU A 333 17.34 33.37 -9.38
N TRP A 334 16.73 34.19 -10.25
CA TRP A 334 16.36 33.68 -11.56
C TRP A 334 17.62 33.42 -12.37
N GLU A 335 18.71 34.15 -12.12
CA GLU A 335 19.95 33.89 -12.85
C GLU A 335 20.58 32.57 -12.45
N ALA A 336 20.48 32.14 -11.19
CA ALA A 336 20.99 30.83 -10.79
C ALA A 336 20.14 29.76 -11.47
N VAL A 337 18.82 29.99 -11.57
CA VAL A 337 17.93 29.08 -12.26
C VAL A 337 18.39 28.90 -13.71
N VAL A 338 18.54 29.99 -14.47
CA VAL A 338 18.93 29.85 -15.87
C VAL A 338 20.32 29.22 -15.96
N ALA A 339 21.24 29.56 -15.03
CA ALA A 339 22.59 29.03 -15.05
C ALA A 339 22.58 27.52 -14.89
N LYS A 340 21.72 26.98 -14.02
CA LYS A 340 21.64 25.54 -13.83
C LYS A 340 20.93 24.86 -14.98
N TYR A 341 19.83 25.43 -15.45
CA TYR A 341 19.02 24.71 -16.42
C TYR A 341 19.14 25.08 -17.88
N ARG A 342 19.47 26.31 -18.29
CA ARG A 342 19.55 26.62 -19.72
C ARG A 342 20.61 25.77 -20.40
N PRO A 343 21.86 25.55 -19.93
CA PRO A 343 22.78 24.59 -20.56
C PRO A 343 22.20 23.18 -20.72
N ARG A 344 21.15 22.82 -19.98
CA ARG A 344 20.51 21.52 -20.13
C ARG A 344 19.41 21.55 -21.19
N LEU A 345 18.82 22.73 -21.44
CA LEU A 345 17.68 22.87 -22.34
C LEU A 345 17.88 23.59 -23.67
N GLU A 346 19.07 24.16 -23.81
CA GLU A 346 19.50 24.91 -24.96
C GLU A 346 19.21 24.24 -26.31
N GLY A 347 18.56 24.98 -27.21
CA GLY A 347 18.33 24.50 -28.56
C GLY A 347 17.24 23.45 -28.69
N LYS A 348 16.61 23.02 -27.60
CA LYS A 348 15.52 22.06 -27.68
C LYS A 348 14.28 22.77 -28.22
N ARG A 349 13.51 22.03 -29.00
CA ARG A 349 12.38 22.56 -29.74
C ARG A 349 11.08 22.06 -29.16
N VAL A 350 10.12 22.97 -28.96
CA VAL A 350 8.85 22.70 -28.30
C VAL A 350 7.69 22.97 -29.24
N MET A 351 6.70 22.09 -29.21
CA MET A 351 5.44 22.29 -29.90
C MET A 351 4.39 22.43 -28.82
N LEU A 352 3.49 23.40 -28.92
CA LEU A 352 2.52 23.64 -27.87
C LEU A 352 1.13 23.57 -28.45
N TYR A 353 0.10 23.20 -27.68
CA TYR A 353 -1.28 23.32 -28.12
C TYR A 353 -2.03 23.50 -26.83
N ILE A 354 -2.57 24.67 -26.53
CA ILE A 354 -3.26 24.84 -25.25
C ILE A 354 -4.56 25.60 -25.59
N GLY A 355 -5.15 26.41 -24.71
CA GLY A 355 -6.49 26.96 -24.92
C GLY A 355 -6.65 28.34 -25.56
N GLY A 356 -6.49 29.41 -24.79
CA GLY A 356 -6.67 30.76 -25.29
C GLY A 356 -5.66 31.82 -24.83
N LEU A 357 -4.65 31.49 -24.02
CA LEU A 357 -3.68 32.49 -23.59
C LEU A 357 -2.25 32.00 -23.67
N ARG A 358 -2.02 30.94 -22.88
CA ARG A 358 -0.70 30.34 -22.71
C ARG A 358 0.00 29.94 -24.01
N PRO A 359 -0.62 29.53 -25.16
CA PRO A 359 0.09 29.29 -26.42
C PRO A 359 0.98 30.42 -26.92
N ARG A 360 0.71 31.69 -26.55
CA ARG A 360 1.59 32.79 -26.91
C ARG A 360 2.33 33.17 -25.63
N HIS A 361 1.64 33.15 -24.48
CA HIS A 361 2.21 33.68 -23.25
C HIS A 361 3.40 32.97 -22.64
N VAL A 362 3.66 31.70 -22.92
CA VAL A 362 4.80 31.02 -22.33
C VAL A 362 6.03 31.02 -23.25
N ILE A 363 5.97 31.50 -24.49
CA ILE A 363 7.10 31.49 -25.44
C ILE A 363 8.34 32.15 -24.83
N GLY A 364 8.16 33.27 -24.13
CA GLY A 364 9.25 34.03 -23.56
C GLY A 364 9.95 33.23 -22.48
N ALA A 365 9.22 32.43 -21.69
CA ALA A 365 9.83 31.61 -20.65
C ALA A 365 10.70 30.52 -21.26
N TYR A 366 10.23 29.93 -22.36
CA TYR A 366 11.00 28.92 -23.06
C TYR A 366 12.29 29.54 -23.62
N GLU A 367 12.22 30.74 -24.19
CA GLU A 367 13.39 31.42 -24.74
C GLU A 367 14.38 31.79 -23.66
N ASP A 368 13.92 32.07 -22.45
CA ASP A 368 14.82 32.34 -21.35
C ASP A 368 15.63 31.11 -20.95
N LEU A 369 15.19 29.95 -21.42
CA LEU A 369 15.91 28.71 -21.24
C LEU A 369 16.55 28.25 -22.54
N GLY A 370 16.75 29.15 -23.50
CA GLY A 370 17.36 28.85 -24.78
C GLY A 370 16.55 27.88 -25.63
N MET A 371 15.25 27.68 -25.40
CA MET A 371 14.47 26.72 -26.17
C MET A 371 13.68 27.46 -27.22
N GLU A 372 13.27 26.82 -28.31
CA GLU A 372 12.47 27.51 -29.28
C GLU A 372 11.17 26.78 -29.51
N VAL A 373 10.12 27.56 -29.74
CA VAL A 373 8.79 27.03 -29.97
C VAL A 373 8.64 26.99 -31.47
N VAL A 374 8.59 25.79 -32.01
CA VAL A 374 8.51 25.57 -33.44
C VAL A 374 7.10 25.46 -33.99
N GLY A 375 6.12 25.34 -33.09
CA GLY A 375 4.74 25.24 -33.47
C GLY A 375 3.92 25.62 -32.25
N THR A 376 2.76 26.25 -32.43
CA THR A 376 1.90 26.57 -31.31
C THR A 376 0.50 26.66 -31.91
N GLY A 377 -0.50 26.53 -31.05
CA GLY A 377 -1.88 26.63 -31.49
C GLY A 377 -2.80 26.71 -30.29
N TYR A 378 -4.03 27.09 -30.59
CA TYR A 378 -5.03 27.33 -29.57
C TYR A 378 -6.32 26.58 -29.88
N GLU A 379 -7.02 26.16 -28.83
CA GLU A 379 -8.29 25.46 -28.99
C GLU A 379 -9.39 26.43 -29.41
N PHE A 380 -9.46 27.58 -28.73
CA PHE A 380 -10.59 28.48 -28.89
C PHE A 380 -10.31 29.97 -29.04
N ALA A 381 -9.05 30.34 -29.28
CA ALA A 381 -8.65 31.74 -29.47
C ALA A 381 -9.37 32.44 -30.63
N HIS A 382 -9.38 33.77 -30.66
CA HIS A 382 -10.04 34.51 -31.73
C HIS A 382 -8.92 35.27 -32.45
N ASN A 383 -9.23 35.99 -33.53
CA ASN A 383 -8.18 36.66 -34.28
C ASN A 383 -7.35 37.71 -33.57
N ASP A 384 -7.89 38.45 -32.58
CA ASP A 384 -7.05 39.33 -31.80
C ASP A 384 -6.01 38.57 -30.97
N ASP A 385 -6.24 37.28 -30.64
CA ASP A 385 -5.22 36.49 -29.96
C ASP A 385 -4.14 36.10 -30.94
N TYR A 386 -4.48 35.74 -32.16
CA TYR A 386 -3.47 35.44 -33.16
C TYR A 386 -2.66 36.66 -33.58
N ASP A 387 -3.26 37.86 -33.62
CA ASP A 387 -2.50 39.08 -33.94
C ASP A 387 -1.41 39.23 -32.90
N ARG A 388 -1.80 39.04 -31.63
CA ARG A 388 -0.84 39.02 -30.55
C ARG A 388 0.18 37.90 -30.67
N THR A 389 -0.17 36.71 -31.17
CA THR A 389 0.73 35.57 -31.29
C THR A 389 1.85 35.74 -32.31
N MET A 390 1.50 36.31 -33.46
CA MET A 390 2.46 36.44 -34.56
C MET A 390 3.69 37.24 -34.18
N LYS A 391 3.51 38.21 -33.28
CA LYS A 391 4.58 39.02 -32.71
C LYS A 391 5.64 38.19 -31.94
N GLU A 392 5.22 37.02 -31.46
CA GLU A 392 6.02 36.15 -30.62
C GLU A 392 6.70 34.97 -31.30
N MET A 393 6.23 34.54 -32.46
CA MET A 393 6.78 33.33 -33.04
C MET A 393 7.80 33.65 -34.12
N GLY A 394 8.58 32.64 -34.48
CA GLY A 394 9.60 32.83 -35.49
C GLY A 394 8.93 32.71 -36.84
N ASP A 395 9.62 33.15 -37.91
CA ASP A 395 9.05 33.04 -39.24
C ASP A 395 9.12 31.55 -39.52
N SER A 396 8.18 31.08 -40.31
CA SER A 396 8.04 29.68 -40.68
C SER A 396 7.69 28.72 -39.56
N THR A 397 7.26 29.15 -38.37
CA THR A 397 6.83 28.19 -37.38
C THR A 397 5.37 27.86 -37.67
N LEU A 398 4.91 26.68 -37.26
CA LEU A 398 3.57 26.22 -37.56
C LEU A 398 2.52 26.73 -36.59
N LEU A 399 1.41 27.24 -37.15
CA LEU A 399 0.27 27.77 -36.41
C LEU A 399 -0.96 26.90 -36.69
N TYR A 400 -1.67 26.38 -35.69
CA TYR A 400 -2.84 25.53 -35.91
C TYR A 400 -3.96 25.88 -34.92
N ASP A 401 -5.10 26.30 -35.45
CA ASP A 401 -6.27 26.67 -34.66
C ASP A 401 -7.23 25.47 -34.62
N ASP A 402 -7.71 25.09 -33.44
CA ASP A 402 -8.62 23.97 -33.25
C ASP A 402 -8.17 22.71 -34.02
N VAL A 403 -6.91 22.35 -33.75
CA VAL A 403 -6.27 21.23 -34.40
C VAL A 403 -7.05 19.92 -34.15
N THR A 404 -7.11 19.04 -35.15
CA THR A 404 -7.74 17.76 -34.96
C THR A 404 -6.67 16.84 -34.36
N GLY A 405 -7.08 15.74 -33.73
CA GLY A 405 -6.17 14.74 -33.19
C GLY A 405 -5.19 14.23 -34.24
N TYR A 406 -5.74 13.94 -35.41
CA TYR A 406 -4.99 13.48 -36.55
C TYR A 406 -3.92 14.47 -36.97
N GLU A 407 -4.30 15.75 -37.15
CA GLU A 407 -3.36 16.74 -37.60
C GLU A 407 -2.20 16.89 -36.64
N PHE A 408 -2.49 17.01 -35.35
CA PHE A 408 -1.45 17.15 -34.32
C PHE A 408 -0.48 15.96 -34.38
N GLU A 409 -0.99 14.74 -34.38
CA GLU A 409 -0.16 13.54 -34.49
C GLU A 409 0.75 13.60 -35.71
N GLU A 410 0.24 14.03 -36.87
CA GLU A 410 1.01 14.12 -38.11
C GLU A 410 2.08 15.22 -38.10
N PHE A 411 1.72 16.40 -37.58
CA PHE A 411 2.65 17.51 -37.44
C PHE A 411 3.77 17.07 -36.53
N VAL A 412 3.47 16.39 -35.42
CA VAL A 412 4.50 15.94 -34.51
C VAL A 412 5.41 14.93 -35.16
N LYS A 413 4.86 13.97 -35.92
CA LYS A 413 5.68 13.01 -36.59
C LYS A 413 6.66 13.64 -37.58
N ARG A 414 6.27 14.73 -38.23
CA ARG A 414 7.15 15.41 -39.16
C ARG A 414 8.18 16.27 -38.47
N ILE A 415 7.71 17.19 -37.63
CA ILE A 415 8.59 18.17 -37.01
C ILE A 415 9.49 17.55 -35.96
N LYS A 416 9.07 16.43 -35.36
CA LYS A 416 9.83 15.74 -34.31
C LYS A 416 10.41 16.67 -33.23
N PRO A 417 9.52 17.39 -32.53
CA PRO A 417 9.90 18.27 -31.43
C PRO A 417 10.53 17.44 -30.31
N ASP A 418 11.36 18.08 -29.52
CA ASP A 418 12.01 17.41 -28.40
C ASP A 418 11.08 17.40 -27.21
N LEU A 419 10.10 18.31 -27.14
CA LEU A 419 9.16 18.39 -26.03
C LEU A 419 7.84 18.89 -26.61
N ILE A 420 6.72 18.38 -26.10
CA ILE A 420 5.39 18.86 -26.46
C ILE A 420 4.73 19.28 -25.18
N GLY A 421 4.01 20.40 -25.21
CA GLY A 421 3.30 20.94 -24.08
C GLY A 421 1.86 21.12 -24.48
N SER A 422 0.93 20.40 -23.86
CA SER A 422 -0.47 20.44 -24.21
C SER A 422 -1.33 19.90 -23.06
N GLY A 423 -2.53 19.33 -23.28
CA GLY A 423 -3.40 18.86 -22.20
C GLY A 423 -3.42 17.37 -21.91
N ILE A 424 -4.34 16.93 -21.02
CA ILE A 424 -4.40 15.55 -20.56
C ILE A 424 -4.83 14.61 -21.67
N LYS A 425 -5.67 15.04 -22.62
CA LYS A 425 -6.08 14.14 -23.69
C LYS A 425 -4.99 13.89 -24.74
N GLU A 426 -3.90 14.67 -24.67
CA GLU A 426 -2.79 14.58 -25.63
C GLU A 426 -1.58 13.88 -25.02
N LYS A 427 -1.45 14.02 -23.70
CA LYS A 427 -0.32 13.50 -22.95
C LYS A 427 0.17 12.11 -23.29
N PHE A 428 -0.71 11.13 -23.17
CA PHE A 428 -0.26 9.76 -23.25
C PHE A 428 0.00 9.27 -24.66
N ILE A 429 -0.55 9.97 -25.65
CA ILE A 429 -0.31 9.70 -27.06
C ILE A 429 1.17 9.97 -27.38
N PHE A 430 1.64 11.16 -27.00
CA PHE A 430 3.00 11.53 -27.37
C PHE A 430 4.02 10.81 -26.52
N GLN A 431 3.70 10.54 -25.25
CA GLN A 431 4.59 9.73 -24.43
C GLN A 431 4.79 8.33 -25.00
N LYS A 432 3.80 7.70 -25.60
CA LYS A 432 3.98 6.40 -26.25
C LYS A 432 4.83 6.51 -27.52
N MET A 433 4.82 7.67 -28.18
CA MET A 433 5.67 7.90 -29.33
C MET A 433 7.07 8.29 -28.89
N GLY A 434 7.31 8.44 -27.59
CA GLY A 434 8.64 8.69 -27.08
C GLY A 434 8.96 10.16 -27.00
N ILE A 435 8.00 11.06 -27.14
CA ILE A 435 8.32 12.47 -27.03
C ILE A 435 7.99 12.89 -25.60
N PRO A 436 8.96 13.45 -24.84
CA PRO A 436 8.76 14.18 -23.60
C PRO A 436 7.51 15.05 -23.65
N PHE A 437 6.59 14.85 -22.69
CA PHE A 437 5.40 15.65 -22.68
C PHE A 437 5.24 16.30 -21.32
N ARG A 438 4.86 17.59 -21.33
CA ARG A 438 4.52 18.32 -20.11
C ARG A 438 3.13 18.91 -20.31
N GLU A 439 2.27 18.76 -19.29
CA GLU A 439 0.92 19.27 -19.33
C GLU A 439 0.98 20.76 -19.09
N MET A 440 0.50 21.53 -20.05
CA MET A 440 0.56 22.97 -19.91
C MET A 440 -0.75 23.62 -19.50
N HIS A 441 -1.69 22.80 -18.99
CA HIS A 441 -2.90 23.32 -18.38
C HIS A 441 -2.80 23.12 -16.87
N SER A 442 -2.66 21.89 -16.39
CA SER A 442 -2.57 21.60 -14.97
C SER A 442 -1.16 21.62 -14.44
N TRP A 443 -0.18 21.95 -15.29
CA TRP A 443 1.23 21.98 -14.92
C TRP A 443 1.73 20.62 -14.44
N ASP A 444 1.08 19.54 -14.92
CA ASP A 444 1.37 18.18 -14.52
C ASP A 444 1.53 18.03 -13.01
N TYR A 445 0.61 18.69 -12.28
CA TYR A 445 0.47 18.65 -10.80
C TYR A 445 1.67 19.26 -10.08
N SER A 446 2.37 20.13 -10.80
CA SER A 446 3.51 20.85 -10.28
C SER A 446 3.17 22.34 -10.33
N GLY A 447 4.07 23.30 -10.57
CA GLY A 447 3.71 24.70 -10.52
C GLY A 447 3.74 25.30 -9.11
N PRO A 448 3.57 26.61 -8.88
CA PRO A 448 3.23 27.62 -9.88
C PRO A 448 4.27 27.86 -10.94
N TYR A 449 3.86 28.26 -12.14
CA TYR A 449 4.82 28.70 -13.13
C TYR A 449 4.80 30.21 -13.28
N HIS A 450 3.92 30.98 -12.62
CA HIS A 450 3.95 32.44 -12.77
C HIS A 450 4.98 33.07 -11.83
N GLY A 451 5.46 34.22 -12.25
CA GLY A 451 6.37 35.06 -11.48
C GLY A 451 7.77 34.48 -11.45
N PHE A 452 8.62 35.02 -10.57
CA PHE A 452 10.01 34.61 -10.48
C PHE A 452 10.12 33.22 -9.86
N ASP A 453 9.37 32.97 -8.78
CA ASP A 453 9.39 31.65 -8.14
C ASP A 453 8.86 30.55 -9.03
N GLY A 454 7.87 30.88 -9.87
CA GLY A 454 7.31 29.95 -10.80
C GLY A 454 8.30 29.58 -11.90
N PHE A 455 9.21 30.48 -12.26
CA PHE A 455 10.19 30.18 -13.28
C PHE A 455 11.11 29.06 -12.82
N ALA A 456 11.44 28.99 -11.52
CA ALA A 456 12.31 27.95 -11.02
C ALA A 456 11.68 26.57 -11.16
N ILE A 457 10.39 26.48 -10.82
CA ILE A 457 9.63 25.24 -10.94
C ILE A 457 9.46 24.90 -12.42
N PHE A 458 9.10 25.85 -13.28
CA PHE A 458 9.00 25.62 -14.71
C PHE A 458 10.31 25.06 -15.27
N ALA A 459 11.45 25.70 -14.99
CA ALA A 459 12.76 25.26 -15.48
C ALA A 459 13.06 23.83 -15.02
N ARG A 460 12.84 23.54 -13.74
CA ARG A 460 13.07 22.23 -13.18
C ARG A 460 12.24 21.15 -13.88
N ASP A 461 10.95 21.42 -14.06
CA ASP A 461 10.00 20.52 -14.70
C ASP A 461 10.28 20.23 -16.16
N MET A 462 10.63 21.25 -16.94
CA MET A 462 10.93 21.02 -18.35
C MET A 462 12.15 20.14 -18.45
N ASP A 463 13.11 20.40 -17.56
CA ASP A 463 14.34 19.63 -17.55
C ASP A 463 14.08 18.19 -17.17
N MET A 464 13.40 17.92 -16.05
CA MET A 464 13.22 16.56 -15.58
C MET A 464 12.53 15.67 -16.57
N THR A 465 11.59 16.23 -17.34
CA THR A 465 10.87 15.47 -18.34
C THR A 465 11.65 15.37 -19.63
N LEU A 466 12.13 16.47 -20.22
CA LEU A 466 12.86 16.39 -21.45
C LEU A 466 14.14 15.58 -21.28
N ASN A 467 14.80 15.64 -20.12
CA ASN A 467 16.06 14.92 -19.97
C ASN A 467 15.90 13.67 -19.12
N ASN A 468 14.73 13.04 -19.11
CA ASN A 468 14.53 11.91 -18.24
C ASN A 468 15.14 10.65 -18.84
N PRO A 469 15.92 9.83 -18.11
CA PRO A 469 16.42 8.54 -18.55
C PRO A 469 15.39 7.64 -19.23
N CYS A 470 14.10 7.67 -18.84
CA CYS A 470 13.12 6.79 -19.44
C CYS A 470 13.01 6.94 -20.96
N TRP A 471 13.29 8.11 -21.54
CA TRP A 471 13.10 8.28 -22.97
C TRP A 471 14.14 7.54 -23.79
N LYS A 472 15.26 7.10 -23.22
CA LYS A 472 16.23 6.37 -24.03
C LYS A 472 15.86 4.89 -24.16
N LYS A 473 14.92 4.44 -23.34
CA LYS A 473 14.60 3.02 -23.22
C LYS A 473 13.33 2.62 -23.94
N LEU A 474 12.82 3.35 -24.92
CA LEU A 474 11.56 2.97 -25.56
C LEU A 474 11.67 1.82 -26.55
N GLN A 475 12.87 1.46 -27.01
CA GLN A 475 12.98 0.45 -28.02
C GLN A 475 13.77 -0.70 -27.42
N ALA A 476 13.23 -1.91 -27.60
CA ALA A 476 13.84 -3.09 -27.02
C ALA A 476 15.17 -3.43 -27.68
N PRO A 477 16.21 -3.92 -26.96
CA PRO A 477 17.49 -4.30 -27.53
C PRO A 477 17.44 -5.31 -28.67
N TRP A 478 16.34 -6.01 -28.86
CA TRP A 478 16.22 -6.99 -29.90
C TRP A 478 15.29 -6.57 -31.04
N GLU A 479 14.65 -5.40 -30.87
CA GLU A 479 13.65 -4.69 -31.69
C GLU A 479 12.24 -4.71 -31.09
N SER B 1 10.69 33.36 -2.56
CA SER B 1 12.03 33.18 -3.04
C SER B 1 12.24 31.68 -3.19
N GLN B 2 13.20 31.30 -4.02
CA GLN B 2 13.55 29.91 -4.26
C GLN B 2 15.04 29.78 -3.99
N GLN B 3 15.50 28.61 -3.55
CA GLN B 3 16.92 28.35 -3.43
C GLN B 3 17.11 27.35 -4.56
N VAL B 4 17.89 27.67 -5.61
CA VAL B 4 18.01 26.82 -6.80
C VAL B 4 18.39 25.33 -6.63
N ASP B 5 18.89 24.90 -5.47
CA ASP B 5 19.21 23.50 -5.27
C ASP B 5 18.13 22.73 -4.51
N LYS B 6 17.08 23.42 -4.05
CA LYS B 6 15.97 22.85 -3.31
C LYS B 6 14.82 23.74 -3.75
N ILE B 7 14.35 23.53 -4.98
CA ILE B 7 13.24 24.33 -5.47
C ILE B 7 11.97 23.79 -4.81
N LYS B 8 11.07 24.67 -4.38
CA LYS B 8 9.83 24.26 -3.73
C LYS B 8 8.66 24.42 -4.68
N ALA B 9 7.79 23.40 -4.80
CA ALA B 9 6.57 23.52 -5.58
C ALA B 9 5.54 24.15 -4.66
N SER B 10 4.28 24.34 -5.07
CA SER B 10 3.25 25.00 -4.25
C SER B 10 3.27 24.54 -2.80
N TYR B 11 3.36 23.24 -2.54
CA TYR B 11 3.61 22.77 -1.18
C TYR B 11 5.10 22.37 -1.23
N PRO B 12 6.01 22.90 -0.42
CA PRO B 12 5.72 23.80 0.68
C PRO B 12 5.92 25.29 0.44
N LEU B 13 6.04 25.80 -0.80
CA LEU B 13 6.35 27.20 -1.05
C LEU B 13 5.53 28.22 -0.29
N PHE B 14 4.21 28.04 -0.34
CA PHE B 14 3.28 29.00 0.26
C PHE B 14 3.18 28.95 1.78
N LEU B 15 4.04 28.17 2.40
CA LEU B 15 4.16 28.07 3.84
C LEU B 15 5.25 29.03 4.30
N ASP B 16 6.11 29.49 3.38
CA ASP B 16 7.13 30.49 3.65
C ASP B 16 6.50 31.72 4.25
N GLN B 17 7.12 32.25 5.30
CA GLN B 17 6.61 33.40 6.02
C GLN B 17 6.08 34.55 5.17
N ASP B 18 6.80 34.99 4.13
CA ASP B 18 6.31 36.09 3.30
C ASP B 18 4.99 35.75 2.62
N TYR B 19 4.81 34.50 2.17
CA TYR B 19 3.58 34.10 1.50
C TYR B 19 2.47 34.00 2.52
N LYS B 20 2.79 33.44 3.68
CA LYS B 20 1.85 33.33 4.78
C LYS B 20 1.32 34.71 5.19
N ASP B 21 2.20 35.71 5.26
CA ASP B 21 1.80 37.08 5.59
C ASP B 21 0.88 37.62 4.50
N MET B 22 1.32 37.57 3.23
CA MET B 22 0.54 38.03 2.09
C MET B 22 -0.86 37.43 2.05
N LEU B 23 -1.01 36.13 2.30
CA LEU B 23 -2.33 35.52 2.29
C LEU B 23 -3.20 35.98 3.45
N ALA B 24 -2.58 36.32 4.59
CA ALA B 24 -3.31 36.81 5.75
C ALA B 24 -3.81 38.22 5.46
N LYS B 25 -2.95 39.02 4.84
CA LYS B 25 -3.29 40.37 4.43
C LYS B 25 -4.43 40.31 3.42
N LYS B 26 -4.40 39.36 2.48
CA LYS B 26 -5.47 39.23 1.49
C LYS B 26 -6.82 38.97 2.12
N ARG B 27 -6.94 38.03 3.06
CA ARG B 27 -8.24 37.77 3.63
C ARG B 27 -8.74 38.92 4.48
N ASP B 28 -7.86 39.44 5.34
CA ASP B 28 -8.21 40.52 6.25
C ASP B 28 -8.58 41.78 5.48
N GLY B 29 -7.81 42.14 4.48
CA GLY B 29 -8.10 43.33 3.71
C GLY B 29 -9.32 43.17 2.81
N PHE B 30 -9.54 42.07 2.10
CA PHE B 30 -10.59 42.09 1.06
C PHE B 30 -11.62 40.98 1.02
N GLU B 31 -11.39 39.86 1.69
CA GLU B 31 -12.27 38.73 1.56
C GLU B 31 -13.53 38.73 2.41
N GLU B 32 -13.56 39.53 3.48
CA GLU B 32 -14.67 39.62 4.43
C GLU B 32 -15.07 38.23 4.91
N LYS B 33 -14.04 37.51 5.33
CA LYS B 33 -14.18 36.13 5.72
C LYS B 33 -14.89 36.01 7.06
N TYR B 34 -15.74 35.00 7.17
CA TYR B 34 -16.39 34.69 8.43
C TYR B 34 -15.32 34.42 9.48
N PRO B 35 -15.41 34.90 10.72
CA PRO B 35 -14.44 34.63 11.78
C PRO B 35 -14.26 33.14 12.03
N GLN B 36 -13.00 32.75 12.29
CA GLN B 36 -12.64 31.35 12.50
C GLN B 36 -13.49 30.60 13.50
N ASP B 37 -13.89 31.26 14.57
CA ASP B 37 -14.69 30.65 15.62
C ASP B 37 -16.07 30.28 15.10
N LYS B 38 -16.59 31.07 14.14
CA LYS B 38 -17.86 30.78 13.54
C LYS B 38 -17.67 29.57 12.64
N ILE B 39 -16.59 29.56 11.85
CA ILE B 39 -16.24 28.45 10.98
C ILE B 39 -16.14 27.15 11.78
N ASP B 40 -15.36 27.13 12.87
CA ASP B 40 -15.20 25.98 13.73
C ASP B 40 -16.55 25.53 14.26
N GLU B 41 -17.39 26.47 14.71
CA GLU B 41 -18.73 26.14 15.20
C GLU B 41 -19.55 25.43 14.13
N VAL B 42 -19.54 25.93 12.90
CA VAL B 42 -20.29 25.31 11.81
C VAL B 42 -19.69 23.95 11.44
N PHE B 43 -18.36 23.82 11.48
CA PHE B 43 -17.73 22.54 11.19
C PHE B 43 -18.18 21.53 12.23
N GLN B 44 -18.16 21.86 13.53
CA GLN B 44 -18.61 20.91 14.52
C GLN B 44 -20.09 20.62 14.31
N TRP B 45 -20.89 21.61 13.94
CA TRP B 45 -22.29 21.35 13.66
C TRP B 45 -22.47 20.40 12.47
N THR B 46 -21.60 20.43 11.45
CA THR B 46 -21.78 19.53 10.32
C THR B 46 -21.39 18.10 10.63
N THR B 47 -20.77 17.84 11.80
CA THR B 47 -20.45 16.49 12.22
C THR B 47 -21.57 15.92 13.10
N THR B 48 -22.58 16.70 13.52
CA THR B 48 -23.58 16.21 14.47
C THR B 48 -24.67 15.35 13.86
N LYS B 49 -25.43 14.66 14.73
CA LYS B 49 -26.58 13.92 14.26
C LYS B 49 -27.66 14.92 13.79
N GLU B 50 -27.69 16.15 14.29
CA GLU B 50 -28.71 17.14 13.89
C GLU B 50 -28.48 17.51 12.44
N TYR B 51 -27.23 17.84 12.08
CA TYR B 51 -26.91 18.15 10.70
C TYR B 51 -27.28 16.95 9.85
N GLN B 52 -26.91 15.76 10.30
CA GLN B 52 -27.26 14.55 9.58
C GLN B 52 -28.76 14.43 9.31
N GLU B 53 -29.60 14.75 10.29
CA GLU B 53 -31.05 14.67 10.13
C GLU B 53 -31.51 15.54 8.96
N LEU B 54 -31.04 16.78 8.97
CA LEU B 54 -31.36 17.75 7.92
C LEU B 54 -30.79 17.33 6.57
N ASN B 55 -29.55 16.83 6.57
CA ASN B 55 -28.84 16.37 5.38
C ASN B 55 -29.62 15.24 4.69
N PHE B 56 -30.14 14.32 5.49
CA PHE B 56 -30.85 13.20 4.92
C PHE B 56 -32.26 13.52 4.44
N GLN B 57 -32.74 14.72 4.74
CA GLN B 57 -34.05 15.14 4.29
C GLN B 57 -34.03 15.78 2.91
N ARG B 58 -32.84 16.02 2.32
CA ARG B 58 -32.69 16.59 0.99
C ARG B 58 -33.50 15.82 -0.04
N GLU B 59 -34.13 16.62 -0.90
CA GLU B 59 -34.96 16.13 -1.97
C GLU B 59 -34.48 16.63 -3.33
N ALA B 60 -33.94 17.84 -3.40
CA ALA B 60 -33.51 18.40 -4.68
C ALA B 60 -32.02 18.56 -4.95
N LEU B 61 -31.29 18.79 -3.85
CA LEU B 61 -29.87 19.06 -3.91
C LEU B 61 -29.10 17.76 -3.81
N THR B 62 -28.14 17.54 -4.70
CA THR B 62 -27.22 16.45 -4.61
C THR B 62 -25.84 17.07 -4.42
N VAL B 63 -25.06 16.58 -3.45
CA VAL B 63 -23.75 17.12 -3.15
C VAL B 63 -22.80 15.94 -3.19
N ASN B 64 -21.80 16.02 -4.04
CA ASN B 64 -20.75 15.02 -4.22
C ASN B 64 -21.30 13.65 -4.59
N PRO B 65 -21.83 13.49 -5.81
CA PRO B 65 -22.36 12.22 -6.29
C PRO B 65 -21.38 11.06 -6.51
N ALA B 66 -21.92 9.84 -6.52
CA ALA B 66 -21.12 8.63 -6.70
C ALA B 66 -21.67 7.86 -7.89
N LYS B 67 -21.82 8.59 -9.00
CA LYS B 67 -22.26 8.07 -10.28
C LYS B 67 -21.91 9.15 -11.31
N ALA B 68 -21.89 8.77 -12.58
CA ALA B 68 -21.67 9.70 -13.67
C ALA B 68 -22.79 9.42 -14.69
N CYS B 69 -22.77 9.98 -15.89
CA CYS B 69 -23.90 9.86 -16.81
C CYS B 69 -23.77 8.76 -17.85
N GLN B 70 -24.91 8.32 -18.39
CA GLN B 70 -24.95 7.26 -19.39
C GLN B 70 -23.93 7.21 -20.53
N PRO B 71 -23.68 8.22 -21.39
CA PRO B 71 -22.69 8.06 -22.45
C PRO B 71 -21.27 7.73 -21.95
N LEU B 72 -20.86 8.01 -20.70
CA LEU B 72 -19.53 7.60 -20.24
C LEU B 72 -19.40 6.08 -20.31
N GLY B 73 -20.45 5.34 -19.92
CA GLY B 73 -20.44 3.87 -19.98
C GLY B 73 -20.51 3.33 -21.40
N ALA B 74 -21.33 3.98 -22.23
CA ALA B 74 -21.47 3.64 -23.64
C ALA B 74 -20.14 3.73 -24.39
N VAL B 75 -19.31 4.73 -24.06
CA VAL B 75 -17.99 4.89 -24.64
C VAL B 75 -17.10 3.75 -24.16
N LEU B 76 -17.09 3.40 -22.86
CA LEU B 76 -16.26 2.31 -22.41
C LEU B 76 -16.67 0.98 -23.07
N CYS B 77 -17.96 0.74 -23.30
CA CYS B 77 -18.42 -0.47 -23.96
C CYS B 77 -17.87 -0.48 -25.38
N ALA B 78 -18.07 0.60 -26.13
CA ALA B 78 -17.62 0.71 -27.51
C ALA B 78 -16.14 0.43 -27.71
N LEU B 79 -15.33 0.98 -26.80
CA LEU B 79 -13.88 0.84 -26.76
C LEU B 79 -13.43 -0.64 -26.69
N GLY B 80 -14.26 -1.55 -26.21
CA GLY B 80 -13.92 -2.95 -26.13
C GLY B 80 -14.08 -3.71 -27.44
N PHE B 81 -14.49 -3.10 -28.54
CA PHE B 81 -14.63 -3.82 -29.79
C PHE B 81 -13.49 -3.48 -30.75
N GLU B 82 -13.16 -4.46 -31.59
CA GLU B 82 -12.03 -4.36 -32.50
C GLU B 82 -12.12 -3.21 -33.49
N LYS B 83 -11.12 -2.34 -33.38
CA LYS B 83 -10.97 -1.17 -34.21
C LYS B 83 -12.23 -0.35 -34.37
N THR B 84 -12.92 -0.05 -33.26
CA THR B 84 -14.09 0.80 -33.42
C THR B 84 -13.85 2.12 -32.73
N MET B 85 -14.55 3.11 -33.27
CA MET B 85 -14.50 4.47 -32.75
C MET B 85 -15.82 4.69 -32.06
N PRO B 86 -15.82 4.94 -30.75
CA PRO B 86 -16.93 5.57 -30.05
C PRO B 86 -17.21 6.97 -30.56
N TYR B 87 -18.49 7.21 -30.84
CA TYR B 87 -18.99 8.42 -31.45
C TYR B 87 -20.17 8.85 -30.62
N VAL B 88 -20.20 10.06 -30.08
CA VAL B 88 -21.34 10.47 -29.30
C VAL B 88 -21.97 11.62 -30.07
N HIS B 89 -23.22 11.39 -30.49
CA HIS B 89 -24.00 12.36 -31.24
C HIS B 89 -24.54 13.39 -30.26
N GLY B 90 -24.16 14.64 -30.43
CA GLY B 90 -24.61 15.71 -29.56
C GLY B 90 -23.54 16.77 -29.42
N SER B 91 -23.42 17.38 -28.24
CA SER B 91 -22.49 18.47 -27.99
C SER B 91 -21.10 17.93 -27.62
N GLN B 92 -20.07 18.57 -28.17
CA GLN B 92 -18.69 18.14 -28.02
C GLN B 92 -18.06 18.24 -26.63
N GLY B 93 -18.55 19.14 -25.79
CA GLY B 93 -18.05 19.31 -24.43
C GLY B 93 -18.03 18.00 -23.66
N CYS B 94 -19.07 17.21 -23.92
CA CYS B 94 -19.25 15.90 -23.31
C CYS B 94 -18.07 15.00 -23.65
N VAL B 95 -17.67 14.86 -24.93
CA VAL B 95 -16.55 14.00 -25.31
C VAL B 95 -15.25 14.47 -24.67
N ALA B 96 -14.95 15.76 -24.63
CA ALA B 96 -13.73 16.24 -23.99
C ALA B 96 -13.72 15.79 -22.54
N TYR B 97 -14.87 15.76 -21.88
CA TYR B 97 -14.98 15.28 -20.50
C TYR B 97 -14.88 13.78 -20.34
N PHE B 98 -15.52 12.99 -21.20
CA PHE B 98 -15.44 11.53 -21.13
C PHE B 98 -14.03 11.04 -21.33
N ARG B 99 -13.36 11.61 -22.34
CA ARG B 99 -11.97 11.30 -22.64
C ARG B 99 -11.10 11.65 -21.46
N SER B 100 -11.15 12.87 -20.92
CA SER B 100 -10.32 13.27 -19.79
C SER B 100 -10.50 12.46 -18.52
N TYR B 101 -11.74 12.11 -18.21
CA TYR B 101 -12.09 11.33 -17.03
C TYR B 101 -11.45 9.95 -17.11
N PHE B 102 -11.51 9.27 -18.26
CA PHE B 102 -10.88 7.98 -18.37
C PHE B 102 -9.36 8.15 -18.52
N ASN B 103 -8.84 9.18 -19.20
CA ASN B 103 -7.41 9.42 -19.32
C ASN B 103 -6.77 9.48 -17.94
N ARG B 104 -7.40 10.21 -17.02
CA ARG B 104 -6.92 10.34 -15.66
C ARG B 104 -6.90 9.01 -14.89
N HIS B 105 -7.85 8.09 -15.15
CA HIS B 105 -7.90 6.82 -14.43
C HIS B 105 -6.98 5.78 -15.04
N PHE B 106 -6.88 5.68 -16.36
CA PHE B 106 -6.06 4.65 -16.96
C PHE B 106 -4.66 5.12 -17.30
N ARG B 107 -4.48 6.46 -17.26
CA ARG B 107 -3.27 7.13 -17.69
C ARG B 107 -2.96 6.62 -19.10
N GLU B 108 -3.91 6.65 -20.04
CA GLU B 108 -3.77 6.12 -21.39
C GLU B 108 -4.57 7.03 -22.31
N PRO B 109 -4.32 7.05 -23.63
CA PRO B 109 -5.20 7.66 -24.62
C PRO B 109 -6.56 7.01 -24.57
N VAL B 110 -7.59 7.82 -24.77
CA VAL B 110 -8.96 7.35 -24.80
C VAL B 110 -9.46 8.06 -26.03
N SER B 111 -9.70 7.35 -27.12
CA SER B 111 -10.13 7.96 -28.36
C SER B 111 -11.65 7.91 -28.47
N CYS B 112 -12.30 8.98 -28.92
CA CYS B 112 -13.75 9.10 -29.00
C CYS B 112 -14.04 10.39 -29.75
N VAL B 113 -15.08 10.45 -30.58
CA VAL B 113 -15.39 11.65 -31.35
C VAL B 113 -16.81 12.10 -31.03
N SER B 114 -17.09 13.31 -31.47
CA SER B 114 -18.38 13.96 -31.33
C SER B 114 -18.78 14.40 -32.73
N ASP B 115 -20.04 14.75 -32.98
CA ASP B 115 -20.36 15.37 -34.24
C ASP B 115 -20.80 16.81 -34.04
N SER B 116 -20.22 17.45 -33.04
CA SER B 116 -20.38 18.86 -32.72
C SER B 116 -21.68 19.60 -33.07
N MET B 117 -22.76 19.14 -32.43
CA MET B 117 -24.03 19.84 -32.55
C MET B 117 -23.98 21.14 -31.76
N THR B 118 -24.32 22.23 -32.44
CA THR B 118 -24.34 23.59 -31.89
C THR B 118 -25.76 24.15 -31.74
N GLU B 119 -25.87 25.41 -31.35
CA GLU B 119 -27.13 26.16 -31.31
C GLU B 119 -28.16 25.88 -32.40
N ASP B 120 -27.73 25.89 -33.67
CA ASP B 120 -28.63 25.68 -34.79
C ASP B 120 -29.28 24.31 -34.79
N ALA B 121 -28.51 23.26 -34.46
CA ALA B 121 -29.01 21.90 -34.46
C ALA B 121 -30.12 21.73 -33.43
N ALA B 122 -30.09 22.55 -32.37
CA ALA B 122 -31.10 22.52 -31.34
C ALA B 122 -32.50 22.88 -31.83
N VAL B 123 -32.58 23.51 -33.00
CA VAL B 123 -33.83 23.93 -33.57
C VAL B 123 -34.15 23.07 -34.79
N PHE B 124 -33.15 22.62 -35.54
CA PHE B 124 -33.42 21.89 -36.77
C PHE B 124 -33.00 20.43 -36.73
N GLY B 125 -32.51 19.96 -35.60
CA GLY B 125 -32.05 18.60 -35.49
C GLY B 125 -30.59 18.48 -35.92
N GLY B 126 -30.00 17.33 -35.62
CA GLY B 126 -28.60 17.12 -35.90
C GLY B 126 -28.34 16.19 -37.07
N GLN B 127 -29.19 16.14 -38.09
CA GLN B 127 -29.03 15.20 -39.20
C GLN B 127 -27.74 15.45 -39.96
N GLN B 128 -27.48 16.67 -40.43
CA GLN B 128 -26.25 16.95 -41.16
C GLN B 128 -24.99 16.66 -40.38
N ASN B 129 -25.10 16.81 -39.06
CA ASN B 129 -24.01 16.47 -38.16
C ASN B 129 -23.73 14.99 -38.26
N MET B 130 -24.74 14.11 -38.25
CA MET B 130 -24.54 12.67 -38.39
C MET B 130 -23.92 12.34 -39.73
N LYS B 131 -24.45 12.95 -40.78
CA LYS B 131 -23.96 12.72 -42.13
C LYS B 131 -22.48 13.04 -42.31
N ASP B 132 -22.09 14.28 -41.99
CA ASP B 132 -20.71 14.68 -42.13
C ASP B 132 -19.82 14.03 -41.07
N GLY B 133 -20.35 13.84 -39.86
CA GLY B 133 -19.63 13.24 -38.74
C GLY B 133 -19.14 11.86 -39.08
N LEU B 134 -20.07 10.99 -39.47
CA LEU B 134 -19.70 9.64 -39.86
C LEU B 134 -18.68 9.60 -40.99
N GLN B 135 -18.90 10.38 -42.04
CA GLN B 135 -17.97 10.37 -43.16
C GLN B 135 -16.58 10.83 -42.74
N ASN B 136 -16.50 11.89 -41.93
CA ASN B 136 -15.22 12.44 -41.51
C ASN B 136 -14.42 11.53 -40.61
N CYS B 137 -15.13 10.93 -39.66
CA CYS B 137 -14.52 9.98 -38.76
C CYS B 137 -14.02 8.77 -39.55
N LYS B 138 -14.84 8.14 -40.42
CA LYS B 138 -14.40 6.97 -41.17
C LYS B 138 -13.18 7.27 -41.99
N ALA B 139 -13.13 8.44 -42.65
CA ALA B 139 -11.98 8.85 -43.45
C ALA B 139 -10.73 9.17 -42.66
N THR B 140 -10.86 9.92 -41.58
CA THR B 140 -9.71 10.40 -40.84
C THR B 140 -9.13 9.39 -39.88
N TYR B 141 -10.01 8.66 -39.19
CA TYR B 141 -9.54 7.73 -38.17
C TYR B 141 -9.55 6.25 -38.53
N LYS B 142 -10.11 5.96 -39.70
CA LYS B 142 -10.19 4.62 -40.28
C LYS B 142 -10.61 3.48 -39.36
N PRO B 143 -11.71 3.59 -38.60
CA PRO B 143 -12.22 2.49 -37.81
C PRO B 143 -12.93 1.46 -38.69
N ASP B 144 -12.96 0.21 -38.25
CA ASP B 144 -13.74 -0.79 -38.97
C ASP B 144 -15.19 -0.66 -38.56
N MET B 145 -15.49 0.04 -37.46
CA MET B 145 -16.86 0.19 -37.00
C MET B 145 -16.98 1.50 -36.25
N ILE B 146 -18.15 2.14 -36.23
CA ILE B 146 -18.36 3.34 -35.43
C ILE B 146 -19.55 3.01 -34.52
N ALA B 147 -19.41 3.24 -33.21
CA ALA B 147 -20.45 2.95 -32.25
C ALA B 147 -20.98 4.27 -31.72
N VAL B 148 -22.24 4.53 -32.10
CA VAL B 148 -22.92 5.79 -31.85
C VAL B 148 -23.71 5.78 -30.56
N SER B 149 -23.51 6.84 -29.80
CA SER B 149 -24.11 7.05 -28.52
C SER B 149 -24.71 8.45 -28.59
N THR B 150 -25.17 9.01 -27.48
CA THR B 150 -25.89 10.27 -27.49
C THR B 150 -25.65 11.20 -26.29
N THR B 151 -25.63 12.53 -26.48
CA THR B 151 -25.53 13.43 -25.34
C THR B 151 -26.93 13.96 -25.03
N CYS B 152 -27.14 14.54 -23.84
CA CYS B 152 -28.44 15.06 -23.43
C CYS B 152 -29.09 16.05 -24.39
N MET B 153 -28.31 16.89 -25.06
CA MET B 153 -28.84 17.81 -26.05
C MET B 153 -29.60 17.03 -27.11
N ALA B 154 -28.96 16.04 -27.71
CA ALA B 154 -29.56 15.24 -28.77
C ALA B 154 -30.72 14.39 -28.26
N GLU B 155 -30.72 14.11 -26.97
CA GLU B 155 -31.85 13.46 -26.36
C GLU B 155 -33.04 14.39 -26.21
N VAL B 156 -32.88 15.57 -25.62
CA VAL B 156 -33.99 16.50 -25.42
C VAL B 156 -34.60 16.89 -26.75
N ILE B 157 -33.81 17.18 -27.80
CA ILE B 157 -34.42 17.55 -29.06
C ILE B 157 -34.94 16.33 -29.84
N GLY B 158 -34.85 15.13 -29.27
CA GLY B 158 -35.42 13.91 -29.83
C GLY B 158 -34.95 13.50 -31.21
N ASP B 159 -33.64 13.45 -31.42
CA ASP B 159 -33.12 13.03 -32.69
C ASP B 159 -33.19 11.53 -32.89
N ASP B 160 -33.79 11.13 -34.02
CA ASP B 160 -33.90 9.74 -34.34
C ASP B 160 -32.60 9.31 -34.98
N LEU B 161 -31.77 8.73 -34.12
CA LEU B 161 -30.49 8.18 -34.53
C LEU B 161 -30.64 7.20 -35.67
N ASN B 162 -31.62 6.29 -35.56
CA ASN B 162 -31.80 5.28 -36.60
C ASN B 162 -32.04 5.89 -37.97
N ALA B 163 -32.90 6.90 -38.06
CA ALA B 163 -33.23 7.54 -39.35
C ALA B 163 -31.99 8.21 -39.93
N PHE B 164 -31.32 8.99 -39.08
CA PHE B 164 -30.13 9.72 -39.46
C PHE B 164 -29.05 8.78 -39.95
N ILE B 165 -28.76 7.66 -39.28
CA ILE B 165 -27.73 6.76 -39.77
C ILE B 165 -28.14 6.13 -41.09
N ASN B 166 -29.41 5.79 -41.23
CA ASN B 166 -29.89 5.22 -42.48
C ASN B 166 -29.82 6.23 -43.62
N ASN B 167 -30.10 7.51 -43.32
CA ASN B 167 -30.02 8.56 -44.32
C ASN B 167 -28.58 8.86 -44.66
N SER B 168 -27.63 8.70 -43.75
CA SER B 168 -26.23 8.88 -44.10
C SER B 168 -25.80 7.76 -45.04
N LYS B 169 -26.29 6.54 -44.86
CA LYS B 169 -25.98 5.44 -45.77
C LYS B 169 -26.63 5.66 -47.14
N LYS B 170 -27.89 6.12 -47.11
CA LYS B 170 -28.68 6.47 -48.29
C LYS B 170 -27.94 7.50 -49.14
N GLU B 171 -27.54 8.61 -48.54
CA GLU B 171 -26.82 9.64 -49.26
C GLU B 171 -25.37 9.30 -49.58
N GLY B 172 -24.87 8.12 -49.23
CA GLY B 172 -23.51 7.75 -49.56
C GLY B 172 -22.44 8.42 -48.73
N PHE B 173 -22.71 8.82 -47.48
CA PHE B 173 -21.68 9.39 -46.61
C PHE B 173 -20.78 8.28 -46.08
N ILE B 174 -21.37 7.15 -45.70
CA ILE B 174 -20.59 5.98 -45.34
C ILE B 174 -21.23 4.83 -46.12
N PRO B 175 -20.47 3.79 -46.50
CA PRO B 175 -20.99 2.63 -47.21
C PRO B 175 -22.04 1.87 -46.43
N ASP B 176 -23.02 1.39 -47.18
CA ASP B 176 -24.13 0.61 -46.65
C ASP B 176 -23.79 -0.54 -45.70
N GLU B 177 -22.65 -1.19 -45.88
CA GLU B 177 -22.30 -2.36 -45.09
C GLU B 177 -21.44 -1.98 -43.89
N PHE B 178 -21.09 -0.70 -43.73
CA PHE B 178 -20.19 -0.28 -42.66
C PHE B 178 -20.98 -0.38 -41.37
N PRO B 179 -20.48 -1.09 -40.35
CA PRO B 179 -21.16 -1.16 -39.08
C PRO B 179 -21.19 0.13 -38.28
N VAL B 180 -22.42 0.60 -38.09
CA VAL B 180 -22.72 1.76 -37.27
C VAL B 180 -23.85 1.35 -36.30
N PRO B 181 -23.61 0.51 -35.27
CA PRO B 181 -24.56 0.29 -34.18
C PRO B 181 -24.79 1.55 -33.37
N PHE B 182 -25.96 1.66 -32.75
CA PHE B 182 -26.29 2.86 -31.99
C PHE B 182 -27.06 2.51 -30.73
N ALA B 183 -27.14 3.50 -29.85
CA ALA B 183 -27.88 3.37 -28.63
C ALA B 183 -28.27 4.75 -28.18
N HIS B 184 -29.44 4.94 -27.59
CA HIS B 184 -29.80 6.25 -27.08
C HIS B 184 -29.32 6.20 -25.64
N THR B 185 -28.47 7.13 -25.23
CA THR B 185 -27.95 7.11 -23.87
C THR B 185 -28.21 8.39 -23.08
N PRO B 186 -29.45 8.72 -22.67
CA PRO B 186 -29.76 9.92 -21.90
C PRO B 186 -29.22 10.06 -20.48
N SER B 187 -28.40 11.07 -20.29
CA SER B 187 -27.76 11.37 -19.02
C SER B 187 -28.71 11.57 -17.84
N PHE B 188 -30.00 11.81 -18.13
CA PHE B 188 -30.99 12.02 -17.08
C PHE B 188 -31.75 10.75 -16.69
N VAL B 189 -31.34 9.57 -17.23
CA VAL B 189 -31.98 8.31 -16.89
C VAL B 189 -30.89 7.40 -16.36
N GLY B 190 -30.94 6.99 -15.09
CA GLY B 190 -29.99 6.05 -14.51
C GLY B 190 -28.57 6.61 -14.46
N SER B 191 -27.54 5.89 -14.92
CA SER B 191 -26.20 6.40 -14.83
C SER B 191 -25.30 5.80 -15.90
N HIS B 192 -23.98 6.08 -15.81
CA HIS B 192 -22.96 5.46 -16.65
C HIS B 192 -23.13 3.97 -16.93
N VAL B 193 -23.54 3.17 -15.94
CA VAL B 193 -23.66 1.75 -16.16
C VAL B 193 -24.80 1.45 -17.15
N THR B 194 -25.90 2.21 -17.05
CA THR B 194 -27.04 2.06 -17.94
C THR B 194 -26.57 2.33 -19.38
N GLY B 195 -25.67 3.29 -19.57
CA GLY B 195 -25.14 3.58 -20.89
C GLY B 195 -24.34 2.42 -21.45
N TRP B 196 -23.64 1.68 -20.59
CA TRP B 196 -22.88 0.53 -21.03
C TRP B 196 -23.92 -0.49 -21.48
N ASP B 197 -24.91 -0.80 -20.64
CA ASP B 197 -25.95 -1.78 -20.98
C ASP B 197 -26.65 -1.42 -22.31
N ASN B 198 -27.08 -0.18 -22.45
CA ASN B 198 -27.77 0.29 -23.64
C ASN B 198 -26.95 0.16 -24.87
N MET B 199 -25.66 0.50 -24.75
CA MET B 199 -24.74 0.42 -25.86
C MET B 199 -24.51 -1.03 -26.27
N PHE B 200 -24.24 -1.94 -25.32
CA PHE B 200 -23.98 -3.34 -25.62
C PHE B 200 -25.20 -3.97 -26.28
N GLU B 201 -26.38 -3.71 -25.72
CA GLU B 201 -27.64 -4.20 -26.28
C GLU B 201 -27.71 -3.73 -27.73
N GLY B 202 -27.41 -2.45 -27.97
CA GLY B 202 -27.42 -1.85 -29.29
C GLY B 202 -26.52 -2.61 -30.25
N ILE B 203 -25.27 -2.90 -29.85
CA ILE B 203 -24.32 -3.61 -30.70
C ILE B 203 -24.71 -5.06 -30.93
N ALA B 204 -25.26 -5.73 -29.91
CA ALA B 204 -25.66 -7.13 -30.04
C ALA B 204 -26.83 -7.22 -30.99
N ARG B 205 -27.83 -6.35 -30.85
CA ARG B 205 -28.96 -6.28 -31.75
C ARG B 205 -28.50 -6.04 -33.19
N TYR B 206 -27.56 -5.11 -33.40
CA TYR B 206 -27.03 -4.78 -34.71
C TYR B 206 -26.40 -5.95 -35.45
N PHE B 207 -25.57 -6.77 -34.81
CA PHE B 207 -24.95 -7.90 -35.49
C PHE B 207 -25.76 -9.19 -35.55
N THR B 208 -26.83 -9.23 -34.78
CA THR B 208 -27.58 -10.43 -34.60
C THR B 208 -29.04 -10.48 -35.03
N LEU B 209 -29.85 -9.47 -34.67
CA LEU B 209 -31.31 -9.50 -34.81
C LEU B 209 -31.87 -10.05 -36.11
N LYS B 210 -31.46 -9.49 -37.24
CA LYS B 210 -31.96 -9.94 -38.51
C LYS B 210 -31.16 -11.10 -39.08
N SER B 211 -30.54 -11.93 -38.25
CA SER B 211 -29.74 -13.04 -38.73
C SER B 211 -30.09 -14.33 -37.99
N MET B 212 -30.98 -14.26 -36.98
CA MET B 212 -31.32 -15.40 -36.14
C MET B 212 -31.72 -16.73 -36.79
N ASP B 213 -32.26 -16.70 -38.01
CA ASP B 213 -32.74 -17.88 -38.71
C ASP B 213 -31.75 -19.02 -38.94
N ASP B 214 -30.47 -18.90 -38.58
CA ASP B 214 -29.54 -19.99 -38.77
C ASP B 214 -28.68 -20.24 -37.53
N LYS B 215 -29.10 -19.71 -36.38
CA LYS B 215 -28.28 -19.83 -35.20
C LYS B 215 -28.78 -21.01 -34.38
N VAL B 216 -27.86 -21.93 -34.08
CA VAL B 216 -28.15 -23.13 -33.31
C VAL B 216 -27.47 -22.92 -31.96
N VAL B 217 -28.25 -22.76 -30.90
CA VAL B 217 -27.72 -22.56 -29.55
C VAL B 217 -26.82 -23.73 -29.18
N GLY B 218 -25.52 -23.52 -29.15
CA GLY B 218 -24.62 -24.58 -28.74
C GLY B 218 -23.64 -25.00 -29.80
N SER B 219 -23.85 -24.81 -31.10
CA SER B 219 -22.93 -25.38 -32.08
C SER B 219 -21.47 -24.91 -32.08
N ASN B 220 -21.14 -23.73 -31.56
CA ASN B 220 -19.73 -23.35 -31.51
C ASN B 220 -19.11 -23.80 -30.19
N LYS B 221 -19.96 -24.30 -29.26
CA LYS B 221 -19.57 -24.88 -27.98
C LYS B 221 -18.87 -23.95 -26.99
N LYS B 222 -19.15 -22.67 -27.14
CA LYS B 222 -18.54 -21.66 -26.30
C LYS B 222 -19.54 -21.06 -25.32
N ILE B 223 -19.06 -20.32 -24.34
CA ILE B 223 -19.94 -19.59 -23.44
C ILE B 223 -19.54 -18.11 -23.61
N ASN B 224 -20.49 -17.19 -23.72
CA ASN B 224 -20.19 -15.76 -23.90
C ASN B 224 -20.09 -15.15 -22.51
N ILE B 225 -19.21 -14.19 -22.28
CA ILE B 225 -19.04 -13.56 -20.97
C ILE B 225 -19.22 -12.08 -21.29
N VAL B 226 -20.11 -11.39 -20.59
CA VAL B 226 -20.36 -9.97 -20.84
C VAL B 226 -19.90 -9.26 -19.57
N PRO B 227 -18.83 -8.44 -19.63
CA PRO B 227 -18.15 -7.94 -18.45
C PRO B 227 -18.92 -6.85 -17.77
N GLY B 228 -19.64 -6.02 -18.51
CA GLY B 228 -20.30 -4.86 -17.92
C GLY B 228 -19.27 -3.73 -17.79
N PHE B 229 -19.65 -2.56 -17.25
CA PHE B 229 -18.73 -1.44 -17.03
C PHE B 229 -17.62 -1.96 -16.12
N GLU B 230 -16.37 -1.96 -16.58
CA GLU B 230 -15.30 -2.54 -15.81
C GLU B 230 -14.06 -1.69 -15.98
N THR B 231 -13.53 -1.14 -14.88
CA THR B 231 -12.35 -0.31 -14.99
C THR B 231 -11.05 -0.82 -14.37
N TYR B 232 -10.95 -2.13 -14.16
CA TYR B 232 -9.73 -2.75 -13.69
C TYR B 232 -9.37 -3.74 -14.79
N LEU B 233 -8.17 -3.54 -15.36
CA LEU B 233 -7.57 -4.40 -16.37
C LEU B 233 -7.44 -5.83 -15.85
N GLY B 234 -7.05 -5.99 -14.58
CA GLY B 234 -6.85 -7.31 -14.01
C GLY B 234 -8.11 -8.17 -13.99
N ASN B 235 -9.29 -7.56 -13.99
CA ASN B 235 -10.55 -8.27 -14.02
C ASN B 235 -10.83 -8.90 -15.37
N PHE B 236 -10.65 -8.18 -16.49
CA PHE B 236 -10.82 -8.77 -17.81
C PHE B 236 -9.81 -9.91 -17.93
N ARG B 237 -8.59 -9.66 -17.46
CA ARG B 237 -7.54 -10.64 -17.57
C ARG B 237 -7.76 -11.86 -16.69
N VAL B 238 -8.32 -11.75 -15.47
CA VAL B 238 -8.46 -12.92 -14.61
C VAL B 238 -9.57 -13.83 -15.10
N ILE B 239 -10.68 -13.27 -15.62
CA ILE B 239 -11.77 -14.08 -16.14
C ILE B 239 -11.25 -14.90 -17.34
N LYS B 240 -10.47 -14.32 -18.25
CA LYS B 240 -9.94 -15.08 -19.38
C LYS B 240 -8.98 -16.17 -18.96
N ARG B 241 -8.20 -15.88 -17.92
CA ARG B 241 -7.21 -16.80 -17.39
C ARG B 241 -7.88 -18.03 -16.80
N MET B 242 -8.96 -17.81 -16.03
CA MET B 242 -9.66 -18.89 -15.37
C MET B 242 -10.38 -19.82 -16.34
N LEU B 243 -11.04 -19.24 -17.35
CA LEU B 243 -11.72 -20.02 -18.36
C LEU B 243 -10.70 -20.79 -19.16
N SER B 244 -9.58 -20.21 -19.63
CA SER B 244 -8.55 -20.96 -20.32
C SER B 244 -8.02 -22.07 -19.41
N GLU B 245 -7.84 -21.84 -18.10
CA GLU B 245 -7.39 -22.88 -17.17
C GLU B 245 -8.34 -24.06 -17.20
N MET B 246 -9.65 -23.82 -17.27
CA MET B 246 -10.64 -24.89 -17.30
C MET B 246 -10.81 -25.50 -18.69
N GLY B 247 -10.02 -25.11 -19.69
CA GLY B 247 -10.20 -25.59 -21.05
C GLY B 247 -11.55 -25.15 -21.64
N VAL B 248 -12.16 -24.07 -21.14
CA VAL B 248 -13.49 -23.65 -21.60
C VAL B 248 -13.39 -22.66 -22.73
N GLY B 249 -14.12 -22.95 -23.81
CA GLY B 249 -14.20 -22.06 -24.95
C GLY B 249 -15.12 -20.92 -24.56
N TYR B 250 -14.69 -19.70 -24.81
CA TYR B 250 -15.44 -18.53 -24.37
C TYR B 250 -15.38 -17.41 -25.39
N SER B 251 -16.23 -16.41 -25.21
CA SER B 251 -16.18 -15.22 -26.04
C SER B 251 -16.41 -14.07 -25.08
N LEU B 252 -15.36 -13.27 -24.80
CA LEU B 252 -15.50 -12.10 -23.96
C LEU B 252 -15.93 -11.02 -24.92
N LEU B 253 -17.19 -10.65 -24.74
CA LEU B 253 -17.86 -9.69 -25.57
C LEU B 253 -17.79 -8.31 -24.91
N SER B 254 -16.96 -7.47 -25.57
CA SER B 254 -16.48 -6.14 -25.22
C SER B 254 -15.27 -6.36 -24.32
N ASP B 255 -14.08 -6.32 -24.93
CA ASP B 255 -12.83 -6.54 -24.24
C ASP B 255 -11.84 -5.40 -24.52
N PRO B 256 -11.77 -4.37 -23.68
CA PRO B 256 -10.89 -3.22 -23.85
C PRO B 256 -9.47 -3.31 -23.29
N GLU B 257 -9.11 -4.44 -22.69
CA GLU B 257 -7.83 -4.54 -22.00
C GLU B 257 -6.59 -4.28 -22.85
N GLU B 258 -6.62 -4.45 -24.17
CA GLU B 258 -5.45 -4.14 -24.98
C GLU B 258 -5.35 -2.64 -25.25
N VAL B 259 -6.44 -1.99 -25.69
CA VAL B 259 -6.46 -0.55 -25.93
C VAL B 259 -6.23 0.25 -24.67
N LEU B 260 -6.53 -0.30 -23.50
CA LEU B 260 -6.30 0.42 -22.26
C LEU B 260 -4.95 0.09 -21.65
N ASP B 261 -4.06 -0.50 -22.44
CA ASP B 261 -2.76 -0.85 -21.95
C ASP B 261 -1.79 -1.06 -23.10
N THR B 262 -1.70 -0.16 -24.07
CA THR B 262 -0.72 -0.34 -25.13
C THR B 262 0.71 -0.06 -24.62
N PRO B 263 1.75 -0.72 -25.17
CA PRO B 263 3.14 -0.48 -24.84
C PRO B 263 3.70 0.87 -25.27
N ALA B 264 4.66 1.45 -24.55
CA ALA B 264 5.27 2.70 -25.00
C ALA B 264 6.54 2.24 -25.67
N ASP B 265 6.45 2.06 -26.99
CA ASP B 265 7.57 1.58 -27.78
C ASP B 265 7.91 2.48 -28.98
N GLY B 266 7.62 3.77 -28.97
CA GLY B 266 7.93 4.62 -30.11
C GLY B 266 6.71 4.85 -31.00
N GLN B 267 5.60 4.13 -30.83
CA GLN B 267 4.43 4.44 -31.62
C GLN B 267 3.13 4.36 -30.82
N PHE B 268 2.21 5.27 -31.17
CA PHE B 268 0.89 5.31 -30.59
C PHE B 268 0.00 4.42 -31.43
N ARG B 269 -0.76 3.54 -30.77
CA ARG B 269 -1.72 2.67 -31.43
C ARG B 269 -3.11 3.11 -31.01
N MET B 270 -3.90 3.65 -31.95
CA MET B 270 -5.23 4.13 -31.61
C MET B 270 -6.18 3.00 -31.31
N TYR B 271 -6.08 1.85 -31.98
CA TYR B 271 -6.98 0.73 -31.74
C TYR B 271 -6.11 -0.44 -31.33
N ALA B 272 -6.61 -1.40 -30.54
CA ALA B 272 -5.86 -2.59 -30.22
C ALA B 272 -6.76 -3.66 -29.63
N GLY B 273 -6.62 -4.91 -30.07
CA GLY B 273 -7.40 -6.02 -29.57
C GLY B 273 -8.88 -5.83 -29.77
N GLY B 274 -9.66 -6.12 -28.72
CA GLY B 274 -11.09 -5.97 -28.72
C GLY B 274 -11.83 -7.17 -29.31
N THR B 275 -13.13 -7.28 -29.01
CA THR B 275 -14.01 -8.32 -29.53
C THR B 275 -14.21 -8.14 -31.04
N THR B 276 -14.04 -9.15 -31.88
CA THR B 276 -14.25 -8.97 -33.31
C THR B 276 -15.73 -9.03 -33.65
N GLN B 277 -16.07 -8.39 -34.77
CA GLN B 277 -17.44 -8.37 -35.29
C GLN B 277 -17.90 -9.81 -35.54
N GLU B 278 -16.99 -10.67 -36.00
CA GLU B 278 -17.30 -12.08 -36.19
C GLU B 278 -17.67 -12.75 -34.89
N GLU B 279 -17.01 -12.46 -33.77
CA GLU B 279 -17.40 -13.04 -32.50
C GLU B 279 -18.83 -12.61 -32.15
N MET B 280 -19.19 -11.34 -32.38
CA MET B 280 -20.53 -10.85 -32.10
C MET B 280 -21.62 -11.45 -32.97
N LYS B 281 -21.30 -11.73 -34.23
CA LYS B 281 -22.25 -12.39 -35.13
C LYS B 281 -22.47 -13.84 -34.71
N ASP B 282 -21.41 -14.51 -34.30
CA ASP B 282 -21.48 -15.91 -33.92
C ASP B 282 -22.02 -16.09 -32.50
N ALA B 283 -21.99 -15.07 -31.66
CA ALA B 283 -22.46 -15.19 -30.29
C ALA B 283 -23.83 -15.84 -30.02
N PRO B 284 -24.87 -15.87 -30.89
CA PRO B 284 -26.03 -16.73 -30.70
C PRO B 284 -25.67 -18.21 -30.63
N ASN B 285 -24.77 -18.70 -31.48
CA ASN B 285 -24.34 -20.10 -31.50
C ASN B 285 -23.67 -20.66 -30.26
N ALA B 286 -23.48 -19.84 -29.22
CA ALA B 286 -22.89 -20.24 -27.96
C ALA B 286 -23.88 -21.04 -27.12
N LEU B 287 -23.34 -21.89 -26.25
CA LEU B 287 -24.12 -22.72 -25.35
C LEU B 287 -24.99 -21.83 -24.47
N ASN B 288 -24.40 -20.74 -23.96
CA ASN B 288 -25.10 -19.83 -23.07
C ASN B 288 -24.30 -18.53 -22.93
N THR B 289 -24.80 -17.50 -22.23
CA THR B 289 -24.16 -16.21 -22.07
C THR B 289 -24.18 -15.96 -20.57
N VAL B 290 -23.04 -15.63 -19.95
CA VAL B 290 -22.99 -15.28 -18.54
C VAL B 290 -22.68 -13.77 -18.47
N LEU B 291 -23.45 -13.14 -17.59
CA LEU B 291 -23.39 -11.71 -17.37
C LEU B 291 -22.56 -11.51 -16.11
N LEU B 292 -21.33 -10.98 -16.16
CA LEU B 292 -20.51 -10.90 -14.96
C LEU B 292 -21.03 -9.90 -13.97
N GLN B 293 -21.73 -8.87 -14.44
CA GLN B 293 -22.24 -7.85 -13.53
C GLN B 293 -23.73 -7.60 -13.78
N PRO B 294 -24.61 -8.56 -13.42
CA PRO B 294 -25.99 -8.59 -13.84
C PRO B 294 -26.88 -7.42 -13.43
N TRP B 295 -26.66 -6.75 -12.30
CA TRP B 295 -27.53 -5.64 -11.90
C TRP B 295 -27.48 -4.42 -12.78
N HIS B 296 -26.55 -4.29 -13.73
CA HIS B 296 -26.65 -3.16 -14.64
C HIS B 296 -26.70 -3.68 -16.06
N LEU B 297 -27.09 -4.93 -16.25
CA LEU B 297 -27.15 -5.49 -17.58
C LEU B 297 -28.55 -6.04 -17.89
N GLU B 298 -29.60 -5.52 -17.27
CA GLU B 298 -30.95 -6.02 -17.48
C GLU B 298 -31.43 -6.00 -18.93
N LYS B 299 -31.16 -4.93 -19.70
CA LYS B 299 -31.55 -4.85 -21.10
C LYS B 299 -30.83 -5.88 -21.94
N THR B 300 -29.54 -6.12 -21.67
CA THR B 300 -28.81 -7.14 -22.39
C THR B 300 -29.37 -8.52 -22.06
N LYS B 301 -29.81 -8.75 -20.81
CA LYS B 301 -30.36 -10.05 -20.41
C LYS B 301 -31.61 -10.33 -21.24
N LYS B 302 -32.58 -9.40 -21.21
CA LYS B 302 -33.81 -9.50 -21.97
C LYS B 302 -33.54 -9.77 -23.43
N PHE B 303 -32.53 -9.12 -24.03
CA PHE B 303 -32.22 -9.38 -25.41
C PHE B 303 -31.56 -10.75 -25.62
N VAL B 304 -30.59 -11.16 -24.79
CA VAL B 304 -29.92 -12.45 -24.99
C VAL B 304 -30.89 -13.61 -24.79
N GLU B 305 -31.78 -13.51 -23.82
CA GLU B 305 -32.76 -14.54 -23.58
C GLU B 305 -33.80 -14.52 -24.69
N GLY B 306 -34.44 -13.36 -24.88
CA GLY B 306 -35.53 -13.17 -25.81
C GLY B 306 -35.17 -13.47 -27.26
N THR B 307 -34.03 -13.01 -27.72
CA THR B 307 -33.69 -13.24 -29.11
C THR B 307 -32.65 -14.33 -29.30
N TRP B 308 -31.60 -14.41 -28.48
CA TRP B 308 -30.59 -15.44 -28.70
C TRP B 308 -31.02 -16.79 -28.16
N LYS B 309 -32.06 -16.78 -27.31
CA LYS B 309 -32.64 -17.93 -26.63
C LYS B 309 -31.60 -18.60 -25.72
N HIS B 310 -30.94 -17.81 -24.87
CA HIS B 310 -29.94 -18.39 -23.96
C HIS B 310 -30.50 -18.25 -22.57
N GLU B 311 -30.36 -19.29 -21.75
CA GLU B 311 -30.89 -19.27 -20.41
C GLU B 311 -29.82 -18.71 -19.49
N VAL B 312 -29.75 -17.40 -19.38
CA VAL B 312 -28.73 -16.75 -18.57
C VAL B 312 -28.79 -17.17 -17.11
N PRO B 313 -27.73 -17.81 -16.59
CA PRO B 313 -27.63 -18.32 -15.23
C PRO B 313 -27.78 -17.23 -14.17
N LYS B 314 -28.39 -17.60 -13.05
CA LYS B 314 -28.66 -16.69 -11.96
C LYS B 314 -27.39 -16.53 -11.13
N LEU B 315 -26.35 -15.92 -11.71
CA LEU B 315 -25.07 -15.79 -11.06
C LEU B 315 -24.77 -14.39 -10.58
N ASN B 316 -24.27 -14.25 -9.35
CA ASN B 316 -23.79 -12.97 -8.86
C ASN B 316 -22.43 -12.70 -9.46
N ILE B 317 -21.95 -11.46 -9.33
CA ILE B 317 -20.62 -11.07 -9.80
C ILE B 317 -19.57 -12.00 -9.17
N PRO B 318 -18.61 -12.59 -9.88
CA PRO B 318 -17.67 -13.54 -9.30
C PRO B 318 -16.67 -12.82 -8.40
N MET B 319 -17.12 -12.36 -7.24
CA MET B 319 -16.30 -11.64 -6.27
C MET B 319 -16.35 -12.39 -4.96
N GLY B 320 -15.23 -12.62 -4.29
CA GLY B 320 -15.22 -13.31 -3.02
C GLY B 320 -15.18 -14.81 -3.21
N LEU B 321 -15.05 -15.52 -2.09
CA LEU B 321 -14.94 -16.96 -2.11
C LEU B 321 -16.17 -17.62 -2.69
N ASP B 322 -17.34 -17.48 -2.08
CA ASP B 322 -18.54 -18.19 -2.52
C ASP B 322 -18.98 -17.93 -3.94
N TRP B 323 -18.95 -16.66 -4.33
CA TRP B 323 -19.43 -16.34 -5.65
C TRP B 323 -18.41 -16.72 -6.69
N THR B 324 -17.10 -16.77 -6.43
CA THR B 324 -16.19 -17.29 -7.43
C THR B 324 -16.44 -18.79 -7.52
N ASP B 325 -16.75 -19.48 -6.40
CA ASP B 325 -17.06 -20.91 -6.44
C ASP B 325 -18.27 -21.19 -7.33
N GLU B 326 -19.38 -20.51 -7.09
CA GLU B 326 -20.60 -20.66 -7.88
C GLU B 326 -20.33 -20.44 -9.34
N PHE B 327 -19.57 -19.37 -9.69
CA PHE B 327 -19.20 -19.09 -11.06
C PHE B 327 -18.52 -20.28 -11.71
N LEU B 328 -17.50 -20.80 -11.05
CA LEU B 328 -16.71 -21.88 -11.60
C LEU B 328 -17.52 -23.16 -11.78
N MET B 329 -18.42 -23.44 -10.87
CA MET B 329 -19.26 -24.63 -10.97
C MET B 329 -20.31 -24.48 -12.06
N LYS B 330 -20.91 -23.30 -12.24
CA LYS B 330 -21.86 -23.11 -13.32
C LYS B 330 -21.15 -23.22 -14.64
N VAL B 331 -19.93 -22.68 -14.77
CA VAL B 331 -19.18 -22.78 -16.02
C VAL B 331 -18.90 -24.24 -16.27
N SER B 332 -18.52 -25.00 -15.23
CA SER B 332 -18.26 -26.43 -15.36
C SER B 332 -19.47 -27.15 -15.96
N GLU B 333 -20.63 -26.89 -15.36
CA GLU B 333 -21.91 -27.45 -15.74
C GLU B 333 -22.16 -27.17 -17.22
N ILE B 334 -22.31 -25.90 -17.59
CA ILE B 334 -22.57 -25.49 -18.98
C ILE B 334 -21.59 -26.08 -20.00
N SER B 335 -20.29 -26.16 -19.69
CA SER B 335 -19.31 -26.59 -20.67
C SER B 335 -18.87 -28.04 -20.58
N GLY B 336 -19.26 -28.73 -19.51
CA GLY B 336 -18.82 -30.09 -19.26
C GLY B 336 -17.32 -30.16 -19.02
N GLN B 337 -16.72 -29.04 -18.58
CA GLN B 337 -15.28 -29.01 -18.33
C GLN B 337 -15.13 -29.10 -16.84
N PRO B 338 -14.31 -30.00 -16.29
CA PRO B 338 -14.06 -30.08 -14.87
C PRO B 338 -13.24 -28.90 -14.37
N ILE B 339 -13.52 -28.46 -13.15
CA ILE B 339 -12.76 -27.39 -12.52
C ILE B 339 -11.38 -27.96 -12.19
N PRO B 340 -10.30 -27.51 -12.85
CA PRO B 340 -8.97 -28.05 -12.69
C PRO B 340 -8.35 -27.83 -11.31
N ALA B 341 -7.41 -28.75 -11.09
CA ALA B 341 -6.56 -28.79 -9.91
C ALA B 341 -5.95 -27.45 -9.52
N SER B 342 -5.57 -26.66 -10.51
CA SER B 342 -4.96 -25.36 -10.29
C SER B 342 -5.92 -24.38 -9.63
N LEU B 343 -7.18 -24.40 -10.02
CA LEU B 343 -8.16 -23.52 -9.42
C LEU B 343 -8.54 -24.00 -8.04
N THR B 344 -8.56 -25.31 -7.78
CA THR B 344 -8.82 -25.83 -6.46
C THR B 344 -7.68 -25.38 -5.54
N LYS B 345 -6.41 -25.50 -5.97
CA LYS B 345 -5.29 -25.05 -5.15
C LYS B 345 -5.38 -23.56 -4.85
N GLU B 346 -5.62 -22.75 -5.90
CA GLU B 346 -5.75 -21.32 -5.78
C GLU B 346 -6.84 -20.93 -4.78
N ARG B 347 -8.01 -21.61 -4.82
CA ARG B 347 -9.10 -21.39 -3.87
C ARG B 347 -8.62 -21.61 -2.44
N GLY B 348 -7.90 -22.71 -2.22
CA GLY B 348 -7.39 -23.06 -0.91
C GLY B 348 -6.26 -22.14 -0.49
N ARG B 349 -5.52 -21.53 -1.41
CA ARG B 349 -4.49 -20.60 -1.01
C ARG B 349 -5.22 -19.34 -0.57
N LEU B 350 -6.35 -18.94 -1.19
CA LEU B 350 -7.12 -17.82 -0.66
C LEU B 350 -7.63 -18.14 0.73
N VAL B 351 -8.19 -19.34 0.94
CA VAL B 351 -8.69 -19.76 2.25
C VAL B 351 -7.56 -19.78 3.28
N ASP B 352 -6.34 -20.12 2.84
CA ASP B 352 -5.21 -20.09 3.73
C ASP B 352 -4.87 -18.67 4.20
N MET B 353 -4.96 -17.70 3.31
CA MET B 353 -4.68 -16.30 3.62
C MET B 353 -5.70 -15.77 4.61
N MET B 354 -6.94 -16.21 4.40
CA MET B 354 -8.03 -15.91 5.31
C MET B 354 -7.71 -16.41 6.71
N THR B 355 -7.27 -17.66 6.89
CA THR B 355 -6.95 -18.18 8.22
C THR B 355 -5.80 -17.40 8.85
N ASP B 356 -4.76 -17.09 8.08
CA ASP B 356 -3.63 -16.30 8.56
C ASP B 356 -3.95 -14.87 8.94
N SER B 357 -4.93 -14.23 8.29
CA SER B 357 -5.18 -12.83 8.58
C SER B 357 -6.42 -12.50 9.39
N HIS B 358 -7.23 -13.52 9.70
CA HIS B 358 -8.50 -13.31 10.37
C HIS B 358 -8.47 -12.56 11.68
N THR B 359 -7.40 -12.54 12.47
CA THR B 359 -7.46 -11.88 13.75
C THR B 359 -7.40 -10.39 13.57
N TRP B 360 -6.69 -9.91 12.54
CA TRP B 360 -6.66 -8.47 12.36
C TRP B 360 -7.88 -7.98 11.59
N LEU B 361 -8.51 -8.84 10.79
CA LEU B 361 -9.71 -8.45 10.08
C LEU B 361 -10.98 -8.50 10.94
N HIS B 362 -11.04 -9.38 11.94
CA HIS B 362 -12.26 -9.58 12.72
C HIS B 362 -12.87 -8.35 13.34
N GLY B 363 -14.09 -8.09 12.86
CA GLY B 363 -14.96 -7.05 13.37
C GLY B 363 -14.59 -5.66 12.93
N LYS B 364 -13.74 -5.53 11.91
CA LYS B 364 -13.38 -4.20 11.42
C LYS B 364 -14.58 -3.61 10.70
N ARG B 365 -14.87 -2.35 10.97
CA ARG B 365 -16.06 -1.71 10.47
C ARG B 365 -15.78 -0.87 9.24
N PHE B 366 -16.54 -1.08 8.16
CA PHE B 366 -16.31 -0.40 6.91
C PHE B 366 -17.47 0.42 6.37
N ALA B 367 -17.17 1.58 5.81
CA ALA B 367 -18.15 2.35 5.04
C ALA B 367 -17.67 2.16 3.61
N LEU B 368 -18.54 1.95 2.63
CA LEU B 368 -18.11 1.71 1.27
C LEU B 368 -19.13 2.16 0.24
N TRP B 369 -18.66 2.41 -0.99
CA TRP B 369 -19.52 2.84 -2.06
C TRP B 369 -19.05 2.34 -3.41
N GLY B 370 -19.88 2.54 -4.44
CA GLY B 370 -19.51 2.16 -5.79
C GLY B 370 -20.74 1.76 -6.56
N ASP B 371 -20.53 1.07 -7.66
CA ASP B 371 -21.61 0.60 -8.50
C ASP B 371 -22.27 -0.63 -7.90
N PRO B 372 -23.54 -0.94 -8.18
CA PRO B 372 -24.28 -1.99 -7.50
C PRO B 372 -23.62 -3.36 -7.43
N ASP B 373 -23.05 -3.85 -8.52
CA ASP B 373 -22.46 -5.18 -8.51
C ASP B 373 -21.16 -5.21 -7.74
N PHE B 374 -20.32 -4.20 -7.94
CA PHE B 374 -19.09 -4.04 -7.20
C PHE B 374 -19.38 -4.00 -5.70
N VAL B 375 -20.36 -3.19 -5.29
CA VAL B 375 -20.66 -3.04 -3.89
C VAL B 375 -21.14 -4.35 -3.28
N MET B 376 -22.08 -5.06 -3.89
CA MET B 376 -22.58 -6.29 -3.29
C MET B 376 -21.51 -7.39 -3.16
N GLY B 377 -20.58 -7.46 -4.09
CA GLY B 377 -19.48 -8.42 -3.99
C GLY B 377 -18.55 -8.05 -2.86
N LEU B 378 -18.30 -6.76 -2.67
CA LEU B 378 -17.41 -6.30 -1.62
C LEU B 378 -18.05 -6.52 -0.27
N VAL B 379 -19.37 -6.35 -0.19
CA VAL B 379 -20.15 -6.65 0.99
C VAL B 379 -20.02 -8.14 1.30
N LYS B 380 -20.29 -9.02 0.34
CA LYS B 380 -20.17 -10.46 0.52
C LYS B 380 -18.81 -10.85 1.07
N PHE B 381 -17.75 -10.37 0.40
CA PHE B 381 -16.39 -10.71 0.79
C PHE B 381 -16.09 -10.15 2.18
N LEU B 382 -16.51 -8.94 2.54
CA LEU B 382 -16.27 -8.46 3.90
C LEU B 382 -16.93 -9.35 4.95
N LEU B 383 -18.12 -9.90 4.67
CA LEU B 383 -18.79 -10.79 5.60
C LEU B 383 -17.99 -12.08 5.68
N GLU B 384 -17.46 -12.57 4.56
CA GLU B 384 -16.65 -13.79 4.56
C GLU B 384 -15.39 -13.61 5.38
N LEU B 385 -14.85 -12.39 5.42
CA LEU B 385 -13.67 -12.10 6.22
C LEU B 385 -13.96 -11.86 7.71
N GLY B 386 -15.23 -11.84 8.12
CA GLY B 386 -15.57 -11.57 9.50
C GLY B 386 -15.54 -10.09 9.82
N CYS B 387 -15.74 -9.23 8.82
CA CYS B 387 -15.73 -7.77 8.99
C CYS B 387 -17.17 -7.28 8.95
N GLU B 388 -17.44 -6.03 9.30
CA GLU B 388 -18.78 -5.47 9.28
C GLU B 388 -18.97 -4.34 8.25
N PRO B 389 -19.66 -4.55 7.12
CA PRO B 389 -19.96 -3.49 6.15
C PRO B 389 -21.05 -2.56 6.65
N VAL B 390 -20.75 -1.73 7.64
CA VAL B 390 -21.72 -0.89 8.32
C VAL B 390 -22.43 0.18 7.49
N HIS B 391 -21.80 0.86 6.54
CA HIS B 391 -22.50 1.87 5.76
C HIS B 391 -22.25 1.42 4.34
N ILE B 392 -23.29 1.00 3.65
CA ILE B 392 -23.15 0.51 2.30
C ILE B 392 -23.91 1.52 1.47
N LEU B 393 -23.23 2.28 0.62
CA LEU B 393 -23.87 3.30 -0.16
C LEU B 393 -23.71 3.04 -1.64
N CYS B 394 -24.80 3.17 -2.39
CA CYS B 394 -24.75 3.00 -3.82
C CYS B 394 -25.72 4.01 -4.42
N HIS B 395 -25.21 5.16 -4.84
CA HIS B 395 -26.01 6.27 -5.33
C HIS B 395 -26.96 5.84 -6.44
N ASN B 396 -26.44 5.02 -7.35
CA ASN B 396 -27.19 4.58 -8.50
C ASN B 396 -27.81 3.20 -8.36
N GLY B 397 -27.95 2.69 -7.13
CA GLY B 397 -28.58 1.39 -6.89
C GLY B 397 -30.09 1.56 -6.91
N ASN B 398 -30.80 0.45 -7.07
CA ASN B 398 -32.26 0.49 -7.14
C ASN B 398 -32.83 -0.34 -6.02
N LYS B 399 -34.12 -0.15 -5.77
CA LYS B 399 -34.85 -0.83 -4.70
C LYS B 399 -34.72 -2.35 -4.64
N ARG B 400 -34.74 -3.05 -5.76
CA ARG B 400 -34.65 -4.52 -5.74
C ARG B 400 -33.24 -4.99 -5.37
N TRP B 401 -32.24 -4.19 -5.74
CA TRP B 401 -30.85 -4.43 -5.40
C TRP B 401 -30.71 -4.30 -3.89
N LYS B 402 -31.22 -3.19 -3.36
CA LYS B 402 -31.18 -2.91 -1.94
C LYS B 402 -31.74 -4.07 -1.14
N LYS B 403 -32.84 -4.63 -1.64
CA LYS B 403 -33.49 -5.78 -1.04
C LYS B 403 -32.54 -6.98 -1.09
N ALA B 404 -31.93 -7.27 -2.25
CA ALA B 404 -30.99 -8.37 -2.38
C ALA B 404 -29.78 -8.28 -1.46
N VAL B 405 -29.25 -7.08 -1.22
CA VAL B 405 -28.11 -6.89 -0.34
C VAL B 405 -28.55 -6.99 1.11
N ASP B 406 -29.71 -6.44 1.53
CA ASP B 406 -30.19 -6.58 2.90
C ASP B 406 -30.39 -8.06 3.22
N ALA B 407 -30.79 -8.85 2.22
CA ALA B 407 -30.91 -10.30 2.34
C ALA B 407 -29.57 -10.96 2.66
N ILE B 408 -28.52 -10.59 1.92
CA ILE B 408 -27.15 -11.09 2.12
C ILE B 408 -26.68 -10.77 3.53
N LEU B 409 -27.01 -9.55 4.00
CA LEU B 409 -26.66 -9.09 5.33
C LEU B 409 -27.39 -9.82 6.43
N ALA B 410 -28.69 -10.06 6.23
CA ALA B 410 -29.53 -10.81 7.16
C ALA B 410 -29.01 -12.24 7.33
N ALA B 411 -28.42 -12.82 6.30
CA ALA B 411 -27.81 -14.15 6.37
C ALA B 411 -26.47 -14.26 7.12
N SER B 412 -26.02 -13.24 7.85
CA SER B 412 -24.75 -13.26 8.52
C SER B 412 -24.82 -12.50 9.82
N PRO B 413 -24.17 -12.99 10.89
CA PRO B 413 -24.00 -12.25 12.14
C PRO B 413 -23.32 -10.92 11.91
N TYR B 414 -22.45 -10.85 10.89
CA TYR B 414 -21.67 -9.65 10.61
C TYR B 414 -22.46 -8.61 9.84
N GLY B 415 -23.69 -8.90 9.41
CA GLY B 415 -24.53 -7.93 8.74
C GLY B 415 -25.39 -7.12 9.72
N LYS B 416 -25.46 -7.50 11.01
CA LYS B 416 -26.32 -6.86 11.99
C LYS B 416 -26.19 -5.36 12.23
N ASN B 417 -25.07 -4.74 11.92
CA ASN B 417 -24.89 -3.31 12.11
C ASN B 417 -24.93 -2.54 10.79
N ALA B 418 -25.22 -3.21 9.67
CA ALA B 418 -25.12 -2.63 8.35
C ALA B 418 -26.39 -2.02 7.79
N THR B 419 -26.30 -0.91 7.06
CA THR B 419 -27.49 -0.36 6.39
C THR B 419 -27.10 -0.08 4.95
N VAL B 420 -28.01 -0.37 4.02
CA VAL B 420 -27.81 -0.12 2.60
C VAL B 420 -28.53 1.19 2.26
N TYR B 421 -27.86 2.06 1.50
CA TYR B 421 -28.42 3.34 1.10
C TYR B 421 -28.39 3.43 -0.41
N ILE B 422 -29.53 3.65 -1.04
CA ILE B 422 -29.54 3.85 -2.49
C ILE B 422 -29.95 5.30 -2.73
N GLY B 423 -29.61 5.92 -3.85
CA GLY B 423 -30.01 7.30 -4.10
C GLY B 423 -29.32 8.34 -3.21
N LYS B 424 -28.43 7.92 -2.30
CA LYS B 424 -27.72 8.82 -1.42
C LYS B 424 -26.30 9.12 -1.94
N ASP B 425 -25.59 10.09 -1.41
CA ASP B 425 -24.30 10.45 -1.98
C ASP B 425 -23.22 10.66 -0.94
N LEU B 426 -22.06 11.16 -1.37
CA LEU B 426 -20.93 11.20 -0.49
C LEU B 426 -21.04 12.27 0.56
N TRP B 427 -21.83 13.36 0.38
CA TRP B 427 -22.01 14.27 1.50
C TRP B 427 -22.95 13.63 2.55
N HIS B 428 -23.83 12.72 2.12
CA HIS B 428 -24.68 11.96 3.04
C HIS B 428 -23.73 11.03 3.85
N LEU B 429 -22.88 10.27 3.15
CA LEU B 429 -21.90 9.37 3.76
C LEU B 429 -20.95 10.09 4.72
N ARG B 430 -20.60 11.34 4.42
CA ARG B 430 -19.77 12.14 5.31
C ARG B 430 -20.38 12.23 6.71
N SER B 431 -21.68 12.49 6.78
CA SER B 431 -22.42 12.47 8.04
C SER B 431 -22.24 11.14 8.75
N LEU B 432 -22.59 10.08 8.03
CA LEU B 432 -22.55 8.74 8.57
C LEU B 432 -21.18 8.32 9.09
N VAL B 433 -20.05 8.78 8.54
CA VAL B 433 -18.77 8.34 9.10
C VAL B 433 -18.35 9.20 10.28
N PHE B 434 -19.03 10.33 10.54
CA PHE B 434 -18.80 11.13 11.73
C PHE B 434 -19.66 10.61 12.89
N THR B 435 -20.93 10.32 12.61
CA THR B 435 -21.86 9.92 13.66
C THR B 435 -21.84 8.44 14.03
N ASP B 436 -21.39 7.59 13.12
CA ASP B 436 -21.25 6.18 13.40
C ASP B 436 -19.98 5.75 12.69
N LYS B 437 -18.92 6.20 13.33
CA LYS B 437 -17.57 6.07 12.85
C LYS B 437 -17.20 4.63 12.56
N PRO B 438 -16.83 4.32 11.33
CA PRO B 438 -16.27 3.03 11.01
C PRO B 438 -14.76 3.13 11.23
N ASP B 439 -14.00 2.10 10.88
CA ASP B 439 -12.56 2.15 10.99
C ASP B 439 -11.91 2.67 9.72
N PHE B 440 -12.45 2.23 8.56
CA PHE B 440 -11.99 2.56 7.22
C PHE B 440 -13.13 2.81 6.23
N MET B 441 -12.86 3.49 5.12
CA MET B 441 -13.81 3.63 4.03
C MET B 441 -13.16 2.86 2.90
N ILE B 442 -13.95 2.24 2.03
CA ILE B 442 -13.42 1.59 0.84
C ILE B 442 -14.16 2.34 -0.26
N GLY B 443 -13.40 3.10 -1.01
CA GLY B 443 -14.01 3.89 -2.06
C GLY B 443 -13.02 4.43 -3.08
N ASN B 444 -13.56 5.30 -3.93
CA ASN B 444 -12.81 5.89 -5.00
C ASN B 444 -12.16 7.18 -4.53
N SER B 445 -11.36 7.88 -5.33
CA SER B 445 -10.62 9.04 -4.86
C SER B 445 -11.45 10.19 -4.27
N TYR B 446 -12.76 10.32 -4.53
CA TYR B 446 -13.53 11.41 -3.96
C TYR B 446 -13.58 11.30 -2.44
N GLY B 447 -13.39 10.08 -1.93
CA GLY B 447 -13.30 9.79 -0.53
C GLY B 447 -12.17 10.57 0.14
N LYS B 448 -11.12 11.03 -0.54
CA LYS B 448 -10.05 11.72 0.17
C LYS B 448 -10.54 12.97 0.89
N PHE B 449 -11.57 13.62 0.38
CA PHE B 449 -12.08 14.83 1.02
C PHE B 449 -12.87 14.45 2.29
N ILE B 450 -13.48 13.26 2.35
CA ILE B 450 -14.16 12.84 3.57
C ILE B 450 -13.08 12.53 4.60
N GLN B 451 -12.02 11.79 4.25
CA GLN B 451 -10.93 11.57 5.19
C GLN B 451 -10.35 12.90 5.71
N ARG B 452 -10.22 13.92 4.85
CA ARG B 452 -9.67 15.21 5.27
C ARG B 452 -10.61 15.87 6.28
N ASP B 453 -11.92 15.72 6.06
CA ASP B 453 -12.89 16.26 6.99
C ASP B 453 -12.84 15.57 8.36
N THR B 454 -12.82 14.25 8.39
CA THR B 454 -12.72 13.54 9.66
C THR B 454 -11.44 13.90 10.39
N LEU B 455 -10.26 14.00 9.72
CA LEU B 455 -9.02 14.41 10.38
C LEU B 455 -9.14 15.80 10.99
N HIS B 456 -9.87 16.73 10.36
CA HIS B 456 -10.03 18.06 10.92
C HIS B 456 -10.77 18.02 12.26
N LYS B 457 -11.67 17.07 12.47
CA LYS B 457 -12.32 16.98 13.77
C LYS B 457 -11.29 16.47 14.79
N GLY B 458 -10.32 15.67 14.34
CA GLY B 458 -9.26 15.22 15.20
C GLY B 458 -8.79 13.85 14.74
N LYS B 459 -7.57 13.55 15.16
CA LYS B 459 -6.92 12.29 14.85
C LYS B 459 -7.73 11.07 15.23
N GLU B 460 -8.36 11.06 16.40
CA GLU B 460 -9.16 9.93 16.85
C GLU B 460 -10.38 9.73 15.97
N PHE B 461 -10.77 10.74 15.19
CA PHE B 461 -11.95 10.63 14.38
C PHE B 461 -11.62 10.42 12.92
N GLU B 462 -10.34 10.38 12.56
CA GLU B 462 -10.00 10.21 11.17
C GLU B 462 -10.39 8.83 10.69
N VAL B 463 -11.07 8.78 9.55
CA VAL B 463 -11.44 7.50 8.97
C VAL B 463 -10.56 7.36 7.73
N PRO B 464 -9.56 6.45 7.64
CA PRO B 464 -8.72 6.29 6.47
C PRO B 464 -9.43 5.69 5.26
N LEU B 465 -9.07 6.16 4.07
CA LEU B 465 -9.63 5.65 2.81
C LEU B 465 -8.76 4.55 2.25
N ILE B 466 -9.38 3.49 1.76
CA ILE B 466 -8.71 2.39 1.07
C ILE B 466 -9.26 2.57 -0.33
N ARG B 467 -8.43 2.87 -1.30
CA ARG B 467 -8.91 3.16 -2.63
C ARG B 467 -9.16 1.91 -3.45
N ILE B 468 -10.45 1.59 -3.57
CA ILE B 468 -10.89 0.47 -4.40
C ILE B 468 -12.14 0.98 -5.08
N GLY B 469 -12.14 1.06 -6.41
CA GLY B 469 -13.30 1.56 -7.14
C GLY B 469 -12.92 2.37 -8.37
N PHE B 470 -13.85 3.23 -8.79
CA PHE B 470 -13.66 4.05 -9.97
C PHE B 470 -14.28 5.41 -9.66
N PRO B 471 -13.67 6.55 -9.99
CA PRO B 471 -12.28 6.65 -10.44
C PRO B 471 -11.21 6.75 -9.36
N ILE B 472 -9.99 6.28 -9.65
CA ILE B 472 -8.86 6.42 -8.73
C ILE B 472 -7.92 7.29 -9.57
N PHE B 473 -7.76 8.54 -9.13
CA PHE B 473 -7.00 9.55 -9.85
C PHE B 473 -5.74 10.01 -9.12
N ASP B 474 -5.69 9.88 -7.80
CA ASP B 474 -4.54 10.37 -7.04
C ASP B 474 -3.52 9.32 -6.63
N ARG B 475 -3.60 8.15 -7.26
CA ARG B 475 -2.64 7.07 -7.06
C ARG B 475 -2.31 6.61 -8.47
N HIS B 476 -1.12 6.07 -8.73
CA HIS B 476 -0.76 5.57 -10.05
C HIS B 476 -0.88 4.06 -10.22
N HIS B 477 -1.45 3.62 -11.36
CA HIS B 477 -1.48 2.23 -11.82
C HIS B 477 -2.32 1.24 -11.04
N LEU B 478 -3.17 1.74 -10.14
CA LEU B 478 -4.01 0.82 -9.41
C LEU B 478 -5.11 0.28 -10.32
N HIS B 479 -5.32 0.88 -11.49
CA HIS B 479 -6.23 0.34 -12.51
C HIS B 479 -5.77 -1.03 -13.05
N ARG B 480 -4.52 -1.42 -12.77
CA ARG B 480 -4.00 -2.73 -13.16
C ARG B 480 -4.42 -3.87 -12.23
N SER B 481 -5.01 -3.55 -11.07
CA SER B 481 -5.39 -4.55 -10.08
C SER B 481 -6.55 -5.44 -10.51
N THR B 482 -6.86 -6.39 -9.63
CA THR B 482 -7.93 -7.37 -9.83
C THR B 482 -8.84 -7.33 -8.62
N THR B 483 -10.15 -7.34 -8.79
CA THR B 483 -11.06 -7.51 -7.67
C THR B 483 -11.91 -8.77 -7.88
N LEU B 484 -11.87 -9.44 -9.03
CA LEU B 484 -12.71 -10.59 -9.26
C LEU B 484 -11.95 -11.89 -9.08
N GLY B 485 -12.62 -13.03 -8.88
CA GLY B 485 -11.98 -14.33 -8.74
C GLY B 485 -11.22 -14.49 -7.42
N TYR B 486 -10.47 -15.58 -7.30
CA TYR B 486 -9.67 -15.82 -6.10
C TYR B 486 -8.48 -14.85 -6.10
N GLU B 487 -7.94 -14.51 -7.28
CA GLU B 487 -6.89 -13.52 -7.43
C GLU B 487 -7.34 -12.17 -6.87
N GLY B 488 -8.51 -11.69 -7.26
CA GLY B 488 -8.99 -10.42 -6.79
C GLY B 488 -9.28 -10.42 -5.31
N ALA B 489 -9.81 -11.54 -4.80
CA ALA B 489 -10.04 -11.66 -3.37
C ALA B 489 -8.72 -11.66 -2.60
N MET B 490 -7.66 -12.25 -3.15
CA MET B 490 -6.36 -12.22 -2.50
C MET B 490 -5.80 -10.82 -2.43
N GLN B 491 -5.99 -10.05 -3.49
CA GLN B 491 -5.52 -8.67 -3.50
C GLN B 491 -6.29 -7.81 -2.52
N ILE B 492 -7.62 -7.96 -2.45
CA ILE B 492 -8.41 -7.14 -1.53
C ILE B 492 -8.08 -7.49 -0.09
N LEU B 493 -7.96 -8.78 0.26
CA LEU B 493 -7.60 -9.22 1.59
C LEU B 493 -6.27 -8.58 1.96
N THR B 494 -5.25 -8.69 1.09
CA THR B 494 -3.96 -8.12 1.43
C THR B 494 -4.04 -6.63 1.69
N THR B 495 -4.76 -5.89 0.82
CA THR B 495 -4.95 -4.45 0.99
C THR B 495 -5.68 -4.12 2.30
N LEU B 496 -6.76 -4.83 2.67
CA LEU B 496 -7.44 -4.58 3.93
C LEU B 496 -6.58 -4.88 5.15
N VAL B 497 -5.95 -6.07 5.29
CA VAL B 497 -5.15 -6.36 6.49
C VAL B 497 -4.00 -5.36 6.59
N ASN B 498 -3.35 -5.01 5.47
CA ASN B 498 -2.24 -4.10 5.56
C ASN B 498 -2.64 -2.66 5.78
N SER B 499 -3.84 -2.22 5.38
CA SER B 499 -4.30 -0.87 5.75
C SER B 499 -4.53 -0.82 7.26
N ILE B 500 -5.11 -1.88 7.84
CA ILE B 500 -5.30 -2.01 9.28
C ILE B 500 -3.94 -1.94 9.99
N LEU B 501 -2.95 -2.71 9.50
CA LEU B 501 -1.65 -2.75 10.16
C LEU B 501 -0.83 -1.49 9.99
N GLU B 502 -0.94 -0.78 8.87
CA GLU B 502 -0.24 0.50 8.71
C GLU B 502 -0.79 1.53 9.68
N ARG B 503 -2.13 1.56 9.78
CA ARG B 503 -2.79 2.45 10.70
C ARG B 503 -2.40 2.10 12.14
N LEU B 504 -2.33 0.82 12.48
CA LEU B 504 -1.91 0.42 13.81
C LEU B 504 -0.47 0.87 14.03
N ASP B 505 0.44 0.75 13.06
CA ASP B 505 1.80 1.22 13.28
C ASP B 505 1.91 2.73 13.42
N GLU B 506 1.03 3.49 12.77
CA GLU B 506 1.03 4.94 12.88
C GLU B 506 0.58 5.33 14.28
N GLU B 507 -0.47 4.69 14.81
CA GLU B 507 -0.91 4.98 16.16
C GLU B 507 0.10 4.52 17.23
N THR B 508 0.89 3.45 17.02
CA THR B 508 1.88 3.03 18.01
C THR B 508 3.29 3.52 17.73
N ARG B 509 3.48 4.58 16.95
CA ARG B 509 4.82 5.05 16.66
C ARG B 509 5.25 6.13 17.62
N GLY B 510 4.54 6.40 18.71
CA GLY B 510 4.95 7.45 19.65
C GLY B 510 6.02 6.97 20.65
N MET B 511 7.23 7.51 20.53
CA MET B 511 8.34 7.16 21.42
C MET B 511 8.02 7.35 22.90
N GLN B 512 8.06 6.24 23.65
CA GLN B 512 7.72 6.13 25.07
C GLN B 512 6.24 6.40 25.35
N ALA B 513 5.45 6.63 24.32
CA ALA B 513 4.05 6.95 24.49
C ALA B 513 3.16 5.79 24.08
N THR B 514 3.19 5.42 22.81
CA THR B 514 2.37 4.30 22.35
C THR B 514 3.23 3.19 21.80
N ASP B 515 4.54 3.41 21.60
CA ASP B 515 5.33 2.39 20.95
C ASP B 515 5.59 1.13 21.75
N TYR B 516 4.97 0.98 22.92
CA TYR B 516 5.04 -0.27 23.65
C TYR B 516 4.41 -1.38 22.81
N ASN B 517 3.37 -1.02 22.03
CA ASN B 517 2.69 -1.96 21.16
C ASN B 517 3.22 -1.78 19.73
N HIS B 518 4.48 -1.38 19.46
CA HIS B 518 4.93 -1.19 18.09
C HIS B 518 5.73 -2.42 17.69
N ASP B 519 5.00 -3.53 17.64
CA ASP B 519 5.53 -4.85 17.41
C ASP B 519 6.26 -5.10 16.12
N LEU B 520 7.41 -5.76 16.17
CA LEU B 520 8.10 -6.18 14.96
C LEU B 520 7.25 -7.20 14.21
N VAL B 521 6.67 -8.14 14.96
CA VAL B 521 5.91 -9.24 14.36
C VAL B 521 4.42 -9.02 14.62
N ARG B 522 3.60 -9.11 13.56
CA ARG B 522 2.14 -8.99 13.63
C ARG B 522 1.51 -10.03 12.70
N SER C 4 -11.74 -42.31 26.88
CA SER C 4 -11.22 -42.44 28.23
C SER C 4 -10.19 -43.56 28.15
N ARG C 5 -9.32 -43.59 29.17
CA ARG C 5 -8.19 -44.50 29.33
C ARG C 5 -7.81 -45.41 28.17
N GLU C 6 -8.52 -46.51 27.93
CA GLU C 6 -8.21 -47.44 26.85
C GLU C 6 -8.07 -46.82 25.46
N GLU C 7 -8.97 -45.87 25.13
CA GLU C 7 -8.92 -45.16 23.85
C GLU C 7 -7.60 -44.41 23.73
N VAL C 8 -7.23 -43.70 24.79
CA VAL C 8 -6.05 -42.85 24.75
C VAL C 8 -4.79 -43.72 24.76
N GLU C 9 -4.76 -44.80 25.53
CA GLU C 9 -3.62 -45.70 25.57
C GLU C 9 -3.39 -46.40 24.25
N SER C 10 -4.47 -46.73 23.55
CA SER C 10 -4.40 -47.34 22.23
C SER C 10 -3.78 -46.33 21.28
N LEU C 11 -4.22 -45.07 21.35
CA LEU C 11 -3.69 -43.97 20.56
C LEU C 11 -2.18 -43.86 20.77
N ILE C 12 -1.72 -43.76 22.03
CA ILE C 12 -0.32 -43.65 22.38
C ILE C 12 0.50 -44.79 21.78
N GLN C 13 0.13 -46.05 22.01
CA GLN C 13 0.89 -47.14 21.44
C GLN C 13 0.91 -47.10 19.91
N GLU C 14 -0.20 -46.83 19.23
CA GLU C 14 -0.23 -46.77 17.77
C GLU C 14 0.77 -45.77 17.20
N VAL C 15 0.78 -44.57 17.78
CA VAL C 15 1.66 -43.51 17.35
C VAL C 15 3.11 -43.92 17.52
N LEU C 16 3.42 -44.51 18.68
CA LEU C 16 4.77 -44.92 18.97
C LEU C 16 5.32 -45.98 18.04
N GLU C 17 4.49 -46.71 17.30
CA GLU C 17 4.97 -47.77 16.44
C GLU C 17 5.69 -47.31 15.20
N VAL C 18 5.76 -46.01 14.91
CA VAL C 18 6.56 -45.55 13.77
C VAL C 18 8.04 -45.46 14.13
N TYR C 19 8.36 -45.41 15.42
CA TYR C 19 9.73 -45.14 15.84
C TYR C 19 10.68 -46.32 15.71
N PRO C 20 11.99 -46.12 15.52
CA PRO C 20 12.99 -47.12 15.86
C PRO C 20 12.93 -47.36 17.36
N GLU C 21 13.17 -48.61 17.78
CA GLU C 21 13.07 -49.05 19.16
C GLU C 21 13.64 -48.15 20.26
N LYS C 22 14.88 -47.69 20.16
CA LYS C 22 15.51 -46.79 21.13
C LYS C 22 14.64 -45.56 21.40
N ALA C 23 14.17 -44.95 20.29
CA ALA C 23 13.31 -43.78 20.36
C ALA C 23 11.93 -44.15 20.89
N ARG C 24 11.37 -45.29 20.48
CA ARG C 24 10.06 -45.72 20.93
C ARG C 24 10.02 -45.93 22.44
N LYS C 25 11.06 -46.55 23.00
CA LYS C 25 11.15 -46.81 24.44
C LYS C 25 11.27 -45.53 25.23
N ASP C 26 12.04 -44.58 24.71
CA ASP C 26 12.16 -43.29 25.37
C ASP C 26 10.89 -42.46 25.28
N ARG C 27 10.31 -42.33 24.09
CA ARG C 27 9.12 -41.52 23.93
C ARG C 27 7.93 -42.08 24.71
N ASN C 28 7.79 -43.40 24.83
CA ASN C 28 6.72 -43.97 25.63
C ASN C 28 6.73 -43.43 27.05
N LYS C 29 7.93 -43.18 27.59
CA LYS C 29 8.10 -42.67 28.94
C LYS C 29 7.63 -41.22 29.12
N HIS C 30 7.40 -40.52 28.02
CA HIS C 30 7.04 -39.12 28.03
C HIS C 30 5.61 -38.83 27.63
N LEU C 31 4.81 -39.88 27.48
CA LEU C 31 3.44 -39.75 27.04
C LEU C 31 2.61 -40.42 28.13
N ALA C 32 1.55 -39.78 28.62
CA ALA C 32 0.76 -40.36 29.69
C ALA C 32 -0.70 -39.97 29.61
N VAL C 33 -1.56 -40.71 30.30
CA VAL C 33 -2.99 -40.44 30.40
C VAL C 33 -3.15 -40.18 31.91
N ASN C 34 -3.82 -39.17 32.47
CA ASN C 34 -4.01 -39.20 33.92
C ASN C 34 -5.50 -39.45 34.19
N CYS C 44 3.96 -41.68 36.78
CA CYS C 44 3.50 -42.00 35.44
C CYS C 44 4.18 -41.24 34.31
N ILE C 45 4.90 -40.10 34.44
CA ILE C 45 5.55 -39.48 33.28
C ILE C 45 6.93 -38.95 33.70
N ILE C 46 7.90 -38.91 32.79
CA ILE C 46 9.16 -38.26 33.09
C ILE C 46 9.33 -37.05 32.18
N SER C 47 10.14 -36.13 32.64
CA SER C 47 10.35 -34.89 31.97
C SER C 47 11.80 -34.45 32.17
N ASN C 48 12.18 -33.33 31.53
CA ASN C 48 13.50 -32.72 31.63
C ASN C 48 14.68 -33.62 31.28
N LYS C 49 14.52 -34.35 30.19
CA LYS C 49 15.56 -35.25 29.70
C LYS C 49 15.89 -34.80 28.30
N LYS C 50 16.99 -35.29 27.71
CA LYS C 50 17.38 -34.93 26.37
C LYS C 50 16.33 -35.32 25.33
N SER C 51 16.28 -34.57 24.25
CA SER C 51 15.36 -34.83 23.14
C SER C 51 15.97 -35.92 22.27
N GLN C 52 15.16 -36.85 21.76
CA GLN C 52 15.67 -37.86 20.84
C GLN C 52 16.06 -37.19 19.52
N PRO C 53 17.27 -37.38 19.00
CA PRO C 53 17.69 -36.82 17.73
C PRO C 53 16.79 -37.11 16.55
N GLY C 54 16.62 -36.12 15.69
CA GLY C 54 15.92 -36.27 14.43
C GLY C 54 14.41 -36.28 14.54
N LEU C 55 13.81 -36.02 15.70
CA LEU C 55 12.35 -36.15 15.80
C LEU C 55 11.55 -34.86 15.85
N MET C 56 12.18 -33.72 15.48
CA MET C 56 11.58 -32.40 15.39
C MET C 56 10.94 -31.92 16.68
N THR C 57 11.83 -31.75 17.64
CA THR C 57 11.47 -31.20 18.94
C THR C 57 11.01 -29.76 18.76
N ILE C 58 10.11 -29.25 19.60
CA ILE C 58 9.68 -27.86 19.51
C ILE C 58 10.54 -26.98 20.46
N ARG C 59 11.34 -27.59 21.34
CA ARG C 59 12.24 -26.88 22.25
C ARG C 59 13.31 -26.00 21.61
N GLY C 60 13.74 -25.08 22.45
CA GLY C 60 14.81 -24.15 22.13
C GLY C 60 16.01 -24.49 23.03
N CYS C 61 16.89 -23.51 23.19
CA CYS C 61 18.13 -23.69 23.94
C CYS C 61 18.24 -22.85 25.21
N ALA C 62 19.27 -23.13 26.01
CA ALA C 62 19.58 -22.40 27.23
C ALA C 62 19.77 -20.91 26.96
N TYR C 63 20.36 -20.49 25.82
CA TYR C 63 20.44 -19.09 25.44
C TYR C 63 19.04 -18.48 25.34
N ALA C 64 18.09 -19.18 24.70
CA ALA C 64 16.72 -18.68 24.60
C ALA C 64 16.15 -18.44 26.00
N GLY C 65 16.43 -19.35 26.93
CA GLY C 65 15.94 -19.23 28.30
C GLY C 65 16.58 -18.09 29.05
N SER C 66 17.85 -17.78 28.77
CA SER C 66 18.52 -16.74 29.48
C SER C 66 18.35 -15.40 28.78
N LYS C 67 18.82 -15.21 27.54
CA LYS C 67 18.65 -13.93 26.88
C LYS C 67 17.20 -13.71 26.48
N GLY C 68 16.58 -14.67 25.81
CA GLY C 68 15.24 -14.52 25.29
C GLY C 68 14.23 -14.25 26.40
N VAL C 69 14.24 -15.05 27.46
CA VAL C 69 13.22 -14.85 28.46
C VAL C 69 13.65 -14.14 29.75
N VAL C 70 14.71 -14.48 30.49
CA VAL C 70 14.97 -13.80 31.76
C VAL C 70 15.66 -12.46 31.59
N TRP C 71 16.80 -12.36 30.94
CA TRP C 71 17.49 -11.09 30.85
C TRP C 71 16.98 -10.06 29.87
N GLY C 72 16.69 -10.45 28.62
CA GLY C 72 16.24 -9.56 27.56
C GLY C 72 15.17 -8.52 27.94
N PRO C 73 14.11 -8.84 28.69
CA PRO C 73 13.15 -7.86 29.17
C PRO C 73 13.69 -6.71 30.01
N ILE C 74 14.84 -6.83 30.70
CA ILE C 74 15.33 -5.76 31.56
C ILE C 74 15.80 -4.60 30.69
N LYS C 75 14.89 -3.63 30.66
CA LYS C 75 14.97 -2.50 29.75
C LYS C 75 16.13 -1.55 29.79
N ASP C 76 16.70 -1.26 30.95
CA ASP C 76 17.77 -0.27 31.02
C ASP C 76 19.18 -0.81 30.97
N MET C 77 19.37 -2.10 30.73
CA MET C 77 20.69 -2.66 30.60
C MET C 77 20.85 -3.01 29.13
N ILE C 78 22.06 -3.18 28.64
CA ILE C 78 22.24 -3.66 27.28
C ILE C 78 22.62 -5.13 27.41
N HIS C 79 21.96 -5.99 26.64
CA HIS C 79 22.22 -7.42 26.68
C HIS C 79 22.97 -7.83 25.42
N ILE C 80 24.20 -8.33 25.56
CA ILE C 80 25.05 -8.68 24.43
C ILE C 80 24.90 -10.13 24.04
N SER C 81 24.50 -10.43 22.83
CA SER C 81 24.44 -11.80 22.34
C SER C 81 25.85 -12.01 21.80
N HIS C 82 26.62 -12.68 22.64
CA HIS C 82 28.03 -12.87 22.40
C HIS C 82 28.32 -14.14 21.63
N GLY C 83 28.77 -14.00 20.39
CA GLY C 83 29.12 -15.14 19.55
C GLY C 83 28.75 -14.76 18.13
N PRO C 84 28.47 -15.70 17.21
CA PRO C 84 28.10 -15.41 15.83
C PRO C 84 26.77 -14.64 15.70
N VAL C 85 26.43 -14.20 14.50
CA VAL C 85 25.27 -13.37 14.28
C VAL C 85 23.90 -14.01 14.37
N GLY C 86 23.75 -15.33 14.25
CA GLY C 86 22.43 -15.94 14.17
C GLY C 86 21.48 -15.71 15.35
N CYS C 87 21.91 -16.16 16.53
CA CYS C 87 21.09 -16.20 17.73
C CYS C 87 20.39 -14.90 18.11
N GLY C 88 21.17 -13.82 18.18
CA GLY C 88 20.63 -12.51 18.50
C GLY C 88 19.68 -12.05 17.41
N GLN C 89 19.98 -12.38 16.16
CA GLN C 89 19.14 -11.94 15.06
C GLN C 89 17.78 -12.62 15.09
N TYR C 90 17.69 -13.95 15.21
CA TYR C 90 16.40 -14.62 15.25
C TYR C 90 15.64 -14.28 16.53
N SER C 91 16.27 -13.94 17.66
CA SER C 91 15.55 -13.53 18.85
C SER C 91 15.28 -12.02 18.98
N ARG C 92 15.74 -11.12 18.09
CA ARG C 92 15.42 -9.69 18.18
C ARG C 92 13.90 -9.47 18.06
N ALA C 93 13.33 -8.88 19.11
CA ALA C 93 11.93 -8.50 19.20
C ALA C 93 10.93 -9.61 18.88
N GLY C 94 11.28 -10.86 19.19
CA GLY C 94 10.41 -11.99 18.90
C GLY C 94 9.42 -12.20 20.02
N ARG C 95 9.84 -11.91 21.25
CA ARG C 95 8.99 -12.09 22.41
C ARG C 95 8.40 -10.73 22.74
N ARG C 96 7.10 -10.67 22.99
CA ARG C 96 6.48 -9.39 23.26
C ARG C 96 6.48 -8.99 24.72
N ASN C 97 7.67 -8.84 25.27
CA ASN C 97 7.86 -8.43 26.67
C ASN C 97 7.88 -6.91 26.70
N TYR C 98 6.73 -6.36 27.04
CA TYR C 98 6.52 -4.92 26.94
C TYR C 98 7.19 -4.06 27.99
N TYR C 99 7.65 -2.90 27.56
CA TYR C 99 8.33 -1.97 28.44
C TYR C 99 8.03 -0.52 28.07
N ILE C 100 8.16 0.38 29.05
CA ILE C 100 8.00 1.80 28.83
C ILE C 100 9.43 2.32 28.80
N GLY C 101 9.81 3.07 27.77
CA GLY C 101 11.14 3.66 27.71
C GLY C 101 11.41 4.31 26.36
N THR C 102 12.45 5.13 26.28
CA THR C 102 12.95 5.66 25.03
C THR C 102 14.02 4.68 24.50
N THR C 103 13.70 3.82 23.55
CA THR C 103 14.61 2.81 23.05
C THR C 103 15.72 3.39 22.21
N GLY C 104 16.92 2.97 22.58
CA GLY C 104 18.13 3.41 21.92
C GLY C 104 18.83 4.48 22.76
N VAL C 105 18.20 5.05 23.80
CA VAL C 105 18.89 6.06 24.60
C VAL C 105 18.86 5.67 26.08
N ASN C 106 17.71 5.25 26.62
CA ASN C 106 17.60 4.89 28.02
C ASN C 106 17.07 3.46 28.17
N ALA C 107 16.31 2.97 27.19
CA ALA C 107 15.79 1.61 27.20
C ALA C 107 16.31 0.90 25.95
N PHE C 108 16.56 -0.42 25.92
CA PHE C 108 17.20 -1.05 24.77
C PHE C 108 16.64 -2.41 24.37
N VAL C 109 15.48 -2.83 24.88
CA VAL C 109 14.95 -4.18 24.70
C VAL C 109 14.81 -4.67 23.27
N THR C 110 14.23 -3.88 22.36
CA THR C 110 14.05 -4.33 21.01
C THR C 110 15.32 -4.31 20.18
N MET C 111 16.47 -3.89 20.70
CA MET C 111 17.69 -3.83 19.90
C MET C 111 18.46 -5.15 19.93
N ASN C 112 19.29 -5.40 18.92
CA ASN C 112 20.12 -6.60 18.86
C ASN C 112 21.57 -6.16 18.95
N PHE C 113 22.24 -6.45 20.06
CA PHE C 113 23.63 -6.08 20.24
C PHE C 113 24.37 -7.40 20.15
N THR C 114 25.42 -7.49 19.34
CA THR C 114 26.13 -8.74 19.20
C THR C 114 27.60 -8.47 18.90
N SER C 115 28.43 -9.42 19.32
CA SER C 115 29.85 -9.38 19.04
C SER C 115 30.14 -10.01 17.70
N ASP C 116 29.13 -10.44 16.92
CA ASP C 116 29.25 -11.00 15.57
C ASP C 116 30.55 -11.74 15.21
N PHE C 117 30.80 -12.86 15.90
CA PHE C 117 32.03 -13.60 15.69
C PHE C 117 32.30 -14.04 14.26
N GLN C 118 33.49 -13.69 13.78
CA GLN C 118 34.03 -14.17 12.52
C GLN C 118 35.10 -15.20 12.86
N GLU C 119 35.65 -15.93 11.92
CA GLU C 119 36.67 -16.94 12.18
C GLU C 119 37.84 -16.51 13.05
N LYS C 120 38.42 -15.32 12.89
CA LYS C 120 39.52 -14.89 13.75
C LYS C 120 39.15 -14.92 15.25
N ASP C 121 37.88 -14.68 15.61
CA ASP C 121 37.46 -14.69 17.00
C ASP C 121 37.27 -16.11 17.51
N ILE C 122 37.02 -17.08 16.64
CA ILE C 122 36.86 -18.48 17.04
C ILE C 122 38.24 -19.10 17.24
N VAL C 123 39.18 -18.70 16.38
CA VAL C 123 40.51 -19.25 16.42
C VAL C 123 41.35 -18.61 17.50
N PHE C 124 41.14 -17.33 17.83
CA PHE C 124 41.97 -16.72 18.85
C PHE C 124 41.18 -16.28 20.06
N GLY C 125 39.86 -16.40 20.01
CA GLY C 125 39.06 -16.05 21.17
C GLY C 125 38.51 -14.63 21.07
N GLY C 126 37.36 -14.43 21.68
CA GLY C 126 36.69 -13.15 21.58
C GLY C 126 36.80 -12.32 22.84
N ASP C 127 37.69 -12.58 23.79
CA ASP C 127 37.75 -11.79 25.02
C ASP C 127 38.25 -10.35 24.82
N LYS C 128 39.24 -10.12 23.96
CA LYS C 128 39.70 -8.76 23.73
C LYS C 128 38.62 -8.00 22.94
N LYS C 129 37.89 -8.70 22.06
CA LYS C 129 36.81 -8.08 21.31
C LYS C 129 35.65 -7.72 22.25
N LEU C 130 35.32 -8.54 23.25
CA LEU C 130 34.29 -8.22 24.24
C LEU C 130 34.66 -6.95 25.01
N ALA C 131 35.95 -6.81 25.36
CA ALA C 131 36.45 -5.64 26.05
C ALA C 131 36.32 -4.37 25.20
N LYS C 132 36.72 -4.47 23.93
CA LYS C 132 36.60 -3.35 23.01
C LYS C 132 35.13 -2.98 22.78
N LEU C 133 34.22 -3.94 22.68
CA LEU C 133 32.84 -3.60 22.49
C LEU C 133 32.21 -3.06 23.76
N ILE C 134 32.64 -3.42 24.98
CA ILE C 134 32.11 -2.83 26.20
C ILE C 134 32.46 -1.33 26.22
N ASP C 135 33.66 -0.99 25.74
CA ASP C 135 34.06 0.39 25.60
C ASP C 135 33.12 1.09 24.64
N GLU C 136 32.94 0.55 23.44
CA GLU C 136 32.01 1.09 22.45
C GLU C 136 30.56 1.23 22.95
N VAL C 137 30.03 0.25 23.68
CA VAL C 137 28.68 0.35 24.25
C VAL C 137 28.64 1.55 25.19
N GLU C 138 29.74 1.74 25.92
CA GLU C 138 29.82 2.84 26.85
C GLU C 138 29.91 4.17 26.12
N THR C 139 30.64 4.28 25.00
CA THR C 139 30.66 5.50 24.20
C THR C 139 29.28 5.86 23.61
N LEU C 140 28.69 4.92 22.88
CA LEU C 140 27.48 5.20 22.15
C LEU C 140 26.16 5.10 22.90
N PHE C 141 26.16 4.51 24.09
CA PHE C 141 24.93 4.39 24.85
C PHE C 141 25.20 4.75 26.31
N PRO C 142 25.55 6.02 26.61
CA PRO C 142 25.90 6.47 27.95
C PRO C 142 24.84 6.21 29.00
N LEU C 143 23.54 6.37 28.73
CA LEU C 143 22.56 6.21 29.79
C LEU C 143 22.21 4.78 30.16
N ASN C 144 23.00 3.79 29.74
CA ASN C 144 22.70 2.41 30.09
C ASN C 144 23.08 2.19 31.55
N LYS C 145 22.33 1.34 32.24
CA LYS C 145 22.50 1.07 33.64
C LYS C 145 23.26 -0.24 33.95
N GLY C 146 23.84 -0.93 32.96
CA GLY C 146 24.50 -2.20 33.17
C GLY C 146 24.54 -2.96 31.84
N ILE C 147 25.39 -3.97 31.74
CA ILE C 147 25.56 -4.77 30.54
C ILE C 147 25.51 -6.24 30.97
N SER C 148 24.88 -7.13 30.20
CA SER C 148 25.00 -8.54 30.45
C SER C 148 25.54 -9.15 29.17
N VAL C 149 26.32 -10.22 29.24
CA VAL C 149 26.85 -10.85 28.06
C VAL C 149 26.32 -12.28 28.14
N GLN C 150 25.48 -12.60 27.15
CA GLN C 150 24.77 -13.86 27.03
C GLN C 150 25.60 -14.69 26.10
N SER C 151 26.28 -15.72 26.58
CA SER C 151 27.16 -16.51 25.73
C SER C 151 26.37 -17.42 24.83
N GLU C 152 26.79 -17.53 23.59
CA GLU C 152 26.21 -18.47 22.65
C GLU C 152 27.18 -19.64 22.55
N CYS C 153 26.77 -20.75 21.88
CA CYS C 153 27.57 -21.98 21.81
C CYS C 153 29.08 -21.85 21.75
N PRO C 154 29.75 -21.08 20.86
CA PRO C 154 31.21 -21.06 20.78
C PRO C 154 31.98 -20.60 22.02
N ILE C 155 31.46 -19.71 22.87
CA ILE C 155 32.24 -19.07 23.95
C ILE C 155 32.89 -20.05 24.92
N GLY C 156 32.13 -21.02 25.39
CA GLY C 156 32.68 -22.00 26.30
C GLY C 156 33.51 -23.04 25.56
N LEU C 157 33.09 -23.41 24.36
CA LEU C 157 33.81 -24.43 23.62
C LEU C 157 35.22 -23.96 23.30
N ILE C 158 35.43 -22.68 22.97
CA ILE C 158 36.75 -22.20 22.60
C ILE C 158 37.57 -21.79 23.82
N GLY C 159 37.05 -21.90 25.03
CA GLY C 159 37.83 -21.59 26.21
C GLY C 159 37.94 -20.13 26.56
N ASP C 160 36.97 -19.27 26.23
CA ASP C 160 37.07 -17.88 26.63
C ASP C 160 36.71 -17.71 28.11
N ASP C 161 37.16 -16.61 28.70
CA ASP C 161 36.82 -16.31 30.07
C ASP C 161 36.05 -15.00 30.14
N ILE C 162 34.75 -15.03 29.87
CA ILE C 162 33.96 -13.81 29.96
C ILE C 162 33.84 -13.31 31.40
N GLU C 163 34.17 -14.08 32.42
CA GLU C 163 34.13 -13.59 33.80
C GLU C 163 35.24 -12.59 34.09
N SER C 164 36.48 -12.86 33.68
CA SER C 164 37.56 -11.91 33.88
C SER C 164 37.23 -10.62 33.17
N VAL C 165 36.75 -10.70 31.91
CA VAL C 165 36.43 -9.50 31.16
C VAL C 165 35.34 -8.75 31.94
N SER C 166 34.27 -9.39 32.40
CA SER C 166 33.28 -8.69 33.19
C SER C 166 33.81 -8.03 34.47
N LYS C 167 34.53 -8.69 35.40
CA LYS C 167 34.95 -7.96 36.59
C LYS C 167 36.08 -6.97 36.33
N VAL C 168 37.00 -7.20 35.38
CA VAL C 168 38.04 -6.23 35.06
C VAL C 168 37.36 -4.97 34.54
N LYS C 169 36.63 -5.07 33.41
CA LYS C 169 35.98 -3.92 32.80
C LYS C 169 34.95 -3.29 33.72
N GLY C 170 34.18 -4.08 34.46
CA GLY C 170 33.22 -3.59 35.44
C GLY C 170 33.90 -2.74 36.52
N ALA C 171 35.05 -3.21 37.02
CA ALA C 171 35.84 -2.47 38.00
C ALA C 171 36.34 -1.17 37.38
N GLU C 172 36.94 -1.28 36.19
CA GLU C 172 37.44 -0.16 35.42
C GLU C 172 36.40 0.91 35.09
N LEU C 173 35.10 0.60 35.09
CA LEU C 173 34.09 1.57 34.73
C LEU C 173 32.99 1.74 35.79
N SER C 174 33.08 1.17 37.00
CA SER C 174 32.00 1.21 38.00
C SER C 174 30.62 0.80 37.47
N LYS C 175 30.62 -0.18 36.57
CA LYS C 175 29.40 -0.61 35.94
C LYS C 175 29.27 -2.11 36.09
N THR C 176 28.04 -2.51 36.38
CA THR C 176 27.64 -3.89 36.50
C THR C 176 27.66 -4.55 35.12
N ILE C 177 28.53 -5.53 34.97
CA ILE C 177 28.61 -6.30 33.76
C ILE C 177 28.40 -7.72 34.27
N VAL C 178 27.36 -8.41 33.77
CA VAL C 178 27.01 -9.76 34.19
C VAL C 178 27.48 -10.72 33.10
N PRO C 179 28.41 -11.65 33.33
CA PRO C 179 28.74 -12.74 32.41
C PRO C 179 27.74 -13.87 32.56
N VAL C 180 27.07 -14.33 31.50
CA VAL C 180 26.13 -15.43 31.65
C VAL C 180 26.57 -16.58 30.75
N ARG C 181 26.75 -17.77 31.31
CA ARG C 181 27.20 -18.91 30.53
C ARG C 181 26.00 -19.73 30.05
N CYS C 182 25.14 -19.14 29.24
CA CYS C 182 23.93 -19.81 28.79
C CYS C 182 24.07 -20.39 27.38
N GLU C 183 25.24 -20.96 27.08
CA GLU C 183 25.53 -21.45 25.74
C GLU C 183 24.51 -22.50 25.40
N GLY C 184 23.97 -22.43 24.19
CA GLY C 184 22.93 -23.34 23.76
C GLY C 184 23.18 -24.81 23.93
N PHE C 185 24.40 -25.29 24.16
CA PHE C 185 24.64 -26.71 24.31
C PHE C 185 24.44 -27.19 25.74
N ARG C 186 24.34 -26.23 26.67
CA ARG C 186 24.12 -26.52 28.06
C ARG C 186 22.66 -26.97 28.26
N GLY C 187 22.40 -27.96 29.12
CA GLY C 187 21.05 -28.42 29.37
C GLY C 187 20.46 -29.14 28.19
N VAL C 188 19.13 -29.29 28.27
CA VAL C 188 18.37 -30.00 27.25
C VAL C 188 17.28 -29.13 26.64
N SER C 189 17.20 -27.86 27.06
CA SER C 189 16.10 -26.98 26.71
C SER C 189 16.40 -25.59 27.25
N GLN C 190 15.43 -24.69 27.06
CA GLN C 190 15.44 -23.35 27.63
C GLN C 190 15.51 -23.36 29.16
N SER C 191 15.01 -24.43 29.81
CA SER C 191 15.00 -24.57 31.26
C SER C 191 16.31 -24.26 31.96
N LEU C 192 17.44 -24.91 31.62
CA LEU C 192 18.70 -24.62 32.29
C LEU C 192 19.10 -23.18 32.09
N GLY C 193 18.73 -22.55 30.97
CA GLY C 193 19.00 -21.15 30.74
C GLY C 193 18.37 -20.28 31.82
N HIS C 194 17.16 -20.63 32.29
CA HIS C 194 16.49 -19.92 33.36
C HIS C 194 17.36 -20.00 34.60
N HIS C 195 17.76 -21.21 34.99
CA HIS C 195 18.59 -21.43 36.16
C HIS C 195 19.94 -20.71 36.06
N ILE C 196 20.65 -20.78 34.93
CA ILE C 196 21.93 -20.11 34.74
C ILE C 196 21.67 -18.62 34.92
N ALA C 197 20.55 -18.12 34.36
CA ALA C 197 20.16 -16.73 34.48
C ALA C 197 19.82 -16.36 35.91
N ASN C 198 19.13 -17.20 36.68
CA ASN C 198 18.82 -16.91 38.08
C ASN C 198 20.09 -16.84 38.92
N ASP C 199 21.05 -17.72 38.64
CA ASP C 199 22.33 -17.68 39.34
C ASP C 199 23.15 -16.46 38.93
N ALA C 200 23.05 -15.99 37.68
CA ALA C 200 23.77 -14.80 37.26
C ALA C 200 23.18 -13.57 37.94
N VAL C 201 21.87 -13.51 38.20
CA VAL C 201 21.31 -12.39 38.94
C VAL C 201 21.84 -12.45 40.38
N ARG C 202 21.70 -13.60 41.03
CA ARG C 202 22.17 -13.82 42.38
C ARG C 202 23.62 -13.41 42.62
N ASP C 203 24.51 -13.75 41.70
CA ASP C 203 25.92 -13.47 41.88
C ASP C 203 26.39 -12.09 41.46
N TRP C 204 25.75 -11.41 40.51
CA TRP C 204 26.27 -10.14 40.06
C TRP C 204 25.34 -8.94 40.26
N VAL C 205 24.08 -9.11 40.66
CA VAL C 205 23.17 -7.97 40.81
C VAL C 205 22.44 -7.94 42.17
N LEU C 206 21.81 -9.05 42.57
CA LEU C 206 20.93 -9.07 43.74
C LEU C 206 21.55 -8.67 45.07
N GLY C 207 22.85 -8.82 45.23
CA GLY C 207 23.46 -8.43 46.49
C GLY C 207 23.89 -6.98 46.56
N LYS C 208 23.78 -6.17 45.51
CA LYS C 208 24.35 -4.83 45.50
C LYS C 208 23.81 -3.86 46.55
N ARG C 209 22.53 -3.94 46.91
CA ARG C 209 21.97 -3.09 47.94
C ARG C 209 22.04 -3.75 49.31
N ASP C 210 22.85 -4.79 49.60
CA ASP C 210 22.84 -5.42 50.92
C ASP C 210 23.27 -4.54 52.09
N GLU C 211 24.10 -3.53 51.89
CA GLU C 211 24.45 -2.62 52.97
C GLU C 211 23.62 -1.33 52.96
N ASP C 212 22.48 -1.33 52.28
CA ASP C 212 21.70 -0.11 52.10
C ASP C 212 20.48 -0.11 52.99
N THR C 213 20.41 0.91 53.80
CA THR C 213 19.26 1.12 54.66
C THR C 213 18.29 2.19 54.14
N THR C 214 18.64 2.85 53.03
CA THR C 214 17.88 3.95 52.44
C THR C 214 16.47 3.64 51.93
N PHE C 215 15.99 2.40 51.87
CA PHE C 215 14.66 2.21 51.31
C PHE C 215 13.61 2.04 52.40
N ALA C 216 12.62 2.93 52.41
CA ALA C 216 11.54 2.86 53.40
C ALA C 216 10.61 1.72 53.02
N SER C 217 10.76 0.55 53.64
CA SER C 217 9.87 -0.56 53.34
C SER C 217 8.56 -0.32 54.06
N THR C 218 7.45 -0.92 53.66
CA THR C 218 6.19 -0.76 54.36
C THR C 218 5.74 -2.19 54.61
N PRO C 219 4.85 -2.55 55.54
CA PRO C 219 4.28 -3.88 55.67
C PRO C 219 3.61 -4.45 54.42
N TYR C 220 3.43 -3.66 53.36
CA TYR C 220 2.72 -4.13 52.19
C TYR C 220 3.60 -4.16 50.95
N ASP C 221 4.94 -4.15 51.07
CA ASP C 221 5.83 -4.27 49.91
C ASP C 221 5.87 -5.70 49.38
N VAL C 222 5.70 -5.83 48.08
CA VAL C 222 5.61 -7.11 47.43
C VAL C 222 6.42 -7.02 46.12
N ALA C 223 6.67 -8.12 45.42
CA ALA C 223 7.36 -8.05 44.13
C ALA C 223 6.77 -9.14 43.25
N ILE C 224 6.60 -8.90 41.95
CA ILE C 224 6.07 -9.91 41.03
C ILE C 224 7.30 -10.57 40.43
N ILE C 225 7.39 -11.88 40.64
CA ILE C 225 8.54 -12.67 40.26
C ILE C 225 8.07 -13.53 39.10
N GLY C 226 8.61 -13.32 37.90
CA GLY C 226 8.26 -14.19 36.79
C GLY C 226 7.02 -13.76 36.04
N ASP C 227 6.92 -12.47 35.73
CA ASP C 227 5.89 -12.04 34.83
C ASP C 227 6.72 -11.15 33.94
N TYR C 228 6.72 -11.64 32.71
CA TYR C 228 7.52 -11.07 31.64
C TYR C 228 6.78 -10.05 30.80
N ASN C 229 5.55 -9.74 31.22
CA ASN C 229 4.71 -8.69 30.64
C ASN C 229 4.42 -8.88 29.16
N ILE C 230 4.08 -10.11 28.79
CA ILE C 230 3.77 -10.41 27.41
C ILE C 230 2.44 -9.70 27.08
N GLY C 231 2.57 -8.72 26.20
CA GLY C 231 1.43 -7.93 25.79
C GLY C 231 0.90 -7.05 26.92
N GLY C 232 1.70 -6.76 27.94
CA GLY C 232 1.20 -5.94 29.04
C GLY C 232 0.69 -6.76 30.23
N ASP C 233 0.73 -8.09 30.18
CA ASP C 233 0.33 -8.94 31.30
C ASP C 233 0.76 -8.58 32.71
N ALA C 234 1.92 -7.98 32.92
CA ALA C 234 2.36 -7.69 34.28
C ALA C 234 1.58 -6.47 34.71
N TRP C 235 1.43 -5.49 33.81
CA TRP C 235 0.69 -4.27 34.08
C TRP C 235 -0.76 -4.58 34.42
N SER C 236 -1.46 -5.49 33.74
CA SER C 236 -2.82 -5.79 34.13
C SER C 236 -2.92 -6.63 35.41
N SER C 237 -1.81 -7.23 35.84
CA SER C 237 -1.76 -7.96 37.08
C SER C 237 -1.53 -6.99 38.25
N ARG C 238 -0.50 -6.16 38.11
CA ARG C 238 -0.06 -5.20 39.10
C ARG C 238 -1.21 -4.34 39.59
N ILE C 239 -1.91 -3.70 38.64
CA ILE C 239 -3.01 -2.80 38.96
C ILE C 239 -3.93 -3.40 40.01
N LEU C 240 -4.30 -4.68 39.88
CA LEU C 240 -5.19 -5.33 40.82
C LEU C 240 -4.54 -5.43 42.20
N LEU C 241 -3.24 -5.70 42.27
CA LEU C 241 -2.53 -5.82 43.54
C LEU C 241 -2.50 -4.49 44.27
N GLU C 242 -2.22 -3.39 43.56
CA GLU C 242 -2.18 -2.09 44.20
C GLU C 242 -3.60 -1.61 44.50
N GLU C 243 -4.60 -1.95 43.71
CA GLU C 243 -5.99 -1.63 44.04
C GLU C 243 -6.44 -2.47 45.24
N MET C 244 -5.67 -3.50 45.62
CA MET C 244 -5.91 -4.26 46.84
C MET C 244 -5.10 -3.64 47.99
N GLY C 245 -4.21 -2.67 47.75
CA GLY C 245 -3.48 -1.98 48.79
C GLY C 245 -1.97 -2.23 48.84
N LEU C 246 -1.51 -3.25 48.11
CA LEU C 246 -0.11 -3.63 48.16
C LEU C 246 0.77 -2.72 47.31
N ARG C 247 2.07 -2.65 47.58
CA ARG C 247 2.96 -1.84 46.79
C ARG C 247 3.95 -2.76 46.05
N CYS C 248 3.92 -2.81 44.71
CA CYS C 248 4.82 -3.65 43.94
C CYS C 248 6.09 -2.91 43.67
N VAL C 249 7.10 -3.31 44.43
CA VAL C 249 8.43 -2.71 44.36
C VAL C 249 9.18 -3.18 43.12
N ALA C 250 8.95 -4.40 42.64
CA ALA C 250 9.68 -4.93 41.50
C ALA C 250 8.83 -5.82 40.61
N GLN C 251 9.21 -5.81 39.35
CA GLN C 251 8.56 -6.61 38.33
C GLN C 251 9.75 -7.35 37.76
N TRP C 252 9.80 -8.67 37.92
CA TRP C 252 10.96 -9.40 37.44
C TRP C 252 10.83 -9.88 36.02
N SER C 253 11.64 -9.02 35.38
CA SER C 253 11.96 -8.92 33.98
C SER C 253 10.98 -8.11 33.17
N GLY C 254 9.66 -8.39 33.19
CA GLY C 254 8.73 -7.66 32.35
C GLY C 254 8.67 -6.21 32.75
N ASP C 255 9.16 -5.36 31.86
CA ASP C 255 9.29 -3.92 32.05
C ASP C 255 10.18 -3.61 33.26
N GLY C 256 11.12 -4.51 33.48
CA GLY C 256 12.01 -4.48 34.62
C GLY C 256 13.20 -3.57 34.42
N SER C 257 13.55 -2.95 35.53
CA SER C 257 14.71 -2.11 35.63
C SER C 257 15.65 -2.82 36.62
N ILE C 258 16.95 -2.53 36.54
CA ILE C 258 17.92 -3.16 37.42
C ILE C 258 17.74 -2.69 38.85
N SER C 259 17.37 -1.43 39.12
CA SER C 259 17.14 -0.94 40.47
C SER C 259 15.97 -1.67 41.12
N GLU C 260 14.88 -1.94 40.39
CA GLU C 260 13.78 -2.76 40.90
C GLU C 260 14.28 -4.12 41.36
N ILE C 261 15.17 -4.73 40.58
CA ILE C 261 15.75 -6.01 40.95
C ILE C 261 16.62 -5.84 42.20
N GLU C 262 17.49 -4.83 42.27
CA GLU C 262 18.28 -4.57 43.47
C GLU C 262 17.43 -4.26 44.71
N LEU C 263 16.25 -3.67 44.52
CA LEU C 263 15.34 -3.37 45.61
C LEU C 263 14.57 -4.58 46.08
N THR C 264 14.49 -5.66 45.28
CA THR C 264 13.71 -6.83 45.68
C THR C 264 14.15 -7.42 47.03
N PRO C 265 15.42 -7.43 47.48
CA PRO C 265 15.82 -7.67 48.86
C PRO C 265 15.09 -6.97 50.00
N LYS C 266 14.22 -5.97 49.76
CA LYS C 266 13.54 -5.26 50.83
C LYS C 266 12.06 -5.59 50.93
N VAL C 267 11.53 -6.44 50.06
CA VAL C 267 10.10 -6.67 50.07
C VAL C 267 9.68 -7.59 51.22
N LYS C 268 8.39 -7.69 51.46
CA LYS C 268 7.88 -8.57 52.49
C LYS C 268 7.51 -9.93 51.92
N LEU C 269 7.13 -10.02 50.64
CA LEU C 269 6.65 -11.25 50.07
C LEU C 269 6.99 -11.20 48.58
N ASN C 270 7.31 -12.37 48.02
CA ASN C 270 7.60 -12.49 46.61
C ASN C 270 6.42 -13.24 46.02
N LEU C 271 5.83 -12.67 44.98
CA LEU C 271 4.66 -13.25 44.37
C LEU C 271 5.13 -13.93 43.09
N VAL C 272 5.19 -15.26 43.09
CA VAL C 272 5.72 -16.02 41.98
C VAL C 272 4.61 -16.43 41.04
N HIS C 273 4.69 -15.87 39.84
CA HIS C 273 3.74 -16.27 38.83
C HIS C 273 4.34 -17.44 38.08
N CYS C 274 5.52 -17.27 37.47
CA CYS C 274 6.16 -18.35 36.75
C CYS C 274 7.11 -19.09 37.69
N TYR C 275 6.62 -20.24 38.12
CA TYR C 275 7.36 -21.09 39.03
C TYR C 275 8.60 -21.65 38.34
N ARG C 276 8.44 -22.30 37.20
CA ARG C 276 9.54 -22.94 36.50
C ARG C 276 10.73 -22.03 36.23
N SER C 277 10.57 -20.77 35.84
CA SER C 277 11.70 -19.90 35.57
C SER C 277 12.28 -19.18 36.77
N MET C 278 11.44 -18.86 37.73
CA MET C 278 11.83 -18.04 38.86
C MET C 278 11.99 -18.68 40.23
N ASN C 279 11.52 -19.92 40.42
CA ASN C 279 11.57 -20.55 41.73
C ASN C 279 12.97 -20.54 42.33
N TYR C 280 13.98 -20.66 41.49
CA TYR C 280 15.36 -20.75 41.91
C TYR C 280 15.81 -19.53 42.71
N ILE C 281 15.54 -18.33 42.17
CA ILE C 281 15.96 -17.10 42.84
C ILE C 281 15.03 -16.83 44.01
N SER C 282 13.76 -17.24 43.99
CA SER C 282 12.87 -17.07 45.12
C SER C 282 13.40 -17.86 46.32
N ARG C 283 13.63 -19.18 46.19
CA ARG C 283 14.15 -20.04 47.26
C ARG C 283 15.42 -19.45 47.85
N HIS C 284 16.27 -18.89 47.00
CA HIS C 284 17.45 -18.20 47.47
C HIS C 284 17.13 -16.96 48.29
N MET C 285 16.14 -16.14 47.89
CA MET C 285 15.85 -14.93 48.63
C MET C 285 15.31 -15.24 50.01
N GLU C 286 14.57 -16.34 50.10
CA GLU C 286 14.10 -16.85 51.35
C GLU C 286 15.28 -17.25 52.23
N GLU C 287 16.24 -18.04 51.74
CA GLU C 287 17.37 -18.45 52.57
C GLU C 287 18.24 -17.30 53.03
N LYS C 288 18.69 -16.44 52.10
CA LYS C 288 19.58 -15.34 52.41
C LYS C 288 18.88 -14.13 53.03
N TYR C 289 17.57 -13.88 52.85
CA TYR C 289 16.94 -12.69 53.42
C TYR C 289 15.67 -12.99 54.21
N GLY C 290 15.27 -14.23 54.42
CA GLY C 290 14.05 -14.52 55.15
C GLY C 290 12.78 -14.13 54.38
N ILE C 291 12.83 -13.60 53.14
CA ILE C 291 11.63 -13.16 52.42
C ILE C 291 10.84 -14.39 51.98
N PRO C 292 9.61 -14.63 52.38
CA PRO C 292 8.83 -15.76 51.91
C PRO C 292 8.30 -15.56 50.49
N TRP C 293 7.95 -16.63 49.81
CA TRP C 293 7.43 -16.52 48.48
C TRP C 293 6.21 -17.41 48.36
N MET C 294 5.27 -17.06 47.49
CA MET C 294 4.08 -17.86 47.28
C MET C 294 3.72 -17.83 45.80
N GLU C 295 3.06 -18.87 45.33
CA GLU C 295 2.69 -19.00 43.93
C GLU C 295 1.25 -18.55 43.75
N TYR C 296 0.91 -18.03 42.57
CA TYR C 296 -0.47 -17.63 42.32
C TYR C 296 -0.82 -17.79 40.84
N ASN C 297 -2.05 -17.45 40.48
CA ASN C 297 -2.47 -17.56 39.11
C ASN C 297 -3.37 -16.38 38.79
N PHE C 298 -3.14 -15.73 37.66
CA PHE C 298 -3.91 -14.54 37.31
C PHE C 298 -4.37 -14.74 35.88
N PHE C 299 -5.01 -15.89 35.69
CA PHE C 299 -5.56 -16.29 34.42
C PHE C 299 -7.00 -16.69 34.71
N GLY C 300 -7.97 -15.91 34.28
CA GLY C 300 -9.39 -16.24 34.47
C GLY C 300 -9.93 -15.60 35.73
N PRO C 301 -11.23 -15.34 35.86
CA PRO C 301 -11.83 -14.75 37.04
C PRO C 301 -11.66 -15.63 38.28
N THR C 302 -12.06 -16.90 38.23
CA THR C 302 -11.93 -17.84 39.35
C THR C 302 -10.54 -17.80 39.97
N LYS C 303 -9.52 -18.06 39.15
CA LYS C 303 -8.17 -18.05 39.65
C LYS C 303 -7.73 -16.70 40.13
N THR C 304 -8.01 -15.57 39.48
CA THR C 304 -7.56 -14.28 39.99
C THR C 304 -8.22 -13.97 41.34
N ILE C 305 -9.49 -14.37 41.50
CA ILE C 305 -10.25 -14.19 42.73
C ILE C 305 -9.54 -15.01 43.82
N GLU C 306 -9.38 -16.31 43.57
CA GLU C 306 -8.69 -17.22 44.47
C GLU C 306 -7.30 -16.71 44.88
N SER C 307 -6.57 -16.17 43.93
CA SER C 307 -5.24 -15.64 44.14
C SER C 307 -5.23 -14.36 44.95
N LEU C 308 -6.03 -13.35 44.62
CA LEU C 308 -6.07 -12.08 45.36
C LEU C 308 -6.39 -12.34 46.83
N ARG C 309 -7.31 -13.28 47.05
CA ARG C 309 -7.66 -13.70 48.39
C ARG C 309 -6.49 -14.37 49.08
N ALA C 310 -5.80 -15.34 48.44
CA ALA C 310 -4.65 -16.00 49.06
C ALA C 310 -3.53 -15.02 49.42
N ILE C 311 -3.24 -14.07 48.55
CA ILE C 311 -2.20 -13.09 48.81
C ILE C 311 -2.64 -12.19 49.96
N ALA C 312 -3.90 -11.72 49.94
CA ALA C 312 -4.43 -10.82 50.96
C ALA C 312 -4.47 -11.46 52.33
N ALA C 313 -4.78 -12.76 52.35
CA ALA C 313 -4.85 -13.55 53.58
C ALA C 313 -3.54 -13.44 54.32
N LYS C 314 -2.43 -13.44 53.58
CA LYS C 314 -1.10 -13.31 54.17
C LYS C 314 -0.74 -11.93 54.66
N PHE C 315 -1.69 -10.98 54.69
CA PHE C 315 -1.38 -9.64 55.16
C PHE C 315 -2.17 -9.21 56.38
N ASP C 316 -3.49 -8.99 56.32
CA ASP C 316 -4.33 -8.62 57.47
C ASP C 316 -5.73 -8.19 57.00
N GLU C 317 -6.54 -7.83 58.00
CA GLU C 317 -7.90 -7.39 57.84
C GLU C 317 -8.14 -6.20 56.88
N SER C 318 -7.34 -5.13 56.81
CA SER C 318 -7.62 -4.04 55.88
C SER C 318 -7.53 -4.50 54.42
N ILE C 319 -6.39 -5.13 54.09
CA ILE C 319 -6.13 -5.64 52.75
C ILE C 319 -7.19 -6.69 52.41
N GLN C 320 -7.68 -7.50 53.35
CA GLN C 320 -8.74 -8.46 53.05
C GLN C 320 -10.06 -7.79 52.68
N LYS C 321 -10.40 -6.65 53.30
CA LYS C 321 -11.60 -5.89 52.93
C LYS C 321 -11.39 -5.36 51.51
N LYS C 322 -10.25 -4.70 51.27
CA LYS C 322 -9.92 -4.16 49.96
C LYS C 322 -9.92 -5.22 48.88
N CYS C 323 -9.46 -6.44 49.16
CA CYS C 323 -9.53 -7.56 48.23
C CYS C 323 -11.01 -7.80 47.89
N GLU C 324 -11.90 -7.88 48.89
CA GLU C 324 -13.31 -8.10 48.62
C GLU C 324 -14.01 -6.93 47.95
N GLU C 325 -13.39 -5.74 48.03
CA GLU C 325 -13.89 -4.57 47.33
C GLU C 325 -13.59 -4.81 45.87
N VAL C 326 -12.31 -5.05 45.55
CA VAL C 326 -11.81 -5.29 44.21
C VAL C 326 -12.64 -6.37 43.57
N ILE C 327 -12.88 -7.49 44.25
CA ILE C 327 -13.70 -8.55 43.68
C ILE C 327 -15.10 -8.05 43.29
N ALA C 328 -15.76 -7.22 44.09
CA ALA C 328 -17.06 -6.68 43.73
C ALA C 328 -16.88 -5.70 42.57
N LYS C 329 -15.85 -4.83 42.65
CA LYS C 329 -15.48 -3.82 41.66
C LYS C 329 -15.23 -4.38 40.26
N TYR C 330 -14.97 -5.68 40.10
CA TYR C 330 -14.83 -6.27 38.78
C TYR C 330 -15.87 -7.33 38.47
N LYS C 331 -16.69 -7.75 39.45
CA LYS C 331 -17.73 -8.75 39.21
C LYS C 331 -18.69 -8.36 38.09
N PRO C 332 -19.16 -7.09 37.93
CA PRO C 332 -19.88 -6.62 36.76
C PRO C 332 -19.17 -6.94 35.43
N GLU C 333 -17.89 -6.54 35.41
CA GLU C 333 -17.05 -6.66 34.25
C GLU C 333 -16.82 -8.11 33.84
N TRP C 334 -16.22 -8.99 34.66
CA TRP C 334 -15.99 -10.34 34.16
C TRP C 334 -17.29 -11.10 33.99
N GLU C 335 -18.36 -10.79 34.73
CA GLU C 335 -19.61 -11.50 34.55
C GLU C 335 -20.22 -11.15 33.21
N ALA C 336 -20.06 -9.91 32.77
CA ALA C 336 -20.52 -9.52 31.45
C ALA C 336 -19.77 -10.34 30.41
N VAL C 337 -18.44 -10.44 30.57
CA VAL C 337 -17.61 -11.20 29.66
C VAL C 337 -18.08 -12.66 29.56
N VAL C 338 -18.28 -13.40 30.65
CA VAL C 338 -18.72 -14.79 30.52
C VAL C 338 -20.12 -14.81 29.93
N ALA C 339 -21.01 -13.86 30.25
CA ALA C 339 -22.38 -13.88 29.73
C ALA C 339 -22.36 -13.82 28.21
N LYS C 340 -21.55 -12.90 27.71
CA LYS C 340 -21.39 -12.74 26.28
C LYS C 340 -20.73 -13.94 25.62
N TYR C 341 -19.55 -14.34 26.14
CA TYR C 341 -18.72 -15.31 25.48
C TYR C 341 -18.91 -16.78 25.80
N ARG C 342 -19.26 -17.16 27.04
CA ARG C 342 -19.44 -18.57 27.39
C ARG C 342 -20.47 -19.27 26.51
N PRO C 343 -21.70 -18.79 26.15
CA PRO C 343 -22.63 -19.51 25.27
C PRO C 343 -22.03 -19.82 23.91
N ARG C 344 -21.04 -19.03 23.53
CA ARG C 344 -20.36 -19.18 22.26
C ARG C 344 -19.24 -20.21 22.29
N LEU C 345 -18.72 -20.46 23.49
CA LEU C 345 -17.58 -21.36 23.69
C LEU C 345 -17.86 -22.64 24.50
N GLU C 346 -19.08 -22.74 25.01
CA GLU C 346 -19.54 -23.87 25.81
C GLU C 346 -19.26 -25.25 25.24
N GLY C 347 -18.59 -26.03 26.09
CA GLY C 347 -18.29 -27.43 25.78
C GLY C 347 -17.31 -27.65 24.62
N LYS C 348 -16.63 -26.59 24.17
CA LYS C 348 -15.64 -26.75 23.10
C LYS C 348 -14.35 -27.27 23.74
N ARG C 349 -13.64 -28.10 22.99
CA ARG C 349 -12.48 -28.77 23.57
C ARG C 349 -11.17 -28.25 23.01
N VAL C 350 -10.25 -27.97 23.92
CA VAL C 350 -8.94 -27.39 23.63
C VAL C 350 -7.83 -28.39 23.90
N MET C 351 -6.81 -28.39 23.04
CA MET C 351 -5.58 -29.15 23.24
C MET C 351 -4.47 -28.10 23.36
N LEU C 352 -3.60 -28.14 24.37
CA LEU C 352 -2.59 -27.11 24.56
C LEU C 352 -1.18 -27.68 24.53
N TYR C 353 -0.18 -26.85 24.21
CA TYR C 353 1.22 -27.25 24.25
C TYR C 353 2.02 -25.97 24.29
N ILE C 354 2.63 -25.61 25.43
CA ILE C 354 3.36 -24.35 25.55
C ILE C 354 4.67 -24.66 26.32
N GLY C 355 5.29 -23.74 27.09
CA GLY C 355 6.59 -23.99 27.70
C GLY C 355 6.70 -24.68 29.05
N GLY C 356 6.55 -23.95 30.15
CA GLY C 356 6.68 -24.55 31.48
C GLY C 356 5.80 -23.97 32.57
N LEU C 357 4.74 -23.24 32.22
CA LEU C 357 3.81 -22.69 33.19
C LEU C 357 2.41 -22.73 32.61
N ARG C 358 2.24 -21.92 31.56
CA ARG C 358 0.99 -21.80 30.84
C ARG C 358 0.25 -23.08 30.48
N PRO C 359 0.83 -24.25 30.15
CA PRO C 359 0.08 -25.49 29.97
C PRO C 359 -0.86 -25.90 31.11
N ARG C 360 -0.65 -25.48 32.37
CA ARG C 360 -1.58 -25.79 33.44
C ARG C 360 -2.26 -24.51 33.92
N HIS C 361 -1.57 -23.38 33.83
CA HIS C 361 -2.11 -22.15 34.36
C HIS C 361 -3.29 -21.51 33.65
N VAL C 362 -3.57 -21.86 32.40
CA VAL C 362 -4.71 -21.28 31.70
C VAL C 362 -5.93 -22.20 31.73
N ILE C 363 -5.85 -23.43 32.24
CA ILE C 363 -6.94 -24.41 32.26
C ILE C 363 -8.21 -23.81 32.87
N GLY C 364 -8.12 -23.18 34.03
CA GLY C 364 -9.26 -22.59 34.71
C GLY C 364 -9.90 -21.51 33.88
N ALA C 365 -9.10 -20.65 33.24
CA ALA C 365 -9.61 -19.58 32.39
C ALA C 365 -10.43 -20.17 31.26
N TYR C 366 -10.00 -21.28 30.65
CA TYR C 366 -10.79 -21.94 29.63
C TYR C 366 -12.09 -22.47 30.21
N GLU C 367 -12.00 -23.05 31.40
CA GLU C 367 -13.17 -23.60 32.08
C GLU C 367 -14.16 -22.52 32.47
N ASP C 368 -13.71 -21.29 32.76
CA ASP C 368 -14.62 -20.18 33.05
C ASP C 368 -15.45 -19.69 31.87
N LEU C 369 -15.10 -20.22 30.70
CA LEU C 369 -15.82 -19.98 29.48
C LEU C 369 -16.39 -21.30 29.02
N GLY C 370 -16.49 -22.25 29.96
CA GLY C 370 -17.08 -23.55 29.75
C GLY C 370 -16.35 -24.46 28.77
N MET C 371 -15.06 -24.30 28.51
CA MET C 371 -14.37 -25.16 27.56
C MET C 371 -13.60 -26.25 28.29
N GLU C 372 -13.37 -27.41 27.68
CA GLU C 372 -12.65 -28.46 28.36
C GLU C 372 -11.26 -28.63 27.73
N VAL C 373 -10.18 -28.59 28.52
CA VAL C 373 -8.84 -28.85 28.00
C VAL C 373 -8.65 -30.36 27.91
N VAL C 374 -8.75 -30.98 26.74
CA VAL C 374 -8.58 -32.41 26.61
C VAL C 374 -7.15 -32.91 26.43
N GLY C 375 -6.17 -32.02 26.28
CA GLY C 375 -4.79 -32.41 26.13
C GLY C 375 -3.93 -31.22 26.53
N THR C 376 -2.81 -31.45 27.19
CA THR C 376 -1.90 -30.38 27.48
C THR C 376 -0.54 -31.04 27.67
N GLY C 377 0.51 -30.27 27.46
CA GLY C 377 1.84 -30.75 27.63
C GLY C 377 2.77 -29.58 27.60
N TYR C 378 4.02 -29.85 27.96
CA TYR C 378 5.01 -28.81 28.10
C TYR C 378 6.27 -29.18 27.35
N GLU C 379 6.93 -28.15 26.86
CA GLU C 379 8.22 -28.31 26.21
C GLU C 379 9.29 -28.73 27.19
N PHE C 380 9.43 -28.00 28.30
CA PHE C 380 10.57 -28.19 29.17
C PHE C 380 10.33 -28.29 30.68
N ALA C 381 9.10 -28.64 31.03
CA ALA C 381 8.72 -28.80 32.44
C ALA C 381 9.47 -29.92 33.12
N HIS C 382 9.48 -29.83 34.45
CA HIS C 382 10.10 -30.85 35.28
C HIS C 382 8.95 -31.52 36.02
N ASN C 383 9.22 -32.65 36.66
CA ASN C 383 8.21 -33.42 37.38
C ASN C 383 7.38 -32.67 38.40
N ASP C 384 7.96 -31.71 39.14
CA ASP C 384 7.17 -30.90 40.06
C ASP C 384 6.08 -30.08 39.36
N ASP C 385 6.31 -29.69 38.11
CA ASP C 385 5.31 -28.99 37.31
C ASP C 385 4.24 -29.99 36.95
N TYR C 386 4.57 -31.21 36.54
CA TYR C 386 3.53 -32.18 36.24
C TYR C 386 2.72 -32.56 37.47
N ASP C 387 3.32 -32.54 38.67
CA ASP C 387 2.59 -32.80 39.91
C ASP C 387 1.46 -31.81 40.00
N ARG C 388 1.85 -30.54 39.83
CA ARG C 388 0.93 -29.43 39.77
C ARG C 388 -0.12 -29.59 38.66
N THR C 389 0.25 -30.03 37.46
CA THR C 389 -0.70 -30.20 36.36
C THR C 389 -1.77 -31.24 36.61
N MET C 390 -1.48 -32.41 37.17
CA MET C 390 -2.50 -33.47 37.27
C MET C 390 -3.72 -33.14 38.12
N LYS C 391 -3.56 -32.15 38.99
CA LYS C 391 -4.65 -31.63 39.82
C LYS C 391 -5.64 -30.84 38.96
N GLU C 392 -5.12 -30.15 37.95
CA GLU C 392 -5.90 -29.29 37.09
C GLU C 392 -6.55 -30.04 35.95
N MET C 393 -5.92 -31.11 35.48
CA MET C 393 -6.46 -31.82 34.34
C MET C 393 -7.51 -32.86 34.68
N GLY C 394 -8.44 -33.00 33.75
CA GLY C 394 -9.52 -33.96 33.89
C GLY C 394 -9.00 -35.38 33.88
N ASP C 395 -9.80 -36.26 34.45
CA ASP C 395 -9.52 -37.68 34.52
C ASP C 395 -9.41 -38.18 33.08
N SER C 396 -8.47 -39.08 32.79
CA SER C 396 -8.26 -39.63 31.46
C SER C 396 -7.87 -38.68 30.32
N THR C 397 -7.37 -37.46 30.58
CA THR C 397 -6.95 -36.60 29.48
C THR C 397 -5.49 -36.89 29.11
N LEU C 398 -5.00 -36.34 27.99
CA LEU C 398 -3.66 -36.63 27.50
C LEU C 398 -2.59 -35.62 27.89
N LEU C 399 -1.47 -36.21 28.30
CA LEU C 399 -0.29 -35.49 28.74
C LEU C 399 0.87 -35.88 27.84
N TYR C 400 1.64 -34.88 27.42
CA TYR C 400 2.79 -35.10 26.56
C TYR C 400 3.90 -34.14 26.93
N ASP C 401 5.06 -34.69 27.28
CA ASP C 401 6.25 -33.92 27.59
C ASP C 401 7.13 -33.95 26.34
N ASP C 402 7.64 -32.78 25.93
CA ASP C 402 8.47 -32.62 24.76
C ASP C 402 7.94 -33.40 23.56
N VAL C 403 6.71 -33.06 23.17
CA VAL C 403 6.05 -33.77 22.10
C VAL C 403 6.82 -33.59 20.79
N THR C 404 6.84 -34.60 19.92
CA THR C 404 7.50 -34.44 18.65
C THR C 404 6.44 -33.93 17.69
N GLY C 405 6.89 -33.39 16.55
CA GLY C 405 6.01 -32.92 15.50
C GLY C 405 5.00 -33.98 15.12
N TYR C 406 5.52 -35.16 14.81
CA TYR C 406 4.72 -36.30 14.43
C TYR C 406 3.64 -36.63 15.46
N GLU C 407 4.02 -36.69 16.74
CA GLU C 407 3.09 -37.04 17.79
C GLU C 407 1.97 -36.04 17.93
N PHE C 408 2.27 -34.74 17.97
CA PHE C 408 1.23 -33.74 18.11
C PHE C 408 0.27 -33.81 16.93
N GLU C 409 0.74 -33.96 15.69
CA GLU C 409 -0.16 -34.05 14.54
C GLU C 409 -1.06 -35.28 14.70
N GLU C 410 -0.50 -36.46 14.99
CA GLU C 410 -1.31 -37.66 15.12
C GLU C 410 -2.29 -37.59 16.29
N PHE C 411 -1.90 -37.00 17.42
CA PHE C 411 -2.81 -36.86 18.55
C PHE C 411 -3.96 -35.97 18.16
N VAL C 412 -3.72 -34.87 17.47
CA VAL C 412 -4.79 -33.99 17.05
C VAL C 412 -5.69 -34.68 16.03
N LYS C 413 -5.17 -35.38 15.02
CA LYS C 413 -6.02 -36.13 14.09
C LYS C 413 -7.03 -37.03 14.77
N ARG C 414 -6.66 -37.70 15.86
CA ARG C 414 -7.59 -38.59 16.57
C ARG C 414 -8.42 -37.86 17.62
N ILE C 415 -7.85 -36.95 18.43
CA ILE C 415 -8.61 -36.26 19.47
C ILE C 415 -9.59 -35.29 18.83
N LYS C 416 -9.32 -34.77 17.61
CA LYS C 416 -10.16 -33.80 16.90
C LYS C 416 -10.55 -32.60 17.80
N PRO C 417 -9.67 -31.83 18.45
CA PRO C 417 -10.07 -30.73 19.32
C PRO C 417 -10.74 -29.63 18.49
N ASP C 418 -11.47 -28.77 19.18
CA ASP C 418 -12.13 -27.67 18.52
C ASP C 418 -11.20 -26.45 18.45
N LEU C 419 -10.19 -26.34 19.33
CA LEU C 419 -9.24 -25.24 19.33
C LEU C 419 -7.90 -25.83 19.78
N ILE C 420 -6.78 -25.32 19.26
CA ILE C 420 -5.46 -25.73 19.71
C ILE C 420 -4.72 -24.46 20.13
N GLY C 421 -4.03 -24.54 21.26
CA GLY C 421 -3.29 -23.40 21.79
C GLY C 421 -1.85 -23.82 21.94
N SER C 422 -0.97 -23.24 21.14
CA SER C 422 0.44 -23.60 21.15
C SER C 422 1.31 -22.47 20.57
N GLY C 423 2.42 -22.75 19.88
CA GLY C 423 3.30 -21.72 19.35
C GLY C 423 3.31 -21.52 17.83
N ILE C 424 4.26 -20.68 17.37
CA ILE C 424 4.32 -20.24 15.99
C ILE C 424 4.75 -21.36 15.05
N LYS C 425 5.56 -22.31 15.50
CA LYS C 425 5.94 -23.43 14.65
C LYS C 425 4.80 -24.47 14.54
N GLU C 426 3.74 -24.34 15.36
CA GLU C 426 2.61 -25.24 15.32
C GLU C 426 1.41 -24.58 14.63
N LYS C 427 1.29 -23.25 14.75
CA LYS C 427 0.18 -22.49 14.19
C LYS C 427 -0.34 -22.84 12.81
N PHE C 428 0.53 -22.80 11.80
CA PHE C 428 0.07 -22.95 10.43
C PHE C 428 -0.19 -24.39 10.02
N ILE C 429 0.31 -25.34 10.82
CA ILE C 429 0.05 -26.76 10.57
C ILE C 429 -1.42 -27.03 10.84
N PHE C 430 -1.88 -26.60 12.01
CA PHE C 430 -3.23 -26.93 12.43
C PHE C 430 -4.28 -26.09 11.72
N GLN C 431 -4.00 -24.81 11.42
CA GLN C 431 -4.89 -24.02 10.58
C GLN C 431 -5.11 -24.69 9.21
N LYS C 432 -4.13 -25.32 8.57
CA LYS C 432 -4.38 -25.99 7.31
C LYS C 432 -5.26 -27.22 7.50
N MET C 433 -5.22 -27.82 8.69
CA MET C 433 -6.04 -28.98 9.00
C MET C 433 -7.48 -28.58 9.31
N GLY C 434 -7.76 -27.27 9.36
CA GLY C 434 -9.12 -26.81 9.61
C GLY C 434 -9.35 -26.61 11.10
N ILE C 435 -8.34 -26.59 11.96
CA ILE C 435 -8.60 -26.43 13.38
C ILE C 435 -8.22 -25.04 13.80
N PRO C 436 -9.14 -24.27 14.41
CA PRO C 436 -8.87 -23.02 15.10
C PRO C 436 -7.61 -23.08 15.95
N PHE C 437 -6.70 -22.11 15.75
CA PHE C 437 -5.46 -22.09 16.52
C PHE C 437 -5.27 -20.72 17.11
N ARG C 438 -4.84 -20.65 18.37
CA ARG C 438 -4.45 -19.40 19.00
C ARG C 438 -3.06 -19.64 19.55
N GLU C 439 -2.23 -18.62 19.37
CA GLU C 439 -0.86 -18.67 19.82
C GLU C 439 -0.85 -18.36 21.30
N MET C 440 -0.44 -19.34 22.11
CA MET C 440 -0.43 -19.14 23.55
C MET C 440 0.91 -18.74 24.14
N HIS C 441 1.86 -18.33 23.29
CA HIS C 441 3.07 -17.71 23.77
C HIS C 441 2.95 -16.22 23.44
N SER C 442 2.83 -15.83 22.18
CA SER C 442 2.73 -14.42 21.85
C SER C 442 1.32 -13.86 21.93
N TRP C 443 0.33 -14.67 22.35
CA TRP C 443 -1.08 -14.27 22.39
C TRP C 443 -1.59 -13.82 21.02
N ASP C 444 -0.94 -14.32 19.95
CA ASP C 444 -1.25 -13.95 18.58
C ASP C 444 -1.37 -12.43 18.41
N TYR C 445 -0.39 -11.73 19.00
CA TYR C 445 -0.21 -10.28 18.95
C TYR C 445 -1.35 -9.48 19.60
N SER C 446 -2.15 -10.14 20.44
CA SER C 446 -3.24 -9.50 21.15
C SER C 446 -2.90 -9.48 22.65
N GLY C 447 -3.84 -9.70 23.58
CA GLY C 447 -3.51 -9.67 24.99
C GLY C 447 -3.47 -8.24 25.56
N PRO C 448 -3.22 -7.99 26.86
CA PRO C 448 -2.90 -8.96 27.90
C PRO C 448 -3.91 -10.06 28.17
N TYR C 449 -3.51 -11.26 28.61
CA TYR C 449 -4.47 -12.26 29.04
C TYR C 449 -4.51 -12.38 30.55
N HIS C 450 -3.69 -11.63 31.30
CA HIS C 450 -3.68 -11.73 32.77
C HIS C 450 -4.67 -10.79 33.41
N GLY C 451 -5.19 -11.19 34.57
CA GLY C 451 -6.08 -10.36 35.36
C GLY C 451 -7.48 -10.36 34.76
N PHE C 452 -8.35 -9.45 35.20
CA PHE C 452 -9.72 -9.41 34.74
C PHE C 452 -9.77 -8.69 33.40
N ASP C 453 -8.98 -7.63 33.20
CA ASP C 453 -8.92 -6.93 31.92
C ASP C 453 -8.35 -7.85 30.86
N GLY C 454 -7.36 -8.66 31.26
CA GLY C 454 -6.82 -9.68 30.38
C GLY C 454 -7.86 -10.72 30.03
N PHE C 455 -8.69 -11.14 30.99
CA PHE C 455 -9.71 -12.14 30.76
C PHE C 455 -10.68 -11.73 29.64
N ALA C 456 -10.96 -10.43 29.59
CA ALA C 456 -11.88 -9.88 28.59
C ALA C 456 -11.37 -10.12 27.17
N ILE C 457 -10.10 -9.74 26.97
CA ILE C 457 -9.39 -9.89 25.70
C ILE C 457 -9.26 -11.38 25.36
N PHE C 458 -8.80 -12.20 26.31
CA PHE C 458 -8.68 -13.64 26.12
C PHE C 458 -9.98 -14.23 25.59
N ALA C 459 -11.09 -13.91 26.24
CA ALA C 459 -12.40 -14.39 25.86
C ALA C 459 -12.82 -13.94 24.48
N ARG C 460 -12.58 -12.68 24.12
CA ARG C 460 -12.87 -12.21 22.76
C ARG C 460 -12.04 -12.96 21.73
N ASP C 461 -10.76 -13.15 22.01
CA ASP C 461 -9.85 -13.83 21.10
C ASP C 461 -10.17 -15.29 20.86
N MET C 462 -10.52 -16.04 21.92
CA MET C 462 -10.88 -17.43 21.70
C MET C 462 -12.14 -17.54 20.86
N ASP C 463 -13.11 -16.67 21.10
CA ASP C 463 -14.33 -16.71 20.32
C ASP C 463 -14.13 -16.28 18.87
N MET C 464 -13.43 -15.17 18.60
CA MET C 464 -13.25 -14.72 17.24
C MET C 464 -12.56 -15.75 16.39
N THR C 465 -11.61 -16.48 16.96
CA THR C 465 -10.92 -17.52 16.23
C THR C 465 -11.71 -18.82 16.18
N LEU C 466 -12.18 -19.40 17.31
CA LEU C 466 -12.91 -20.66 17.27
C LEU C 466 -14.16 -20.52 16.40
N ASN C 467 -14.85 -19.40 16.53
CA ASN C 467 -16.09 -19.20 15.78
C ASN C 467 -15.92 -18.35 14.53
N ASN C 468 -14.73 -18.37 13.91
CA ASN C 468 -14.49 -17.54 12.74
C ASN C 468 -15.15 -18.16 11.51
N PRO C 469 -15.81 -17.36 10.67
CA PRO C 469 -16.36 -17.82 9.40
C PRO C 469 -15.42 -18.60 8.52
N CYS C 470 -14.12 -18.32 8.53
CA CYS C 470 -13.22 -19.04 7.65
C CYS C 470 -13.17 -20.55 7.86
N TRP C 471 -13.51 -21.09 9.03
CA TRP C 471 -13.34 -22.53 9.23
C TRP C 471 -14.37 -23.35 8.49
N LYS C 472 -15.52 -22.75 8.14
CA LYS C 472 -16.54 -23.44 7.37
C LYS C 472 -16.12 -23.59 5.91
N LYS C 473 -15.06 -22.91 5.51
CA LYS C 473 -14.68 -22.84 4.11
C LYS C 473 -13.54 -23.72 3.63
N LEU C 474 -13.04 -24.71 4.35
CA LEU C 474 -11.83 -25.42 3.87
C LEU C 474 -12.10 -26.40 2.75
N GLN C 475 -13.34 -26.84 2.54
CA GLN C 475 -13.64 -27.84 1.52
C GLN C 475 -14.31 -27.18 0.33
N ALA C 476 -13.77 -27.43 -0.86
CA ALA C 476 -14.28 -26.85 -2.09
C ALA C 476 -15.62 -27.44 -2.44
N PRO C 477 -16.67 -26.68 -2.81
CA PRO C 477 -18.02 -27.20 -3.04
C PRO C 477 -18.16 -28.26 -4.13
N TRP C 478 -17.25 -28.32 -5.11
CA TRP C 478 -17.28 -29.35 -6.13
C TRP C 478 -16.60 -30.63 -5.71
N GLU C 479 -16.11 -30.66 -4.48
CA GLU C 479 -15.36 -31.80 -3.97
C GLU C 479 -16.01 -31.99 -2.61
N ALA C 480 -17.34 -32.03 -2.64
CA ALA C 480 -18.16 -32.09 -1.45
C ALA C 480 -18.55 -33.51 -1.11
N SER D 1 -10.25 -1.47 33.61
CA SER D 1 -11.67 -1.65 33.43
C SER D 1 -11.85 -1.97 31.96
N GLN D 2 -12.93 -2.62 31.58
CA GLN D 2 -13.19 -3.00 30.21
C GLN D 2 -14.68 -2.81 29.97
N GLN D 3 -15.08 -2.44 28.76
CA GLN D 3 -16.47 -2.41 28.41
C GLN D 3 -16.69 -3.68 27.61
N VAL D 4 -17.62 -4.56 27.98
CA VAL D 4 -17.85 -5.81 27.27
C VAL D 4 -18.18 -5.67 25.77
N ASP D 5 -18.61 -4.50 25.34
CA ASP D 5 -18.92 -4.24 23.95
C ASP D 5 -17.76 -3.60 23.21
N LYS D 6 -16.77 -3.05 23.93
CA LYS D 6 -15.66 -2.34 23.32
C LYS D 6 -14.41 -2.68 24.14
N ILE D 7 -13.92 -3.90 23.97
CA ILE D 7 -12.76 -4.36 24.73
C ILE D 7 -11.50 -3.74 24.13
N LYS D 8 -10.63 -3.21 24.96
CA LYS D 8 -9.39 -2.63 24.47
C LYS D 8 -8.25 -3.62 24.68
N ALA D 9 -7.53 -3.98 23.61
CA ALA D 9 -6.30 -4.76 23.76
C ALA D 9 -5.22 -3.80 24.27
N SER D 10 -3.98 -4.24 24.51
CA SER D 10 -2.90 -3.43 25.09
C SER D 10 -2.92 -1.97 24.66
N TYR D 11 -2.97 -1.76 23.36
CA TYR D 11 -3.19 -0.45 22.79
C TYR D 11 -4.66 -0.54 22.37
N PRO D 12 -5.60 0.26 22.87
CA PRO D 12 -5.35 1.39 23.75
C PRO D 12 -5.45 1.20 25.28
N LEU D 13 -5.73 0.02 25.82
CA LEU D 13 -5.94 -0.18 27.25
C LEU D 13 -5.04 0.60 28.21
N PHE D 14 -3.72 0.56 27.99
CA PHE D 14 -2.78 1.16 28.93
C PHE D 14 -2.65 2.67 28.87
N LEU D 15 -3.51 3.29 28.07
CA LEU D 15 -3.57 4.74 28.03
C LEU D 15 -4.62 5.19 29.04
N ASP D 16 -5.57 4.30 29.42
CA ASP D 16 -6.57 4.57 30.46
C ASP D 16 -5.86 5.07 31.69
N GLN D 17 -6.49 6.12 32.19
CA GLN D 17 -6.08 6.89 33.34
C GLN D 17 -5.46 6.10 34.49
N ASP D 18 -6.17 5.10 35.02
CA ASP D 18 -5.64 4.32 36.11
C ASP D 18 -4.32 3.62 35.77
N TYR D 19 -4.11 3.20 34.52
CA TYR D 19 -2.86 2.58 34.11
C TYR D 19 -1.81 3.64 33.92
N LYS D 20 -2.15 4.80 33.37
CA LYS D 20 -1.21 5.87 33.18
C LYS D 20 -0.63 6.27 34.53
N ASP D 21 -1.53 6.40 35.52
CA ASP D 21 -1.18 6.70 36.91
C ASP D 21 -0.27 5.62 37.50
N MET D 22 -0.73 4.37 37.40
CA MET D 22 -0.03 3.20 37.91
C MET D 22 1.38 3.11 37.36
N LEU D 23 1.59 3.40 36.08
CA LEU D 23 2.92 3.34 35.50
C LEU D 23 3.80 4.51 35.90
N ALA D 24 3.16 5.64 36.18
CA ALA D 24 3.87 6.81 36.65
C ALA D 24 4.47 6.55 38.02
N LYS D 25 3.70 5.93 38.92
CA LYS D 25 4.16 5.60 40.26
C LYS D 25 5.30 4.58 40.23
N LYS D 26 5.11 3.48 39.48
CA LYS D 26 6.12 2.45 39.29
C LYS D 26 7.47 3.02 38.89
N ARG D 27 7.46 3.92 37.92
CA ARG D 27 8.67 4.55 37.46
C ARG D 27 9.32 5.31 38.61
N ASP D 28 8.66 6.40 39.00
CA ASP D 28 9.22 7.32 39.97
C ASP D 28 9.75 6.74 41.25
N GLY D 29 9.10 5.73 41.80
CA GLY D 29 9.61 5.13 43.01
C GLY D 29 10.81 4.25 42.73
N PHE D 30 10.48 3.20 41.99
CA PHE D 30 11.36 2.05 41.87
C PHE D 30 12.32 2.06 40.70
N GLU D 31 11.95 2.61 39.54
CA GLU D 31 12.81 2.53 38.37
C GLU D 31 14.10 3.32 38.34
N GLU D 32 14.19 4.40 39.12
CA GLU D 32 15.36 5.26 39.19
C GLU D 32 15.85 5.67 37.81
N LYS D 33 14.88 6.16 37.05
CA LYS D 33 15.10 6.54 35.66
C LYS D 33 15.84 7.85 35.52
N TYR D 34 16.70 7.96 34.50
CA TYR D 34 17.36 9.22 34.18
C TYR D 34 16.28 10.27 33.87
N PRO D 35 16.35 11.55 34.24
CA PRO D 35 15.30 12.53 33.99
C PRO D 35 15.07 12.80 32.50
N GLN D 36 13.79 12.94 32.12
CA GLN D 36 13.35 13.20 30.76
C GLN D 36 14.17 14.22 29.98
N ASP D 37 14.58 15.31 30.62
CA ASP D 37 15.39 16.30 29.94
C ASP D 37 16.75 15.73 29.53
N LYS D 38 17.33 14.82 30.31
CA LYS D 38 18.60 14.21 29.96
C LYS D 38 18.38 13.24 28.81
N ILE D 39 17.29 12.47 28.87
CA ILE D 39 16.87 11.53 27.84
C ILE D 39 16.79 12.25 26.50
N ASP D 40 16.07 13.37 26.50
CA ASP D 40 15.93 14.19 25.31
C ASP D 40 17.27 14.69 24.81
N GLU D 41 18.15 15.10 25.71
CA GLU D 41 19.46 15.60 25.35
C GLU D 41 20.30 14.53 24.65
N VAL D 42 20.31 13.32 25.23
CA VAL D 42 21.06 12.21 24.66
C VAL D 42 20.49 11.85 23.31
N PHE D 43 19.15 11.83 23.18
CA PHE D 43 18.50 11.55 21.92
C PHE D 43 18.94 12.54 20.85
N GLN D 44 18.97 13.84 21.13
CA GLN D 44 19.42 14.80 20.13
C GLN D 44 20.87 14.53 19.81
N TRP D 45 21.67 14.13 20.81
CA TRP D 45 23.06 13.81 20.54
C TRP D 45 23.14 12.60 19.59
N THR D 46 22.28 11.58 19.68
CA THR D 46 22.39 10.43 18.78
C THR D 46 21.98 10.76 17.35
N THR D 47 21.29 11.89 17.11
CA THR D 47 20.95 12.29 15.75
C THR D 47 22.09 13.07 15.11
N THR D 48 23.11 13.49 15.85
CA THR D 48 24.12 14.37 15.29
C THR D 48 25.21 13.74 14.46
N LYS D 49 25.87 14.60 13.69
CA LYS D 49 27.06 14.23 12.93
C LYS D 49 28.20 13.80 13.88
N GLU D 50 28.22 14.33 15.10
CA GLU D 50 29.24 14.02 16.08
C GLU D 50 29.09 12.55 16.44
N TYR D 51 27.89 12.17 16.86
CA TYR D 51 27.58 10.79 17.21
C TYR D 51 27.87 9.87 16.04
N GLN D 52 27.51 10.27 14.83
CA GLN D 52 27.73 9.45 13.66
C GLN D 52 29.19 9.09 13.49
N GLU D 53 30.11 10.05 13.62
CA GLU D 53 31.52 9.77 13.46
C GLU D 53 32.00 8.74 14.49
N LEU D 54 31.56 8.79 15.75
CA LEU D 54 31.93 7.78 16.75
C LEU D 54 31.34 6.41 16.43
N ASN D 55 30.06 6.38 16.06
CA ASN D 55 29.32 5.19 15.68
C ASN D 55 30.04 4.46 14.55
N PHE D 56 30.48 5.20 13.53
CA PHE D 56 31.20 4.61 12.41
C PHE D 56 32.62 4.19 12.74
N GLN D 57 33.06 4.42 13.97
CA GLN D 57 34.37 3.96 14.40
C GLN D 57 34.30 2.62 15.10
N ARG D 58 33.10 2.09 15.34
CA ARG D 58 32.92 0.80 15.95
C ARG D 58 33.68 -0.29 15.19
N GLU D 59 34.53 -0.98 15.94
CA GLU D 59 35.27 -2.13 15.45
C GLU D 59 34.70 -3.43 16.01
N ALA D 60 34.22 -3.40 17.25
CA ALA D 60 33.81 -4.63 17.91
C ALA D 60 32.34 -4.87 18.18
N LEU D 61 31.53 -3.81 18.25
CA LEU D 61 30.13 -3.96 18.61
C LEU D 61 29.35 -3.83 17.30
N THR D 62 28.40 -4.74 17.10
CA THR D 62 27.47 -4.66 16.01
C THR D 62 26.14 -4.37 16.71
N VAL D 63 25.32 -3.48 16.14
CA VAL D 63 24.04 -3.09 16.71
C VAL D 63 23.05 -3.19 15.56
N ASN D 64 21.98 -3.94 15.74
CA ASN D 64 20.93 -4.16 14.75
C ASN D 64 21.44 -4.62 13.39
N PRO D 65 22.04 -5.83 13.29
CA PRO D 65 22.57 -6.36 12.04
C PRO D 65 21.51 -6.61 10.96
N ALA D 66 22.00 -6.67 9.74
CA ALA D 66 21.14 -6.82 8.59
C ALA D 66 21.67 -8.01 7.80
N LYS D 67 21.79 -9.13 8.52
CA LYS D 67 22.18 -10.42 8.01
C LYS D 67 21.86 -11.44 9.09
N ALA D 68 21.70 -12.70 8.69
CA ALA D 68 21.54 -13.84 9.59
C ALA D 68 22.68 -14.84 9.34
N CYS D 69 22.69 -16.03 9.97
CA CYS D 69 23.80 -16.99 9.88
C CYS D 69 23.62 -18.10 8.86
N GLN D 70 24.73 -18.71 8.41
CA GLN D 70 24.72 -19.72 7.36
C GLN D 70 23.65 -20.83 7.33
N PRO D 71 23.41 -21.64 8.37
CA PRO D 71 22.45 -22.71 8.29
C PRO D 71 21.04 -22.23 7.93
N LEU D 72 20.63 -20.98 8.21
CA LEU D 72 19.31 -20.52 7.79
C LEU D 72 19.16 -20.63 6.27
N GLY D 73 20.25 -20.33 5.56
CA GLY D 73 20.24 -20.36 4.11
C GLY D 73 20.20 -21.78 3.57
N ALA D 74 20.98 -22.64 4.21
CA ALA D 74 21.05 -24.04 3.86
C ALA D 74 19.68 -24.70 4.00
N VAL D 75 18.93 -24.37 5.07
CA VAL D 75 17.59 -24.89 5.28
C VAL D 75 16.71 -24.44 4.14
N LEU D 76 16.73 -23.15 3.75
CA LEU D 76 15.91 -22.67 2.65
C LEU D 76 16.30 -23.38 1.35
N CYS D 77 17.58 -23.56 1.08
CA CYS D 77 18.03 -24.29 -0.10
C CYS D 77 17.49 -25.72 -0.10
N ALA D 78 17.67 -26.42 1.02
CA ALA D 78 17.21 -27.78 1.20
C ALA D 78 15.70 -27.94 1.03
N LEU D 79 14.87 -27.04 1.56
CA LEU D 79 13.42 -27.11 1.40
C LEU D 79 12.99 -27.06 -0.06
N GLY D 80 13.86 -26.64 -0.98
CA GLY D 80 13.51 -26.57 -2.38
C GLY D 80 13.63 -27.89 -3.10
N PHE D 81 14.01 -29.00 -2.46
CA PHE D 81 14.08 -30.28 -3.15
C PHE D 81 12.94 -31.20 -2.76
N GLU D 82 12.55 -32.01 -3.74
CA GLU D 82 11.41 -32.88 -3.61
C GLU D 82 11.52 -33.80 -2.40
N LYS D 83 10.49 -33.72 -1.56
CA LYS D 83 10.38 -34.51 -0.36
C LYS D 83 11.65 -34.63 0.48
N THR D 84 12.34 -33.50 0.62
CA THR D 84 13.56 -33.44 1.40
C THR D 84 13.34 -32.86 2.78
N MET D 85 13.93 -33.46 3.82
CA MET D 85 13.90 -32.92 5.17
C MET D 85 15.24 -32.21 5.36
N PRO D 86 15.30 -30.91 5.64
CA PRO D 86 16.47 -30.22 6.16
C PRO D 86 16.82 -30.76 7.53
N TYR D 87 18.11 -30.98 7.73
CA TYR D 87 18.61 -31.53 8.98
C TYR D 87 19.85 -30.75 9.35
N VAL D 88 19.83 -30.11 10.52
CA VAL D 88 20.98 -29.37 10.96
C VAL D 88 21.59 -30.15 12.10
N HIS D 89 22.79 -30.62 11.83
CA HIS D 89 23.55 -31.39 12.78
C HIS D 89 24.21 -30.41 13.73
N GLY D 90 23.86 -30.50 15.00
CA GLY D 90 24.40 -29.66 16.05
C GLY D 90 23.34 -29.49 17.11
N SER D 91 23.24 -28.30 17.73
CA SER D 91 22.30 -28.08 18.82
C SER D 91 20.92 -27.56 18.40
N GLN D 92 19.86 -28.12 19.00
CA GLN D 92 18.46 -27.85 18.63
C GLN D 92 17.94 -26.44 18.72
N GLY D 93 18.55 -25.59 19.56
CA GLY D 93 18.13 -24.20 19.69
C GLY D 93 18.08 -23.51 18.35
N CYS D 94 19.09 -23.77 17.54
CA CYS D 94 19.23 -23.17 16.23
C CYS D 94 18.02 -23.48 15.34
N VAL D 95 17.62 -24.75 15.27
CA VAL D 95 16.50 -25.18 14.45
C VAL D 95 15.18 -24.54 14.90
N ALA D 96 14.92 -24.45 16.20
CA ALA D 96 13.73 -23.76 16.69
C ALA D 96 13.68 -22.34 16.14
N TYR D 97 14.82 -21.65 16.18
CA TYR D 97 14.96 -20.30 15.67
C TYR D 97 14.84 -20.18 14.16
N PHE D 98 15.41 -21.09 13.38
CA PHE D 98 15.35 -21.02 11.93
C PHE D 98 13.95 -21.21 11.45
N ARG D 99 13.25 -22.15 12.08
CA ARG D 99 11.87 -22.46 11.71
C ARG D 99 11.00 -21.27 12.05
N SER D 100 11.09 -20.70 13.25
CA SER D 100 10.31 -19.54 13.63
C SER D 100 10.49 -18.32 12.74
N TYR D 101 11.73 -18.03 12.36
CA TYR D 101 12.05 -16.89 11.53
C TYR D 101 11.36 -17.03 10.17
N PHE D 102 11.42 -18.20 9.54
CA PHE D 102 10.74 -18.38 8.27
C PHE D 102 9.23 -18.49 8.41
N ASN D 103 8.75 -19.14 9.48
CA ASN D 103 7.32 -19.23 9.79
C ASN D 103 6.75 -17.83 9.76
N ARG D 104 7.36 -16.90 10.48
CA ARG D 104 6.90 -15.52 10.56
C ARG D 104 6.87 -14.77 9.22
N HIS D 105 7.83 -15.00 8.33
CA HIS D 105 7.86 -14.34 7.03
C HIS D 105 6.84 -14.90 6.04
N PHE D 106 6.74 -16.23 5.98
CA PHE D 106 5.90 -16.90 5.02
C PHE D 106 4.49 -17.22 5.47
N ARG D 107 4.32 -17.14 6.79
CA ARG D 107 3.10 -17.52 7.48
C ARG D 107 2.74 -18.92 7.02
N GLU D 108 3.68 -19.86 7.09
CA GLU D 108 3.51 -21.23 6.60
C GLU D 108 4.24 -22.16 7.55
N PRO D 109 4.00 -23.49 7.60
CA PRO D 109 4.85 -24.45 8.28
C PRO D 109 6.22 -24.43 7.65
N VAL D 110 7.23 -24.72 8.47
CA VAL D 110 8.60 -24.80 8.01
C VAL D 110 9.13 -26.04 8.70
N SER D 111 9.41 -27.11 7.98
CA SER D 111 9.85 -28.33 8.62
C SER D 111 11.37 -28.47 8.52
N CYS D 112 12.00 -28.75 9.65
CA CYS D 112 13.45 -28.89 9.75
C CYS D 112 13.68 -29.65 11.04
N VAL D 113 14.73 -30.47 11.12
CA VAL D 113 15.03 -31.20 12.34
C VAL D 113 16.47 -30.91 12.73
N SER D 114 16.76 -31.37 13.94
CA SER D 114 18.07 -31.27 14.53
C SER D 114 18.41 -32.67 15.01
N ASP D 115 19.69 -32.98 15.26
CA ASP D 115 19.96 -34.23 15.96
C ASP D 115 20.32 -33.97 17.40
N SER D 116 20.02 -32.77 17.91
CA SER D 116 20.13 -32.46 19.33
C SER D 116 21.41 -32.84 20.08
N MET D 117 22.55 -32.31 19.59
CA MET D 117 23.83 -32.46 20.28
C MET D 117 23.83 -31.63 21.57
N THR D 118 24.27 -32.18 22.70
CA THR D 118 24.30 -31.53 24.01
C THR D 118 25.74 -31.40 24.53
N GLU D 119 25.95 -30.94 25.77
CA GLU D 119 27.28 -30.88 26.41
C GLU D 119 28.11 -32.14 26.24
N ASP D 120 27.50 -33.32 26.37
CA ASP D 120 28.18 -34.61 26.25
C ASP D 120 28.91 -34.70 24.92
N ALA D 121 28.20 -34.39 23.83
CA ALA D 121 28.73 -34.46 22.49
C ALA D 121 29.86 -33.47 22.26
N ALA D 122 29.95 -32.41 23.06
CA ALA D 122 31.02 -31.45 22.93
C ALA D 122 32.34 -32.07 23.34
N VAL D 123 32.37 -33.07 24.23
CA VAL D 123 33.63 -33.66 24.60
C VAL D 123 33.92 -34.86 23.69
N PHE D 124 32.90 -35.59 23.23
CA PHE D 124 33.13 -36.80 22.46
C PHE D 124 32.68 -36.79 21.01
N GLY D 125 32.21 -35.67 20.47
CA GLY D 125 31.75 -35.65 19.10
C GLY D 125 30.29 -36.08 18.94
N GLY D 126 29.72 -35.77 17.78
CA GLY D 126 28.31 -36.04 17.55
C GLY D 126 28.01 -37.20 16.63
N GLN D 127 28.84 -38.23 16.56
CA GLN D 127 28.59 -39.35 15.64
C GLN D 127 27.29 -40.07 16.00
N GLN D 128 27.08 -40.50 17.25
CA GLN D 128 25.85 -41.22 17.59
C GLN D 128 24.59 -40.41 17.31
N ASN D 129 24.72 -39.10 17.42
CA ASN D 129 23.62 -38.17 17.16
C ASN D 129 23.24 -38.26 15.70
N MET D 130 24.25 -38.32 14.82
CA MET D 130 24.04 -38.42 13.39
C MET D 130 23.44 -39.79 13.08
N LYS D 131 23.95 -40.86 13.69
CA LYS D 131 23.43 -42.19 13.51
C LYS D 131 21.96 -42.31 13.90
N ASP D 132 21.60 -42.13 15.17
CA ASP D 132 20.22 -42.19 15.59
C ASP D 132 19.36 -41.12 14.93
N GLY D 133 19.92 -39.94 14.67
CA GLY D 133 19.23 -38.81 14.08
C GLY D 133 18.68 -39.12 12.72
N LEU D 134 19.55 -39.52 11.80
CA LEU D 134 19.11 -39.88 10.46
C LEU D 134 18.08 -40.97 10.42
N GLN D 135 18.34 -42.02 11.18
CA GLN D 135 17.45 -43.17 11.27
C GLN D 135 16.08 -42.75 11.75
N ASN D 136 16.06 -41.98 12.84
CA ASN D 136 14.83 -41.52 13.46
C ASN D 136 14.06 -40.62 12.55
N CYS D 137 14.76 -39.69 11.90
CA CYS D 137 14.12 -38.75 11.01
C CYS D 137 13.52 -39.49 9.82
N LYS D 138 14.29 -40.38 9.18
CA LYS D 138 13.82 -41.12 8.03
C LYS D 138 12.59 -41.93 8.37
N ALA D 139 12.57 -42.67 9.46
CA ALA D 139 11.39 -43.44 9.83
C ALA D 139 10.19 -42.59 10.23
N THR D 140 10.41 -41.51 10.98
CA THR D 140 9.31 -40.70 11.47
C THR D 140 8.67 -39.75 10.46
N TYR D 141 9.50 -39.05 9.66
CA TYR D 141 8.98 -38.05 8.72
C TYR D 141 8.96 -38.49 7.28
N LYS D 142 9.58 -39.65 7.05
CA LYS D 142 9.62 -40.32 5.76
C LYS D 142 9.99 -39.42 4.57
N PRO D 143 11.11 -38.68 4.61
CA PRO D 143 11.60 -37.95 3.47
C PRO D 143 12.19 -38.91 2.45
N ASP D 144 12.30 -38.47 1.20
CA ASP D 144 13.05 -39.24 0.22
C ASP D 144 14.51 -38.80 0.32
N MET D 145 14.82 -37.64 0.89
CA MET D 145 16.20 -37.18 1.00
C MET D 145 16.37 -36.42 2.29
N ILE D 146 17.53 -36.45 2.92
CA ILE D 146 17.81 -35.68 4.14
C ILE D 146 19.02 -34.84 3.75
N ALA D 147 18.96 -33.52 3.88
CA ALA D 147 20.07 -32.67 3.47
C ALA D 147 20.65 -32.04 4.72
N VAL D 148 21.93 -32.33 4.98
CA VAL D 148 22.55 -31.97 6.24
C VAL D 148 23.45 -30.76 6.21
N SER D 149 23.23 -29.88 7.18
CA SER D 149 24.05 -28.71 7.40
C SER D 149 24.49 -28.73 8.86
N THR D 150 25.06 -27.66 9.41
CA THR D 150 25.63 -27.68 10.75
C THR D 150 25.39 -26.40 11.53
N THR D 151 25.44 -26.50 12.85
CA THR D 151 25.37 -25.34 13.72
C THR D 151 26.80 -25.08 14.17
N CYS D 152 27.08 -23.90 14.74
CA CYS D 152 28.43 -23.55 15.20
C CYS D 152 29.05 -24.46 16.25
N MET D 153 28.28 -25.12 17.12
CA MET D 153 28.83 -26.07 18.07
C MET D 153 29.53 -27.20 17.31
N ALA D 154 28.85 -27.82 16.33
CA ALA D 154 29.39 -28.89 15.53
C ALA D 154 30.59 -28.45 14.71
N GLU D 155 30.55 -27.22 14.18
CA GLU D 155 31.69 -26.67 13.46
C GLU D 155 32.90 -26.49 14.36
N VAL D 156 32.73 -25.82 15.50
CA VAL D 156 33.82 -25.59 16.45
C VAL D 156 34.40 -26.91 16.94
N ILE D 157 33.61 -27.94 17.25
CA ILE D 157 34.25 -29.14 17.74
C ILE D 157 34.74 -29.98 16.58
N GLY D 158 34.53 -29.58 15.31
CA GLY D 158 35.12 -30.23 14.14
C GLY D 158 34.60 -31.60 13.72
N ASP D 159 33.31 -31.87 13.88
CA ASP D 159 32.74 -33.13 13.44
C ASP D 159 32.83 -33.31 11.94
N ASP D 160 33.38 -34.44 11.51
CA ASP D 160 33.49 -34.71 10.08
C ASP D 160 32.17 -35.28 9.58
N LEU D 161 31.33 -34.37 9.08
CA LEU D 161 30.06 -34.74 8.46
C LEU D 161 30.12 -35.91 7.50
N ASN D 162 31.08 -35.93 6.58
CA ASN D 162 31.20 -37.01 5.61
C ASN D 162 31.41 -38.38 6.26
N ALA D 163 32.29 -38.45 7.26
CA ALA D 163 32.62 -39.71 7.91
C ALA D 163 31.43 -40.19 8.71
N PHE D 164 30.80 -39.25 9.43
CA PHE D 164 29.63 -39.53 10.25
C PHE D 164 28.48 -40.07 9.44
N ILE D 165 28.17 -39.46 8.29
CA ILE D 165 27.14 -39.98 7.40
C ILE D 165 27.56 -41.35 6.86
N ASN D 166 28.83 -41.48 6.45
CA ASN D 166 29.31 -42.75 5.93
C ASN D 166 29.23 -43.85 6.96
N ASN D 167 29.53 -43.57 8.22
CA ASN D 167 29.45 -44.56 9.28
C ASN D 167 28.01 -44.85 9.63
N SER D 168 27.04 -43.95 9.46
CA SER D 168 25.64 -44.28 9.64
C SER D 168 25.15 -45.25 8.57
N LYS D 169 25.65 -45.08 7.35
CA LYS D 169 25.35 -45.99 6.27
C LYS D 169 26.00 -47.35 6.57
N LYS D 170 27.31 -47.38 6.85
CA LYS D 170 28.04 -48.60 7.21
C LYS D 170 27.37 -49.35 8.35
N GLU D 171 27.10 -48.66 9.45
CA GLU D 171 26.46 -49.25 10.61
C GLU D 171 24.99 -49.57 10.43
N GLY D 172 24.42 -49.39 9.24
CA GLY D 172 23.05 -49.80 8.98
C GLY D 172 21.96 -48.87 9.47
N PHE D 173 22.24 -47.67 10.00
CA PHE D 173 21.15 -46.78 10.46
C PHE D 173 20.32 -46.22 9.29
N ILE D 174 20.93 -45.99 8.13
CA ILE D 174 20.21 -45.55 6.94
C ILE D 174 20.76 -46.36 5.77
N PRO D 175 19.95 -46.67 4.74
CA PRO D 175 20.38 -47.39 3.55
C PRO D 175 21.57 -46.76 2.86
N ASP D 176 22.51 -47.55 2.34
CA ASP D 176 23.69 -47.04 1.62
C ASP D 176 23.33 -46.09 0.49
N GLU D 177 22.16 -46.30 -0.12
CA GLU D 177 21.73 -45.48 -1.23
C GLU D 177 20.67 -44.43 -0.86
N PHE D 178 20.43 -44.15 0.43
CA PHE D 178 19.44 -43.14 0.80
C PHE D 178 20.18 -41.82 0.60
N PRO D 179 19.60 -40.81 -0.06
CA PRO D 179 20.31 -39.57 -0.34
C PRO D 179 20.56 -38.72 0.91
N VAL D 180 21.83 -38.59 1.29
CA VAL D 180 22.22 -37.70 2.38
C VAL D 180 23.34 -36.76 1.91
N PRO D 181 23.11 -35.72 1.09
CA PRO D 181 24.09 -34.66 0.85
C PRO D 181 24.32 -33.84 2.12
N PHE D 182 25.47 -33.20 2.18
CA PHE D 182 25.84 -32.40 3.33
C PHE D 182 26.63 -31.22 2.81
N ALA D 183 26.78 -30.29 3.74
CA ALA D 183 27.58 -29.12 3.54
C ALA D 183 27.90 -28.60 4.93
N HIS D 184 29.13 -28.15 5.19
CA HIS D 184 29.45 -27.56 6.48
C HIS D 184 29.01 -26.10 6.38
N THR D 185 28.36 -25.53 7.40
CA THR D 185 27.83 -24.19 7.29
C THR D 185 28.13 -23.41 8.56
N PRO D 186 29.37 -22.93 8.79
CA PRO D 186 29.73 -22.15 9.98
C PRO D 186 29.11 -20.76 10.07
N SER D 187 28.39 -20.50 11.15
CA SER D 187 27.74 -19.22 11.39
C SER D 187 28.72 -18.05 11.51
N PHE D 188 29.97 -18.32 11.86
CA PHE D 188 31.02 -17.32 11.97
C PHE D 188 31.70 -17.05 10.65
N VAL D 189 31.20 -17.56 9.52
CA VAL D 189 31.81 -17.26 8.24
C VAL D 189 30.70 -16.81 7.33
N GLY D 190 30.78 -15.58 6.86
CA GLY D 190 29.84 -15.08 5.86
C GLY D 190 28.48 -14.84 6.49
N SER D 191 27.44 -15.30 5.83
CA SER D 191 26.09 -15.11 6.33
C SER D 191 25.19 -16.20 5.76
N HIS D 192 23.89 -16.15 6.07
CA HIS D 192 22.88 -17.00 5.49
C HIS D 192 22.98 -17.24 3.99
N VAL D 193 23.38 -16.25 3.19
CA VAL D 193 23.46 -16.48 1.75
C VAL D 193 24.59 -17.45 1.44
N THR D 194 25.71 -17.33 2.18
CA THR D 194 26.82 -18.26 2.08
C THR D 194 26.33 -19.67 2.44
N GLY D 195 25.45 -19.80 3.43
CA GLY D 195 24.87 -21.09 3.79
C GLY D 195 24.07 -21.71 2.65
N TRP D 196 23.33 -20.90 1.90
CA TRP D 196 22.55 -21.42 0.78
C TRP D 196 23.56 -21.89 -0.28
N ASP D 197 24.60 -21.10 -0.59
CA ASP D 197 25.62 -21.46 -1.58
C ASP D 197 26.25 -22.82 -1.24
N ASN D 198 26.69 -22.97 0.01
CA ASN D 198 27.34 -24.20 0.44
C ASN D 198 26.44 -25.41 0.32
N MET D 199 25.17 -25.26 0.68
CA MET D 199 24.23 -26.35 0.66
C MET D 199 23.92 -26.74 -0.77
N PHE D 200 23.78 -25.75 -1.66
CA PHE D 200 23.51 -26.05 -3.06
C PHE D 200 24.69 -26.78 -3.67
N GLU D 201 25.94 -26.28 -3.54
CA GLU D 201 27.10 -26.97 -4.08
C GLU D 201 27.17 -28.38 -3.49
N GLY D 202 26.86 -28.61 -2.21
CA GLY D 202 26.85 -29.93 -1.62
C GLY D 202 25.86 -30.84 -2.35
N ILE D 203 24.59 -30.47 -2.50
CA ILE D 203 23.59 -31.30 -3.18
C ILE D 203 23.96 -31.50 -4.66
N ALA D 204 24.51 -30.48 -5.31
CA ALA D 204 24.97 -30.60 -6.70
C ALA D 204 26.06 -31.67 -6.83
N ARG D 205 27.08 -31.55 -6.00
CA ARG D 205 28.22 -32.46 -5.96
C ARG D 205 27.77 -33.89 -5.68
N TYR D 206 26.92 -34.05 -4.65
CA TYR D 206 26.41 -35.35 -4.25
C TYR D 206 25.83 -36.11 -5.42
N PHE D 207 25.03 -35.42 -6.24
CA PHE D 207 24.37 -36.06 -7.35
C PHE D 207 25.18 -36.12 -8.64
N THR D 208 26.28 -35.39 -8.80
CA THR D 208 26.92 -35.44 -10.10
C THR D 208 28.39 -35.81 -10.18
N LEU D 209 29.16 -35.59 -9.12
CA LEU D 209 30.61 -35.77 -9.13
C LEU D 209 31.09 -37.14 -9.60
N LYS D 210 30.31 -38.21 -9.42
CA LYS D 210 30.73 -39.52 -9.85
C LYS D 210 30.30 -39.85 -11.26
N SER D 211 29.06 -39.50 -11.57
CA SER D 211 28.41 -39.81 -12.83
C SER D 211 28.93 -39.04 -14.05
N MET D 212 29.94 -38.18 -13.95
CA MET D 212 30.33 -37.30 -15.05
C MET D 212 30.67 -37.90 -16.40
N ASP D 213 30.99 -39.20 -16.44
CA ASP D 213 31.37 -39.87 -17.67
C ASP D 213 30.28 -39.91 -18.73
N ASP D 214 29.00 -39.97 -18.38
CA ASP D 214 27.99 -40.07 -19.44
C ASP D 214 27.31 -38.73 -19.73
N LYS D 215 27.95 -37.63 -19.33
CA LYS D 215 27.30 -36.33 -19.44
C LYS D 215 27.74 -35.60 -20.69
N VAL D 216 26.75 -35.15 -21.46
CA VAL D 216 26.99 -34.42 -22.69
C VAL D 216 26.41 -33.02 -22.46
N VAL D 217 27.28 -32.02 -22.36
CA VAL D 217 26.89 -30.63 -22.16
C VAL D 217 25.96 -30.22 -23.29
N GLY D 218 24.66 -30.09 -23.02
CA GLY D 218 23.72 -29.67 -24.02
C GLY D 218 22.72 -30.72 -24.44
N SER D 219 22.96 -32.00 -24.19
CA SER D 219 22.10 -33.04 -24.73
C SER D 219 20.64 -33.04 -24.30
N ASN D 220 20.30 -32.52 -23.12
CA ASN D 220 18.89 -32.50 -22.75
C ASN D 220 18.23 -31.20 -23.17
N LYS D 221 19.01 -30.30 -23.80
CA LYS D 221 18.61 -28.97 -24.27
C LYS D 221 17.66 -28.15 -23.38
N LYS D 222 18.14 -28.05 -22.14
CA LYS D 222 17.49 -27.27 -21.11
C LYS D 222 18.53 -26.29 -20.57
N ILE D 223 18.10 -25.24 -19.89
CA ILE D 223 19.01 -24.34 -19.23
C ILE D 223 18.72 -24.50 -17.73
N ASN D 224 19.74 -24.62 -16.91
CA ASN D 224 19.54 -24.77 -15.48
C ASN D 224 19.43 -23.39 -14.84
N ILE D 225 18.56 -23.19 -13.85
CA ILE D 225 18.40 -21.89 -13.22
C ILE D 225 18.62 -22.15 -11.74
N VAL D 226 19.59 -21.47 -11.13
CA VAL D 226 19.86 -21.60 -9.70
C VAL D 226 19.40 -20.28 -9.08
N PRO D 227 18.38 -20.24 -8.21
CA PRO D 227 17.77 -19.03 -7.71
C PRO D 227 18.49 -18.28 -6.61
N GLY D 228 19.28 -18.96 -5.78
CA GLY D 228 19.91 -18.30 -4.65
C GLY D 228 18.89 -18.18 -3.52
N PHE D 229 19.21 -17.46 -2.44
CA PHE D 229 18.37 -17.36 -1.24
C PHE D 229 17.24 -16.45 -1.68
N GLU D 230 16.03 -16.98 -1.78
CA GLU D 230 14.93 -16.23 -2.30
C GLU D 230 13.68 -16.39 -1.45
N THR D 231 13.17 -15.24 -1.00
CA THR D 231 12.01 -15.23 -0.13
C THR D 231 10.74 -14.55 -0.64
N TYR D 232 10.63 -14.41 -1.96
CA TYR D 232 9.43 -13.87 -2.58
C TYR D 232 8.98 -14.97 -3.51
N LEU D 233 7.78 -15.49 -3.29
CA LEU D 233 7.21 -16.55 -4.11
C LEU D 233 7.04 -16.11 -5.54
N GLY D 234 6.73 -14.83 -5.72
CA GLY D 234 6.54 -14.27 -7.05
C GLY D 234 7.81 -14.37 -7.90
N ASN D 235 8.98 -14.35 -7.28
CA ASN D 235 10.23 -14.43 -8.02
C ASN D 235 10.49 -15.79 -8.63
N PHE D 236 10.24 -16.88 -7.89
CA PHE D 236 10.37 -18.22 -8.44
C PHE D 236 9.40 -18.36 -9.59
N ARG D 237 8.20 -17.86 -9.31
CA ARG D 237 7.08 -17.90 -10.23
C ARG D 237 7.33 -17.12 -11.51
N VAL D 238 7.87 -15.90 -11.46
CA VAL D 238 8.00 -15.11 -12.68
C VAL D 238 9.09 -15.68 -13.56
N ILE D 239 10.18 -16.23 -13.00
CA ILE D 239 11.25 -16.81 -13.82
C ILE D 239 10.68 -17.97 -14.62
N LYS D 240 9.90 -18.85 -13.97
CA LYS D 240 9.29 -19.98 -14.65
C LYS D 240 8.30 -19.56 -15.73
N ARG D 241 7.49 -18.57 -15.39
CA ARG D 241 6.51 -18.02 -16.32
C ARG D 241 7.15 -17.49 -17.59
N MET D 242 8.19 -16.68 -17.46
CA MET D 242 8.84 -16.10 -18.60
C MET D 242 9.55 -17.13 -19.45
N LEU D 243 10.26 -18.08 -18.82
CA LEU D 243 10.95 -19.10 -19.58
C LEU D 243 9.95 -19.96 -20.32
N SER D 244 8.84 -20.35 -19.70
CA SER D 244 7.82 -21.14 -20.36
C SER D 244 7.18 -20.37 -21.50
N GLU D 245 6.80 -19.09 -21.37
CA GLU D 245 6.18 -18.42 -22.51
C GLU D 245 7.16 -18.15 -23.64
N MET D 246 8.45 -18.28 -23.35
CA MET D 246 9.49 -18.19 -24.36
C MET D 246 9.77 -19.55 -25.00
N GLY D 247 9.20 -20.63 -24.45
CA GLY D 247 9.37 -21.99 -24.93
C GLY D 247 10.76 -22.53 -24.62
N VAL D 248 11.37 -22.03 -23.54
CA VAL D 248 12.69 -22.46 -23.16
C VAL D 248 12.55 -23.60 -22.19
N GLY D 249 13.28 -24.68 -22.43
CA GLY D 249 13.27 -25.82 -21.53
C GLY D 249 14.21 -25.44 -20.42
N TYR D 250 13.85 -25.73 -19.18
CA TYR D 250 14.67 -25.28 -18.08
C TYR D 250 14.53 -26.22 -16.91
N SER D 251 15.38 -26.06 -15.92
CA SER D 251 15.27 -26.84 -14.70
C SER D 251 15.61 -25.86 -13.59
N LEU D 252 14.62 -25.54 -12.76
CA LEU D 252 14.83 -24.66 -11.62
C LEU D 252 15.35 -25.58 -10.53
N LEU D 253 16.59 -25.36 -10.09
CA LEU D 253 17.26 -26.22 -9.12
C LEU D 253 17.24 -25.55 -7.76
N SER D 254 16.42 -26.16 -6.92
CA SER D 254 15.98 -25.76 -5.59
C SER D 254 14.79 -24.86 -5.89
N ASP D 255 13.59 -25.43 -5.80
CA ASP D 255 12.37 -24.70 -6.07
C ASP D 255 11.45 -24.92 -4.85
N PRO D 256 11.38 -24.02 -3.87
CA PRO D 256 10.49 -24.17 -2.72
C PRO D 256 9.08 -23.62 -2.88
N GLU D 257 8.69 -23.08 -4.04
CA GLU D 257 7.43 -22.38 -4.08
C GLU D 257 6.14 -23.18 -3.77
N GLU D 258 6.11 -24.51 -3.83
CA GLU D 258 4.91 -25.25 -3.46
C GLU D 258 4.92 -25.51 -1.96
N VAL D 259 6.05 -25.95 -1.36
CA VAL D 259 6.13 -26.17 0.08
C VAL D 259 5.89 -24.89 0.84
N LEU D 260 6.14 -23.73 0.26
CA LEU D 260 5.92 -22.47 0.98
C LEU D 260 4.57 -21.83 0.68
N ASP D 261 3.66 -22.58 0.07
CA ASP D 261 2.38 -22.03 -0.25
C ASP D 261 1.38 -23.16 -0.42
N THR D 262 1.18 -24.04 0.56
CA THR D 262 0.18 -25.07 0.35
C THR D 262 -1.23 -24.52 0.65
N PRO D 263 -2.28 -25.04 -0.01
CA PRO D 263 -3.67 -24.68 0.29
C PRO D 263 -4.17 -25.08 1.67
N ALA D 264 -5.07 -24.31 2.28
CA ALA D 264 -5.66 -24.70 3.55
C ALA D 264 -6.94 -25.41 3.17
N ASP D 265 -6.84 -26.73 2.97
CA ASP D 265 -7.95 -27.56 2.51
C ASP D 265 -8.31 -28.71 3.46
N GLY D 266 -7.91 -28.63 4.74
CA GLY D 266 -8.19 -29.72 5.66
C GLY D 266 -6.96 -30.59 5.88
N GLN D 267 -5.93 -30.49 5.04
CA GLN D 267 -4.72 -31.28 5.19
C GLN D 267 -3.48 -30.41 5.34
N PHE D 268 -2.55 -30.92 6.14
CA PHE D 268 -1.23 -30.34 6.27
C PHE D 268 -0.39 -31.25 5.40
N ARG D 269 0.34 -30.67 4.46
CA ARG D 269 1.31 -31.40 3.64
C ARG D 269 2.70 -31.02 4.11
N MET D 270 3.50 -31.94 4.64
CA MET D 270 4.87 -31.62 5.04
C MET D 270 5.73 -31.26 3.83
N TYR D 271 5.55 -32.03 2.76
CA TYR D 271 6.37 -31.87 1.57
C TYR D 271 5.44 -31.52 0.43
N ALA D 272 5.93 -30.75 -0.55
CA ALA D 272 5.16 -30.40 -1.73
C ALA D 272 6.10 -29.95 -2.83
N GLY D 273 5.92 -30.38 -4.08
CA GLY D 273 6.74 -29.95 -5.20
C GLY D 273 8.23 -30.19 -5.02
N GLY D 274 9.03 -29.20 -5.43
CA GLY D 274 10.47 -29.23 -5.28
C GLY D 274 11.17 -29.88 -6.45
N THR D 275 12.45 -29.55 -6.60
CA THR D 275 13.32 -30.11 -7.64
C THR D 275 13.53 -31.61 -7.40
N THR D 276 13.38 -32.45 -8.43
CA THR D 276 13.54 -33.88 -8.25
C THR D 276 15.01 -34.27 -8.26
N GLN D 277 15.35 -35.38 -7.60
CA GLN D 277 16.69 -35.96 -7.58
C GLN D 277 17.17 -36.25 -9.02
N GLU D 278 16.20 -36.65 -9.84
CA GLU D 278 16.38 -36.95 -11.25
C GLU D 278 16.86 -35.70 -12.00
N GLU D 279 16.33 -34.52 -11.67
CA GLU D 279 16.75 -33.27 -12.28
C GLU D 279 18.18 -32.88 -11.89
N MET D 280 18.55 -33.13 -10.63
CA MET D 280 19.90 -32.84 -10.18
C MET D 280 20.90 -33.77 -10.85
N LYS D 281 20.53 -35.04 -11.05
CA LYS D 281 21.41 -35.97 -11.73
C LYS D 281 21.50 -35.64 -13.21
N ASP D 282 20.40 -35.28 -13.88
CA ASP D 282 20.43 -34.93 -15.30
C ASP D 282 21.00 -33.54 -15.54
N ALA D 283 21.12 -32.66 -14.53
CA ALA D 283 21.62 -31.30 -14.72
C ALA D 283 22.94 -31.07 -15.44
N PRO D 284 23.99 -31.92 -15.48
CA PRO D 284 25.17 -31.67 -16.30
C PRO D 284 24.85 -31.69 -17.79
N ASN D 285 23.81 -32.40 -18.19
CA ASN D 285 23.39 -32.47 -19.58
C ASN D 285 22.73 -31.24 -20.17
N ALA D 286 22.49 -30.21 -19.34
CA ALA D 286 21.90 -28.96 -19.81
C ALA D 286 22.90 -28.20 -20.65
N LEU D 287 22.35 -27.35 -21.51
CA LEU D 287 23.13 -26.47 -22.37
C LEU D 287 24.04 -25.59 -21.53
N ASN D 288 23.53 -25.02 -20.43
CA ASN D 288 24.32 -24.14 -19.57
C ASN D 288 23.51 -23.96 -18.28
N THR D 289 24.03 -23.25 -17.27
CA THR D 289 23.39 -23.00 -15.98
C THR D 289 23.52 -21.49 -15.78
N VAL D 290 22.41 -20.84 -15.46
CA VAL D 290 22.33 -19.41 -15.20
C VAL D 290 22.15 -19.29 -13.68
N LEU D 291 22.92 -18.38 -13.08
CA LEU D 291 22.87 -18.15 -11.65
C LEU D 291 22.07 -16.88 -11.44
N LEU D 292 20.88 -16.93 -10.85
CA LEU D 292 20.08 -15.72 -10.70
C LEU D 292 20.61 -14.73 -9.69
N GLN D 293 21.39 -15.17 -8.70
CA GLN D 293 21.93 -14.25 -7.71
C GLN D 293 23.43 -14.49 -7.53
N PRO D 294 24.25 -14.13 -8.54
CA PRO D 294 25.66 -14.51 -8.69
C PRO D 294 26.54 -14.17 -7.52
N TRP D 295 26.32 -13.02 -6.88
CA TRP D 295 27.17 -12.58 -5.77
C TRP D 295 27.08 -13.40 -4.50
N HIS D 296 26.23 -14.44 -4.42
CA HIS D 296 26.34 -15.34 -3.29
C HIS D 296 26.24 -16.77 -3.80
N LEU D 297 26.69 -16.99 -5.03
CA LEU D 297 26.70 -18.33 -5.58
C LEU D 297 28.09 -18.62 -6.14
N GLU D 298 29.14 -18.12 -5.47
CA GLU D 298 30.51 -18.30 -5.91
C GLU D 298 30.97 -19.76 -5.95
N LYS D 299 30.73 -20.52 -4.87
CA LYS D 299 31.13 -21.93 -4.78
C LYS D 299 30.37 -22.78 -5.79
N THR D 300 29.07 -22.50 -5.95
CA THR D 300 28.26 -23.15 -6.96
C THR D 300 28.81 -22.83 -8.36
N LYS D 301 29.25 -21.60 -8.64
CA LYS D 301 29.80 -21.26 -9.95
C LYS D 301 31.01 -22.12 -10.20
N LYS D 302 31.97 -22.12 -9.28
CA LYS D 302 33.19 -22.89 -9.43
C LYS D 302 32.89 -24.34 -9.72
N PHE D 303 31.91 -24.94 -9.05
CA PHE D 303 31.58 -26.33 -9.30
C PHE D 303 30.88 -26.52 -10.64
N VAL D 304 29.91 -25.69 -11.00
CA VAL D 304 29.20 -25.84 -12.26
C VAL D 304 30.15 -25.66 -13.45
N GLU D 305 31.07 -24.72 -13.36
CA GLU D 305 32.07 -24.52 -14.39
C GLU D 305 33.10 -25.63 -14.35
N GLY D 306 33.83 -25.77 -13.23
CA GLY D 306 34.92 -26.73 -13.06
C GLY D 306 34.54 -28.20 -13.20
N THR D 307 33.35 -28.65 -12.81
CA THR D 307 33.02 -30.05 -12.94
C THR D 307 31.97 -30.28 -14.03
N TRP D 308 30.92 -29.47 -14.16
CA TRP D 308 29.95 -29.73 -15.23
C TRP D 308 30.41 -29.12 -16.56
N LYS D 309 31.48 -28.32 -16.53
CA LYS D 309 32.06 -27.64 -17.68
C LYS D 309 31.06 -26.73 -18.41
N HIS D 310 30.28 -25.96 -17.63
CA HIS D 310 29.30 -25.04 -18.21
C HIS D 310 29.91 -23.66 -18.22
N GLU D 311 29.82 -22.88 -19.30
CA GLU D 311 30.38 -21.53 -19.34
C GLU D 311 29.30 -20.61 -18.77
N VAL D 312 29.26 -20.43 -17.45
CA VAL D 312 28.21 -19.67 -16.82
C VAL D 312 28.16 -18.23 -17.31
N PRO D 313 27.05 -17.76 -17.90
CA PRO D 313 26.91 -16.44 -18.50
C PRO D 313 27.13 -15.40 -17.44
N LYS D 314 27.82 -14.34 -17.78
CA LYS D 314 28.03 -13.28 -16.82
C LYS D 314 26.74 -12.46 -16.91
N LEU D 315 25.73 -12.75 -16.08
CA LEU D 315 24.48 -12.00 -16.06
C LEU D 315 24.28 -11.45 -14.66
N ASN D 316 23.73 -10.26 -14.50
CA ASN D 316 23.42 -9.70 -13.18
C ASN D 316 22.03 -10.25 -12.83
N ILE D 317 21.62 -10.14 -11.56
CA ILE D 317 20.28 -10.51 -11.12
C ILE D 317 19.24 -9.86 -12.06
N PRO D 318 18.21 -10.53 -12.62
CA PRO D 318 17.27 -9.89 -13.54
C PRO D 318 16.29 -8.96 -12.82
N MET D 319 16.78 -7.81 -12.38
CA MET D 319 16.01 -6.78 -11.72
C MET D 319 16.16 -5.52 -12.55
N GLY D 320 15.09 -4.75 -12.76
CA GLY D 320 15.16 -3.51 -13.50
C GLY D 320 14.96 -3.77 -14.97
N LEU D 321 14.94 -2.73 -15.81
CA LEU D 321 14.69 -2.93 -17.21
C LEU D 321 15.88 -3.56 -17.91
N ASP D 322 17.07 -2.97 -17.78
CA ASP D 322 18.24 -3.46 -18.51
C ASP D 322 18.63 -4.87 -18.13
N TRP D 323 18.66 -5.20 -16.85
CA TRP D 323 19.06 -6.54 -16.48
C TRP D 323 17.96 -7.54 -16.80
N THR D 324 16.68 -7.20 -16.96
CA THR D 324 15.74 -8.21 -17.42
C THR D 324 15.90 -8.40 -18.93
N ASP D 325 16.25 -7.33 -19.67
CA ASP D 325 16.51 -7.44 -21.10
C ASP D 325 17.73 -8.32 -21.37
N GLU D 326 18.87 -8.04 -20.71
CA GLU D 326 20.09 -8.83 -20.83
C GLU D 326 19.80 -10.29 -20.52
N PHE D 327 19.00 -10.56 -19.48
CA PHE D 327 18.63 -11.92 -19.12
C PHE D 327 17.85 -12.60 -20.24
N LEU D 328 16.82 -11.97 -20.79
CA LEU D 328 16.03 -12.63 -21.80
C LEU D 328 16.81 -12.87 -23.07
N MET D 329 17.72 -11.98 -23.44
CA MET D 329 18.49 -12.15 -24.64
C MET D 329 19.52 -13.24 -24.48
N LYS D 330 20.22 -13.35 -23.35
CA LYS D 330 21.16 -14.43 -23.13
C LYS D 330 20.43 -15.75 -23.19
N VAL D 331 19.28 -15.86 -22.53
CA VAL D 331 18.48 -17.05 -22.59
C VAL D 331 18.08 -17.34 -24.03
N SER D 332 17.69 -16.36 -24.84
CA SER D 332 17.38 -16.57 -26.24
C SER D 332 18.53 -17.22 -27.00
N GLU D 333 19.72 -16.64 -26.81
CA GLU D 333 20.96 -17.08 -27.44
C GLU D 333 21.19 -18.55 -27.17
N ILE D 334 21.26 -18.95 -25.90
CA ILE D 334 21.51 -20.34 -25.54
C ILE D 334 20.38 -21.27 -26.03
N SER D 335 19.11 -20.91 -25.88
CA SER D 335 18.02 -21.81 -26.21
C SER D 335 17.64 -21.89 -27.68
N GLY D 336 18.08 -20.88 -28.44
CA GLY D 336 17.67 -20.75 -29.81
C GLY D 336 16.22 -20.28 -29.87
N GLN D 337 15.64 -19.81 -28.77
CA GLN D 337 14.25 -19.38 -28.78
C GLN D 337 14.24 -17.88 -28.97
N PRO D 338 13.33 -17.34 -29.79
CA PRO D 338 13.07 -15.92 -29.85
C PRO D 338 12.33 -15.44 -28.60
N ILE D 339 12.48 -14.15 -28.31
CA ILE D 339 11.76 -13.52 -27.22
C ILE D 339 10.38 -13.25 -27.81
N PRO D 340 9.30 -13.87 -27.29
CA PRO D 340 7.97 -13.79 -27.86
C PRO D 340 7.35 -12.41 -27.75
N ALA D 341 6.41 -12.15 -28.65
CA ALA D 341 5.68 -10.90 -28.67
C ALA D 341 5.04 -10.50 -27.33
N SER D 342 4.64 -11.47 -26.49
CA SER D 342 4.04 -11.18 -25.20
C SER D 342 5.05 -10.56 -24.24
N LEU D 343 6.30 -11.01 -24.27
CA LEU D 343 7.30 -10.43 -23.41
C LEU D 343 7.75 -9.09 -23.96
N THR D 344 7.82 -8.89 -25.29
CA THR D 344 8.15 -7.56 -25.83
C THR D 344 7.09 -6.58 -25.37
N LYS D 345 5.80 -6.92 -25.46
CA LYS D 345 4.72 -6.05 -25.01
C LYS D 345 4.86 -5.69 -23.54
N GLU D 346 5.08 -6.68 -22.66
CA GLU D 346 5.24 -6.47 -21.23
C GLU D 346 6.36 -5.49 -20.91
N ARG D 347 7.47 -5.56 -21.65
CA ARG D 347 8.58 -4.63 -21.48
C ARG D 347 8.11 -3.19 -21.74
N GLY D 348 7.37 -3.04 -22.84
CA GLY D 348 6.83 -1.77 -23.27
C GLY D 348 5.78 -1.25 -22.29
N ARG D 349 5.03 -2.14 -21.62
CA ARG D 349 4.02 -1.69 -20.67
C ARG D 349 4.75 -1.21 -19.44
N LEU D 350 5.85 -1.85 -19.02
CA LEU D 350 6.68 -1.31 -17.95
C LEU D 350 7.26 0.04 -18.36
N VAL D 351 7.75 0.24 -19.59
CA VAL D 351 8.34 1.52 -19.97
C VAL D 351 7.25 2.57 -19.98
N ASP D 352 6.03 2.18 -20.34
CA ASP D 352 4.92 3.10 -20.32
C ASP D 352 4.62 3.59 -18.90
N MET D 353 4.69 2.70 -17.91
CA MET D 353 4.46 3.07 -16.52
C MET D 353 5.55 4.00 -16.06
N MET D 354 6.78 3.76 -16.51
CA MET D 354 7.87 4.66 -16.21
C MET D 354 7.59 6.07 -16.75
N THR D 355 7.09 6.24 -17.98
CA THR D 355 6.82 7.58 -18.51
C THR D 355 5.68 8.24 -17.76
N ASP D 356 4.64 7.52 -17.36
CA ASP D 356 3.54 8.11 -16.63
C ASP D 356 3.89 8.54 -15.21
N SER D 357 4.84 7.84 -14.60
CA SER D 357 5.13 8.14 -13.21
C SER D 357 6.42 8.89 -12.94
N HIS D 358 7.22 9.19 -13.97
CA HIS D 358 8.50 9.83 -13.77
C HIS D 358 8.48 11.16 -13.05
N THR D 359 7.44 12.01 -13.17
CA THR D 359 7.54 13.34 -12.56
C THR D 359 7.45 13.25 -11.07
N TRP D 360 6.78 12.22 -10.52
CA TRP D 360 6.77 12.07 -9.07
C TRP D 360 8.00 11.37 -8.54
N LEU D 361 8.58 10.43 -9.30
CA LEU D 361 9.75 9.69 -8.88
C LEU D 361 11.07 10.45 -9.00
N HIS D 362 11.10 11.46 -9.85
CA HIS D 362 12.33 12.14 -10.19
C HIS D 362 13.05 12.80 -9.05
N GLY D 363 14.24 12.29 -8.78
CA GLY D 363 15.13 12.90 -7.82
C GLY D 363 14.82 12.51 -6.39
N LYS D 364 13.88 11.58 -6.20
CA LYS D 364 13.55 11.12 -4.86
C LYS D 364 14.73 10.35 -4.31
N ARG D 365 15.01 10.63 -3.06
CA ARG D 365 16.17 10.12 -2.35
C ARG D 365 15.82 8.91 -1.48
N PHE D 366 16.61 7.84 -1.60
CA PHE D 366 16.37 6.62 -0.84
C PHE D 366 17.58 6.11 -0.07
N ALA D 367 17.28 5.52 1.07
CA ALA D 367 18.26 4.80 1.89
C ALA D 367 17.73 3.37 1.76
N LEU D 368 18.59 2.37 1.67
CA LEU D 368 18.18 1.02 1.32
C LEU D 368 19.19 -0.02 1.85
N TRP D 369 18.74 -1.24 2.11
CA TRP D 369 19.61 -2.33 2.56
C TRP D 369 19.08 -3.69 2.16
N GLY D 370 19.89 -4.73 2.35
CA GLY D 370 19.48 -6.08 2.07
C GLY D 370 20.69 -6.89 1.63
N ASP D 371 20.40 -7.96 0.91
CA ASP D 371 21.46 -8.84 0.46
C ASP D 371 22.10 -8.27 -0.79
N PRO D 372 23.36 -8.60 -1.12
CA PRO D 372 24.09 -8.02 -2.25
C PRO D 372 23.43 -8.01 -3.63
N ASP D 373 22.91 -9.12 -4.13
CA ASP D 373 22.28 -9.11 -5.44
C ASP D 373 21.01 -8.30 -5.46
N PHE D 374 20.21 -8.38 -4.39
CA PHE D 374 18.98 -7.62 -4.25
C PHE D 374 19.31 -6.12 -4.27
N VAL D 375 20.22 -5.68 -3.40
CA VAL D 375 20.57 -4.28 -3.31
C VAL D 375 21.08 -3.72 -4.63
N MET D 376 22.03 -4.34 -5.33
CA MET D 376 22.47 -3.79 -6.62
C MET D 376 21.37 -3.74 -7.68
N GLY D 377 20.44 -4.69 -7.70
CA GLY D 377 19.32 -4.63 -8.61
C GLY D 377 18.36 -3.50 -8.27
N LEU D 378 18.17 -3.21 -6.98
CA LEU D 378 17.31 -2.13 -6.54
C LEU D 378 17.96 -0.80 -6.88
N VAL D 379 19.28 -0.72 -6.71
CA VAL D 379 20.05 0.45 -7.07
C VAL D 379 19.87 0.69 -8.55
N LYS D 380 20.12 -0.33 -9.37
CA LYS D 380 20.01 -0.22 -10.82
C LYS D 380 18.64 0.29 -11.25
N PHE D 381 17.55 -0.30 -10.74
CA PHE D 381 16.23 0.16 -11.08
C PHE D 381 15.97 1.56 -10.55
N LEU D 382 16.44 1.96 -9.37
CA LEU D 382 16.24 3.32 -8.91
C LEU D 382 16.87 4.34 -9.82
N LEU D 383 18.08 4.04 -10.32
CA LEU D 383 18.73 4.94 -11.24
C LEU D 383 17.94 5.01 -12.54
N GLU D 384 17.37 3.90 -13.02
CA GLU D 384 16.58 3.92 -14.25
C GLU D 384 15.25 4.66 -14.10
N LEU D 385 14.78 4.81 -12.85
CA LEU D 385 13.58 5.56 -12.57
C LEU D 385 13.85 7.06 -12.35
N GLY D 386 15.14 7.43 -12.32
CA GLY D 386 15.54 8.80 -12.10
C GLY D 386 15.57 9.17 -10.63
N CYS D 387 15.74 8.18 -9.76
CA CYS D 387 15.77 8.39 -8.32
C CYS D 387 17.24 8.30 -7.90
N GLU D 388 17.56 8.78 -6.70
CA GLU D 388 18.92 8.73 -6.20
C GLU D 388 19.09 7.75 -5.03
N PRO D 389 19.86 6.68 -5.16
CA PRO D 389 20.13 5.70 -4.11
C PRO D 389 21.15 6.25 -3.14
N VAL D 390 20.84 7.29 -2.36
CA VAL D 390 21.82 7.97 -1.52
C VAL D 390 22.53 7.08 -0.48
N HIS D 391 21.86 6.20 0.26
CA HIS D 391 22.54 5.37 1.25
C HIS D 391 22.26 3.93 0.91
N ILE D 392 23.30 3.22 0.50
CA ILE D 392 23.20 1.84 0.08
C ILE D 392 23.99 1.04 1.12
N LEU D 393 23.33 0.23 1.94
CA LEU D 393 24.02 -0.55 2.94
C LEU D 393 23.83 -2.04 2.65
N CYS D 394 24.90 -2.83 2.76
CA CYS D 394 24.82 -4.27 2.59
C CYS D 394 25.79 -4.81 3.62
N HIS D 395 25.28 -5.24 4.77
CA HIS D 395 26.10 -5.71 5.87
C HIS D 395 26.96 -6.89 5.42
N ASN D 396 26.45 -7.77 4.59
CA ASN D 396 27.19 -8.94 4.18
C ASN D 396 27.73 -8.82 2.77
N GLY D 397 27.98 -7.60 2.32
CA GLY D 397 28.57 -7.37 1.00
C GLY D 397 30.10 -7.38 1.14
N ASN D 398 30.79 -7.59 0.04
CA ASN D 398 32.24 -7.63 0.10
C ASN D 398 32.84 -6.56 -0.80
N LYS D 399 34.14 -6.32 -0.59
CA LYS D 399 34.89 -5.34 -1.37
C LYS D 399 34.74 -5.38 -2.87
N ARG D 400 34.68 -6.55 -3.52
CA ARG D 400 34.53 -6.61 -4.97
C ARG D 400 33.14 -6.18 -5.41
N TRP D 401 32.15 -6.52 -4.58
CA TRP D 401 30.77 -6.12 -4.81
C TRP D 401 30.69 -4.59 -4.68
N LYS D 402 31.26 -4.00 -3.64
CA LYS D 402 31.20 -2.55 -3.48
C LYS D 402 31.80 -1.86 -4.69
N LYS D 403 32.86 -2.39 -5.28
CA LYS D 403 33.40 -1.84 -6.52
C LYS D 403 32.39 -1.92 -7.64
N ALA D 404 31.78 -3.10 -7.87
CA ALA D 404 30.80 -3.29 -8.93
C ALA D 404 29.65 -2.28 -8.84
N VAL D 405 29.15 -2.04 -7.64
CA VAL D 405 28.04 -1.13 -7.44
C VAL D 405 28.52 0.30 -7.63
N ASP D 406 29.72 0.65 -7.14
CA ASP D 406 30.21 2.01 -7.34
C ASP D 406 30.33 2.28 -8.83
N ALA D 407 30.64 1.28 -9.64
CA ALA D 407 30.71 1.43 -11.08
C ALA D 407 29.34 1.61 -11.71
N ILE D 408 28.30 1.04 -11.10
CA ILE D 408 26.93 1.23 -11.59
C ILE D 408 26.53 2.67 -11.30
N LEU D 409 26.87 3.15 -10.10
CA LEU D 409 26.57 4.51 -9.69
C LEU D 409 27.25 5.55 -10.56
N ALA D 410 28.55 5.30 -10.82
CA ALA D 410 29.43 6.12 -11.64
C ALA D 410 28.92 6.41 -13.04
N ALA D 411 28.19 5.44 -13.59
CA ALA D 411 27.59 5.55 -14.91
C ALA D 411 26.28 6.33 -14.93
N SER D 412 25.85 7.01 -13.86
CA SER D 412 24.60 7.74 -13.90
C SER D 412 24.71 9.03 -13.13
N PRO D 413 24.15 10.16 -13.64
CA PRO D 413 24.04 11.43 -12.92
C PRO D 413 23.27 11.26 -11.62
N TYR D 414 22.40 10.25 -11.60
CA TYR D 414 21.61 9.95 -10.40
C TYR D 414 22.43 9.20 -9.34
N GLY D 415 23.60 8.65 -9.66
CA GLY D 415 24.43 7.98 -8.67
C GLY D 415 25.38 8.94 -7.95
N LYS D 416 25.50 10.19 -8.41
CA LYS D 416 26.44 11.17 -7.87
C LYS D 416 26.46 11.42 -6.36
N ASN D 417 25.35 11.26 -5.64
CA ASN D 417 25.34 11.55 -4.22
C ASN D 417 25.19 10.28 -3.39
N ALA D 418 25.45 9.12 -3.99
CA ALA D 418 25.27 7.83 -3.35
C ALA D 418 26.55 7.22 -2.79
N THR D 419 26.49 6.56 -1.65
CA THR D 419 27.66 5.91 -1.09
C THR D 419 27.25 4.49 -0.69
N VAL D 420 28.08 3.50 -0.99
CA VAL D 420 27.83 2.11 -0.65
C VAL D 420 28.59 1.75 0.63
N TYR D 421 27.94 1.06 1.56
CA TYR D 421 28.52 0.69 2.82
C TYR D 421 28.45 -0.81 2.97
N ILE D 422 29.61 -1.46 3.09
CA ILE D 422 29.63 -2.88 3.34
C ILE D 422 30.09 -3.07 4.77
N GLY D 423 29.70 -4.16 5.42
CA GLY D 423 30.10 -4.40 6.80
C GLY D 423 29.42 -3.46 7.79
N LYS D 424 28.50 -2.60 7.37
CA LYS D 424 27.80 -1.70 8.28
C LYS D 424 26.40 -2.24 8.65
N ASP D 425 25.82 -1.80 9.76
CA ASP D 425 24.55 -2.34 10.20
C ASP D 425 23.47 -1.27 10.29
N LEU D 426 22.27 -1.60 10.78
CA LEU D 426 21.19 -0.64 10.79
C LEU D 426 21.30 0.46 11.86
N TRP D 427 22.15 0.36 12.87
CA TRP D 427 22.32 1.50 13.77
C TRP D 427 23.25 2.55 13.10
N HIS D 428 24.09 2.07 12.18
CA HIS D 428 24.92 2.96 11.37
C HIS D 428 23.94 3.69 10.44
N LEU D 429 23.03 2.96 9.80
CA LEU D 429 22.06 3.56 8.90
C LEU D 429 21.14 4.55 9.58
N ARG D 430 20.75 4.31 10.84
CA ARG D 430 19.96 5.23 11.65
C ARG D 430 20.61 6.61 11.65
N SER D 431 21.92 6.69 11.92
CA SER D 431 22.62 7.96 11.82
C SER D 431 22.58 8.54 10.42
N LEU D 432 22.87 7.80 9.36
CA LEU D 432 22.83 8.36 8.01
C LEU D 432 21.50 8.95 7.59
N VAL D 433 20.36 8.45 8.09
CA VAL D 433 19.10 9.03 7.69
C VAL D 433 18.79 10.24 8.57
N PHE D 434 19.58 10.47 9.63
CA PHE D 434 19.43 11.67 10.43
C PHE D 434 20.25 12.81 9.87
N THR D 435 21.51 12.52 9.55
CA THR D 435 22.40 13.57 9.10
C THR D 435 22.32 13.85 7.61
N ASP D 436 21.84 12.91 6.81
CA ASP D 436 21.68 13.15 5.39
C ASP D 436 20.35 12.50 5.04
N LYS D 437 19.31 13.17 5.54
CA LYS D 437 17.95 12.68 5.45
C LYS D 437 17.51 12.37 4.02
N PRO D 438 17.15 11.13 3.71
CA PRO D 438 16.54 10.80 2.45
C PRO D 438 15.02 10.98 2.55
N ASP D 439 14.28 10.70 1.50
CA ASP D 439 12.83 10.80 1.57
C ASP D 439 12.24 9.50 2.10
N PHE D 440 12.77 8.33 1.70
CA PHE D 440 12.27 7.03 2.11
C PHE D 440 13.37 6.00 2.35
N MET D 441 13.08 4.96 3.13
CA MET D 441 13.99 3.84 3.28
C MET D 441 13.30 2.70 2.55
N ILE D 442 14.02 1.84 1.86
CA ILE D 442 13.43 0.66 1.28
C ILE D 442 14.16 -0.41 2.07
N GLY D 443 13.40 -1.20 2.84
CA GLY D 443 14.02 -2.17 3.71
C GLY D 443 13.05 -3.18 4.27
N ASN D 444 13.58 -4.02 5.14
CA ASN D 444 12.80 -5.08 5.78
C ASN D 444 12.19 -4.53 7.07
N SER D 445 11.42 -5.31 7.83
CA SER D 445 10.74 -4.77 9.00
C SER D 445 11.61 -4.21 10.11
N TYR D 446 12.91 -4.50 10.23
CA TYR D 446 13.73 -3.90 11.27
C TYR D 446 13.84 -2.40 11.04
N GLY D 447 13.59 -1.92 9.81
CA GLY D 447 13.59 -0.50 9.51
C GLY D 447 12.49 0.26 10.24
N LYS D 448 11.42 -0.38 10.76
CA LYS D 448 10.37 0.36 11.46
C LYS D 448 10.89 1.08 12.69
N PHE D 449 11.93 0.53 13.32
CA PHE D 449 12.49 1.16 14.50
C PHE D 449 13.25 2.44 14.12
N ILE D 450 13.81 2.51 12.92
CA ILE D 450 14.48 3.71 12.45
C ILE D 450 13.42 4.77 12.14
N GLN D 451 12.33 4.41 11.46
CA GLN D 451 11.25 5.35 11.20
C GLN D 451 10.69 5.93 12.50
N ARG D 452 10.51 5.12 13.55
CA ARG D 452 10.00 5.60 14.83
C ARG D 452 10.99 6.61 15.42
N ASP D 453 12.29 6.34 15.34
CA ASP D 453 13.30 7.29 15.81
C ASP D 453 13.30 8.59 15.04
N THR D 454 13.28 8.59 13.71
CA THR D 454 13.24 9.81 12.93
C THR D 454 11.98 10.61 13.25
N LEU D 455 10.81 9.93 13.41
CA LEU D 455 9.57 10.60 13.78
C LEU D 455 9.70 11.30 15.12
N HIS D 456 10.38 10.68 16.09
CA HIS D 456 10.54 11.27 17.40
C HIS D 456 11.27 12.60 17.35
N LYS D 457 12.23 12.75 16.44
CA LYS D 457 12.96 13.99 16.28
C LYS D 457 11.98 15.05 15.75
N GLY D 458 10.93 14.66 15.04
CA GLY D 458 9.97 15.61 14.54
C GLY D 458 9.38 15.07 13.27
N LYS D 459 8.13 15.46 12.99
CA LYS D 459 7.41 15.02 11.82
C LYS D 459 8.16 15.31 10.53
N GLU D 460 8.79 16.48 10.40
CA GLU D 460 9.50 16.78 9.17
C GLU D 460 10.84 16.08 9.04
N PHE D 461 11.20 15.26 10.02
CA PHE D 461 12.45 14.51 9.93
C PHE D 461 12.15 13.03 9.72
N GLU D 462 10.89 12.63 9.75
CA GLU D 462 10.51 11.24 9.62
C GLU D 462 10.78 10.74 8.22
N VAL D 463 11.44 9.58 8.16
CA VAL D 463 11.77 8.94 6.90
C VAL D 463 10.85 7.73 6.89
N PRO D 464 9.84 7.59 6.02
CA PRO D 464 8.97 6.43 5.96
C PRO D 464 9.68 5.19 5.43
N LEU D 465 9.34 4.01 5.94
CA LEU D 465 9.89 2.76 5.47
C LEU D 465 8.98 2.21 4.39
N ILE D 466 9.56 1.69 3.31
CA ILE D 466 8.84 1.03 2.22
C ILE D 466 9.38 -0.38 2.37
N ARG D 467 8.50 -1.31 2.71
CA ARG D 467 8.92 -2.68 2.99
C ARG D 467 9.22 -3.57 1.77
N ILE D 468 10.50 -3.75 1.41
CA ILE D 468 10.90 -4.65 0.34
C ILE D 468 12.15 -5.33 0.86
N GLY D 469 12.16 -6.66 0.97
CA GLY D 469 13.30 -7.39 1.45
C GLY D 469 12.88 -8.58 2.32
N PHE D 470 13.77 -8.96 3.22
CA PHE D 470 13.56 -10.11 4.09
C PHE D 470 14.23 -9.78 5.41
N PRO D 471 13.65 -10.03 6.58
CA PRO D 471 12.27 -10.48 6.75
C PRO D 471 11.21 -9.39 6.85
N ILE D 472 10.02 -9.66 6.34
CA ILE D 472 8.89 -8.76 6.54
C ILE D 472 7.91 -9.52 7.44
N PHE D 473 7.85 -9.05 8.67
CA PHE D 473 7.07 -9.67 9.72
C PHE D 473 5.85 -8.90 10.14
N ASP D 474 5.81 -7.60 9.96
CA ASP D 474 4.70 -6.78 10.43
C ASP D 474 3.65 -6.36 9.43
N ARG D 475 3.63 -7.00 8.27
CA ARG D 475 2.62 -6.83 7.23
C ARG D 475 2.33 -8.26 6.81
N HIS D 476 1.22 -8.49 6.13
CA HIS D 476 0.81 -9.83 5.81
C HIS D 476 0.85 -10.08 4.31
N HIS D 477 1.43 -11.21 3.89
CA HIS D 477 1.38 -11.73 2.52
C HIS D 477 2.20 -10.99 1.51
N LEU D 478 3.12 -10.14 1.94
CA LEU D 478 4.01 -9.51 1.00
C LEU D 478 5.02 -10.50 0.46
N HIS D 479 5.22 -11.65 1.11
CA HIS D 479 6.07 -12.71 0.57
C HIS D 479 5.56 -13.24 -0.78
N ARG D 480 4.32 -12.92 -1.14
CA ARG D 480 3.72 -13.33 -2.42
C ARG D 480 4.12 -12.45 -3.61
N SER D 481 4.71 -11.29 -3.34
CA SER D 481 5.13 -10.32 -4.33
C SER D 481 6.25 -10.80 -5.25
N THR D 482 6.58 -9.94 -6.22
CA THR D 482 7.61 -10.16 -7.20
C THR D 482 8.52 -8.95 -7.21
N THR D 483 9.84 -9.17 -7.24
CA THR D 483 10.80 -8.09 -7.43
C THR D 483 11.63 -8.33 -8.69
N LEU D 484 11.58 -9.50 -9.34
CA LEU D 484 12.38 -9.78 -10.53
C LEU D 484 11.59 -9.59 -11.82
N GLY D 485 12.29 -9.36 -12.93
CA GLY D 485 11.64 -9.25 -14.23
C GLY D 485 10.86 -7.96 -14.42
N TYR D 486 10.07 -7.89 -15.50
CA TYR D 486 9.27 -6.72 -15.80
C TYR D 486 8.15 -6.62 -14.79
N GLU D 487 7.64 -7.79 -14.41
CA GLU D 487 6.58 -7.89 -13.42
C GLU D 487 7.06 -7.32 -12.08
N GLY D 488 8.25 -7.70 -11.63
CA GLY D 488 8.77 -7.21 -10.38
C GLY D 488 9.06 -5.73 -10.41
N ALA D 489 9.51 -5.29 -11.58
CA ALA D 489 9.77 -3.88 -11.81
C ALA D 489 8.47 -3.08 -11.74
N MET D 490 7.40 -3.59 -12.34
CA MET D 490 6.09 -2.95 -12.30
C MET D 490 5.60 -2.84 -10.87
N GLN D 491 5.72 -3.92 -10.07
CA GLN D 491 5.34 -3.85 -8.67
C GLN D 491 6.18 -2.87 -7.87
N ILE D 492 7.52 -2.82 -8.00
CA ILE D 492 8.32 -1.90 -7.22
C ILE D 492 8.00 -0.46 -7.60
N LEU D 493 7.93 -0.16 -8.91
CA LEU D 493 7.57 1.16 -9.42
C LEU D 493 6.22 1.56 -8.83
N THR D 494 5.19 0.70 -8.83
CA THR D 494 3.92 1.13 -8.24
C THR D 494 4.07 1.38 -6.73
N THR D 495 4.75 0.53 -5.94
CA THR D 495 4.93 0.78 -4.52
C THR D 495 5.66 2.09 -4.25
N LEU D 496 6.70 2.41 -5.02
CA LEU D 496 7.44 3.65 -4.82
C LEU D 496 6.60 4.89 -5.14
N VAL D 497 5.97 4.98 -6.33
CA VAL D 497 5.18 6.16 -6.72
C VAL D 497 4.09 6.36 -5.69
N ASN D 498 3.43 5.26 -5.35
CA ASN D 498 2.34 5.37 -4.42
C ASN D 498 2.75 5.66 -3.01
N SER D 499 3.92 5.24 -2.54
CA SER D 499 4.36 5.64 -1.20
C SER D 499 4.66 7.13 -1.18
N ILE D 500 5.24 7.68 -2.26
CA ILE D 500 5.49 9.10 -2.44
C ILE D 500 4.15 9.83 -2.36
N LEU D 501 3.14 9.45 -3.15
CA LEU D 501 1.84 10.10 -3.14
C LEU D 501 1.05 9.92 -1.85
N GLU D 502 1.17 8.82 -1.13
CA GLU D 502 0.48 8.71 0.15
C GLU D 502 1.13 9.66 1.15
N ARG D 503 2.46 9.77 1.12
CA ARG D 503 3.16 10.71 1.97
C ARG D 503 2.71 12.13 1.64
N LEU D 504 2.62 12.50 0.37
CA LEU D 504 2.15 13.83 -0.01
C LEU D 504 0.72 14.08 0.50
N ASP D 505 -0.20 13.11 0.37
CA ASP D 505 -1.54 13.33 0.88
C ASP D 505 -1.62 13.49 2.36
N GLU D 506 -0.81 12.79 3.17
CA GLU D 506 -0.88 13.03 4.61
C GLU D 506 -0.33 14.41 4.90
N GLU D 507 0.70 14.87 4.21
CA GLU D 507 1.23 16.22 4.42
C GLU D 507 0.30 17.32 3.94
N THR D 508 -0.60 17.10 2.98
CA THR D 508 -1.53 18.14 2.58
C THR D 508 -2.94 17.90 3.10
N ARG D 509 -3.12 17.12 4.16
CA ARG D 509 -4.45 16.88 4.69
C ARG D 509 -4.84 17.87 5.78
N GLY D 510 -4.11 18.99 5.89
CA GLY D 510 -4.40 19.99 6.91
C GLY D 510 -5.40 21.02 6.40
N MET D 511 -6.65 20.96 6.86
CA MET D 511 -7.70 21.93 6.54
C MET D 511 -7.27 23.38 6.66
N GLN D 512 -7.38 24.15 5.58
CA GLN D 512 -6.97 25.55 5.47
C GLN D 512 -5.51 25.81 5.83
N ALA D 513 -4.69 24.78 5.88
CA ALA D 513 -3.30 24.97 6.20
C ALA D 513 -2.45 24.46 5.04
N THR D 514 -2.56 23.17 4.72
CA THR D 514 -1.79 22.58 3.63
C THR D 514 -2.67 22.01 2.53
N ASP D 515 -3.97 21.83 2.80
CA ASP D 515 -4.85 21.21 1.82
C ASP D 515 -5.18 22.00 0.55
N TYR D 516 -4.48 23.12 0.32
CA TYR D 516 -4.58 23.80 -0.97
C TYR D 516 -3.96 22.89 -2.02
N ASN D 517 -3.00 22.03 -1.63
CA ASN D 517 -2.37 21.09 -2.55
C ASN D 517 -2.83 19.68 -2.27
N HIS D 518 -4.09 19.43 -1.94
CA HIS D 518 -4.53 18.09 -1.61
C HIS D 518 -5.33 17.74 -2.86
N ASP D 519 -4.67 17.56 -3.98
CA ASP D 519 -5.32 17.41 -5.26
C ASP D 519 -6.05 16.10 -5.46
N LEU D 520 -7.19 16.14 -6.13
CA LEU D 520 -7.90 14.92 -6.51
C LEU D 520 -7.11 14.13 -7.54
N VAL D 521 -6.45 14.84 -8.44
CA VAL D 521 -5.76 14.21 -9.56
C VAL D 521 -4.28 14.44 -9.37
N ARG D 522 -3.50 13.36 -9.46
CA ARG D 522 -2.04 13.40 -9.38
C ARG D 522 -1.44 12.46 -10.43
C1 HCA E . -11.35 22.99 -19.79
C2 HCA E . -10.33 22.88 -18.66
C3 HCA E . -8.84 22.64 -18.94
C4 HCA E . -8.76 21.25 -19.60
C5 HCA E . -7.92 20.09 -19.09
C6 HCA E . -6.83 19.66 -20.04
C7 HCA E . -7.99 22.80 -17.79
O1 HCA E . -10.97 23.13 -21.02
O2 HCA E . -12.54 22.53 -19.60
O3 HCA E . -5.82 19.08 -19.59
O4 HCA E . -7.12 19.40 -21.25
O5 HCA E . -7.00 23.78 -17.96
O6 HCA E . -8.19 22.23 -16.72
O7 HCA E . -8.40 23.63 -19.85
FE1 CFM F . -7.13 31.89 -19.83
FE2 CFM F . -8.50 29.66 -20.28
FE3 CFM F . -6.74 29.83 -18.38
FE4 CFM F . -5.98 29.80 -20.84
FE5 CFM F . -5.96 27.20 -20.70
FE6 CFM F . -8.42 27.19 -20.08
FE7 CFM F . -6.79 27.27 -18.26
MO1 CFM F . -7.01 25.02 -19.57
S1A CFM F . -7.63 30.82 -21.81
S4A CFM F . -5.12 31.07 -19.24
S3A CFM F . -4.75 28.36 -22.01
S2A CFM F . -8.60 31.05 -18.46
S1B CFM F . -7.52 25.87 -21.55
S2B CFM F . -10.20 28.36 -20.63
S3B CFM F . -8.62 26.03 -18.27
S4B CFM F . -5.15 26.09 -18.98
S5 CFM F . -6.33 28.71 -16.66
CA CA G . -0.24 -19.52 5.36
FE1 CLF H . -21.83 18.34 -22.36
FE2 CLF H . -23.60 20.01 -22.40
FE3 CLF H . -21.09 20.85 -21.68
FE4 CLF H . -22.54 19.43 -20.16
S1 CLF H . -23.77 17.95 -21.28
S2A CLF H . -21.77 20.07 -23.66
S4A CLF H . -23.10 21.42 -20.79
S3A CLF H . -20.43 18.92 -20.62
FE5 CLF H . -23.31 16.57 -19.33
FE6 CLF H . -25.37 15.63 -20.55
FE7 CLF H . -23.59 13.98 -19.63
FE8 CLF H . -23.05 15.64 -21.57
S2B CLF H . -24.80 15.25 -18.39
S3B CLF H . -24.55 13.93 -21.69
S4B CLF H . -21.64 15.33 -19.79
C1 HCA I . 11.52 -19.14 23.26
C2 HCA I . 10.50 -18.04 23.23
C3 HCA I . 8.99 -18.34 22.97
C4 HCA I . 8.77 -18.88 21.49
C5 HCA I . 7.34 -18.67 21.01
C6 HCA I . 6.85 -19.55 19.90
C7 HCA I . 8.21 -17.15 23.20
O1 HCA I . 12.54 -19.09 22.47
O2 HCA I . 11.24 -20.27 23.78
O3 HCA I . 5.75 -19.28 19.42
O4 HCA I . 7.19 -20.74 19.82
O5 HCA I . 7.21 -17.32 24.14
O6 HCA I . 8.44 -16.05 22.60
O7 HCA I . 8.56 -19.34 23.91
FE1 CFM J . 7.41 -19.11 32.34
FE2 CFM J . 8.75 -19.53 30.14
FE3 CFM J . 6.99 -17.67 30.18
FE4 CFM J . 6.15 -20.07 30.14
FE5 CFM J . 6.09 -20.00 27.65
FE6 CFM J . 8.62 -19.41 27.59
FE7 CFM J . 6.94 -17.61 27.70
MO1 CFM J . 7.22 -18.94 25.41
S1A CFM J . 7.75 -21.14 31.28
S4A CFM J . 5.38 -18.53 31.53
S3A CFM J . 4.87 -21.29 28.87
S2A CFM J . 8.85 -17.74 31.49
S1B CFM J . 7.71 -20.88 26.39
S2B CFM J . 10.46 -19.81 28.72
S3B CFM J . 8.62 -17.63 26.38
S4B CFM J . 5.28 -18.25 26.53
S5 CFM J . 6.73 -15.94 28.89
CA CA K . -0.12 4.72 -19.43
FE1 CLF L . 21.80 -22.14 18.58
FE2 CLF L . 23.58 -22.21 20.21
FE3 CLF L . 21.06 -21.48 21.08
FE4 CLF L . 22.57 -19.96 19.55
S1 CLF L . 23.90 -21.19 17.95
S2A CLF L . 21.76 -23.45 20.34
S4A CLF L . 23.14 -20.45 21.64
S3A CLF L . 20.43 -20.53 19.18
FE5 CLF L . 23.31 -19.25 16.74
FE6 CLF L . 25.28 -20.58 15.83
FE7 CLF L . 23.44 -19.66 14.08
FE8 CLF L . 22.98 -21.54 15.86
S2B CLF L . 24.92 -18.39 15.30
S3B CLF L . 24.33 -21.73 14.04
S4B CLF L . 21.56 -19.74 15.41
#